data_6G42
#
_entry.id   6G42
#
_cell.length_a   95.240
_cell.length_b   131.100
_cell.length_c   154.210
_cell.angle_alpha   90.000
_cell.angle_beta   90.000
_cell.angle_gamma   90.000
#
_symmetry.space_group_name_H-M   'P 21 21 21'
#
loop_
_entity.id
_entity.type
_entity.pdbx_description
1 polymer 'Minor capsid protein'
2 water water
#
_entity_poly.entity_id   1
_entity_poly.type   'polypeptide(L)'
_entity_poly.pdbx_seq_one_letter_code
;GAMGMKQYIWLNETIKSNKQLAGPRGSYKRPVSVDIFRSSTILDPDKNYLLIVEEFHLHKIRLPLFKPAGHDYQVGIFNR
STDEIMGVREVDFSTFVDEDGYMYDYVDVGTAINETLAGLCDGIIGEEDIPVFSFNKHSKKFEITTTENFRNGHFIMFND
DMRVDFNSFEFDDIDEEYSLVILNEDVETQDASTLEFLTPISHIVIESNDLPVSYELLPSISKNTTISDNTGVFLTNYKY
LQQNNQDYNSILFRVENSSNKYHNILQTNFNRFNLSFTIYDYDNEKHPLTLLPQTVIQLKLLFESID
;
_entity_poly.pdbx_strand_id   A,B,C,D,E
#
# COMPACT_ATOMS: atom_id res chain seq x y z
N LYS A 6 -26.34 -7.26 23.27
CA LYS A 6 -25.74 -7.59 21.94
C LYS A 6 -24.82 -8.80 22.01
N GLN A 7 -25.18 -9.83 21.25
CA GLN A 7 -24.53 -11.12 21.31
C GLN A 7 -23.64 -11.33 20.08
N TYR A 8 -22.44 -11.89 20.32
CA TYR A 8 -21.52 -12.31 19.27
C TYR A 8 -21.35 -13.83 19.37
N ILE A 9 -21.88 -14.55 18.39
CA ILE A 9 -21.70 -16.00 18.28
C ILE A 9 -20.77 -16.30 17.10
N TRP A 10 -19.59 -16.84 17.40
CA TRP A 10 -18.58 -17.18 16.39
C TRP A 10 -18.58 -18.67 16.11
N LEU A 11 -18.59 -19.01 14.82
CA LEU A 11 -18.52 -20.40 14.38
C LEU A 11 -17.31 -20.55 13.47
N ASN A 12 -16.39 -21.43 13.87
CA ASN A 12 -15.23 -21.81 13.05
C ASN A 12 -15.52 -23.10 12.29
N GLU A 13 -14.80 -23.31 11.19
CA GLU A 13 -14.92 -24.52 10.39
C GLU A 13 -13.67 -24.73 9.53
N THR A 14 -13.31 -25.99 9.30
CA THR A 14 -12.12 -26.36 8.51
C THR A 14 -12.31 -27.61 7.66
N ILE A 15 -11.51 -27.72 6.60
CA ILE A 15 -11.43 -28.93 5.74
C ILE A 15 -9.96 -29.25 5.49
N LYS A 16 -9.49 -30.34 6.09
CA LYS A 16 -8.13 -30.83 5.91
C LYS A 16 -8.13 -31.98 4.88
N SER A 17 -7.72 -31.68 3.66
CA SER A 17 -7.75 -32.64 2.56
C SER A 17 -6.61 -33.67 2.64
N ASN A 18 -6.62 -34.61 1.70
CA ASN A 18 -5.55 -35.63 1.52
C ASN A 18 -5.76 -36.36 0.19
N LYS A 19 -4.86 -37.26 -0.19
CA LYS A 19 -4.96 -37.99 -1.47
C LYS A 19 -6.23 -38.82 -1.61
N GLN A 20 -6.68 -39.42 -0.52
CA GLN A 20 -7.81 -40.33 -0.57
C GLN A 20 -9.17 -39.61 -0.74
N LEU A 21 -9.28 -38.43 -0.14
CA LEU A 21 -10.47 -37.59 -0.31
C LEU A 21 -10.54 -36.94 -1.69
N ALA A 22 -9.41 -36.40 -2.15
CA ALA A 22 -9.36 -35.60 -3.38
C ALA A 22 -9.00 -36.39 -4.65
N GLY A 23 -8.25 -37.47 -4.50
CA GLY A 23 -7.69 -38.22 -5.62
C GLY A 23 -6.40 -37.60 -6.12
N PRO A 24 -5.60 -38.36 -6.92
CA PRO A 24 -4.33 -37.82 -7.45
C PRO A 24 -4.53 -36.58 -8.32
N ARG A 25 -3.80 -35.52 -8.00
CA ARG A 25 -3.98 -34.18 -8.62
C ARG A 25 -5.41 -33.65 -8.56
N GLY A 26 -6.17 -34.07 -7.56
CA GLY A 26 -7.59 -33.76 -7.47
C GLY A 26 -8.47 -34.44 -8.49
N SER A 27 -8.08 -35.64 -8.94
CA SER A 27 -8.82 -36.44 -9.94
C SER A 27 -10.33 -36.55 -9.69
N TYR A 28 -10.70 -36.71 -8.43
CA TYR A 28 -12.09 -36.94 -8.04
C TYR A 28 -12.99 -35.70 -8.11
N LYS A 29 -12.43 -34.51 -8.31
CA LYS A 29 -13.22 -33.26 -8.46
C LYS A 29 -14.24 -33.09 -7.32
N ARG A 30 -13.81 -33.37 -6.10
CA ARG A 30 -14.68 -33.32 -4.93
C ARG A 30 -14.92 -31.87 -4.51
N PRO A 31 -16.20 -31.43 -4.48
CA PRO A 31 -16.44 -30.02 -4.15
C PRO A 31 -16.08 -29.64 -2.72
N VAL A 32 -15.63 -28.40 -2.55
CA VAL A 32 -15.34 -27.84 -1.25
C VAL A 32 -16.68 -27.55 -0.56
N SER A 33 -17.01 -28.39 0.41
CA SER A 33 -18.29 -28.35 1.09
C SER A 33 -18.13 -28.84 2.54
N VAL A 34 -18.80 -28.18 3.47
CA VAL A 34 -18.80 -28.58 4.89
C VAL A 34 -20.22 -28.63 5.43
N ASP A 35 -20.47 -29.62 6.29
CA ASP A 35 -21.70 -29.71 7.07
C ASP A 35 -21.42 -29.29 8.51
N ILE A 36 -22.13 -28.26 8.95
CA ILE A 36 -22.17 -27.90 10.36
C ILE A 36 -23.31 -28.70 10.98
N PHE A 37 -23.06 -29.30 12.14
CA PHE A 37 -24.08 -30.11 12.82
C PHE A 37 -23.76 -30.10 14.32
N ARG A 38 -24.64 -29.47 15.09
CA ARG A 38 -24.43 -29.30 16.54
C ARG A 38 -25.57 -29.90 17.38
N SER A 39 -25.23 -30.30 18.60
CA SER A 39 -26.16 -31.04 19.50
C SER A 39 -27.40 -30.23 19.84
N SER A 40 -27.17 -29.01 20.31
CA SER A 40 -28.23 -28.07 20.64
C SER A 40 -28.30 -27.00 19.56
N THR A 41 -29.33 -26.16 19.64
CA THR A 41 -29.51 -25.06 18.70
C THR A 41 -28.40 -24.01 18.85
N ILE A 42 -27.99 -23.44 17.73
CA ILE A 42 -26.88 -22.51 17.66
C ILE A 42 -27.27 -21.15 18.22
N LEU A 43 -28.39 -20.62 17.73
CA LEU A 43 -28.88 -19.29 18.09
C LEU A 43 -29.96 -19.32 19.19
N ASP A 44 -30.10 -18.19 19.88
CA ASP A 44 -31.12 -17.99 20.91
C ASP A 44 -32.48 -17.75 20.23
N PRO A 45 -33.55 -18.47 20.67
CA PRO A 45 -34.85 -18.29 19.98
C PRO A 45 -35.47 -16.88 20.06
N ASP A 46 -35.38 -16.24 21.22
CA ASP A 46 -36.01 -14.91 21.39
C ASP A 46 -35.31 -13.74 20.65
N LYS A 47 -34.02 -13.90 20.31
CA LYS A 47 -33.27 -12.83 19.62
C LYS A 47 -33.35 -12.93 18.10
N ASN A 48 -32.96 -11.84 17.43
CA ASN A 48 -32.84 -11.78 15.98
C ASN A 48 -31.38 -11.55 15.58
N TYR A 49 -30.98 -12.09 14.43
CA TYR A 49 -29.57 -12.15 14.05
C TYR A 49 -29.26 -11.71 12.62
N LEU A 50 -28.05 -11.16 12.46
CA LEU A 50 -27.42 -10.96 11.16
C LEU A 50 -26.32 -12.00 11.01
N LEU A 51 -26.03 -12.40 9.76
CA LEU A 51 -24.88 -13.25 9.44
C LEU A 51 -23.86 -12.51 8.57
N ILE A 52 -22.59 -12.51 9.01
CA ILE A 52 -21.46 -12.06 8.19
C ILE A 52 -20.33 -13.10 8.21
N VAL A 53 -19.72 -13.31 7.05
CA VAL A 53 -18.53 -14.17 6.93
C VAL A 53 -17.31 -13.32 7.27
N GLU A 54 -16.66 -13.61 8.40
CA GLU A 54 -15.55 -12.79 8.91
C GLU A 54 -14.23 -13.04 8.17
N GLU A 55 -13.93 -14.31 7.89
CA GLU A 55 -12.77 -14.66 7.10
C GLU A 55 -12.84 -16.07 6.54
N PHE A 56 -12.13 -16.28 5.43
CA PHE A 56 -11.80 -17.62 4.99
C PHE A 56 -10.39 -17.64 4.42
N HIS A 57 -9.86 -18.85 4.27
CA HIS A 57 -8.56 -19.06 3.65
C HIS A 57 -8.66 -20.31 2.78
N LEU A 58 -8.48 -20.14 1.48
CA LEU A 58 -8.45 -21.24 0.51
C LEU A 58 -6.99 -21.49 0.19
N HIS A 59 -6.38 -22.37 0.97
CA HIS A 59 -4.94 -22.59 0.95
C HIS A 59 -4.56 -23.80 0.09
N LYS A 60 -3.83 -23.54 -0.99
CA LYS A 60 -3.43 -24.55 -1.99
C LYS A 60 -4.64 -25.10 -2.76
N ILE A 61 -5.13 -24.28 -3.70
CA ILE A 61 -6.13 -24.68 -4.69
C ILE A 61 -5.58 -24.41 -6.09
N ARG A 62 -6.27 -24.93 -7.10
CA ARG A 62 -5.92 -24.70 -8.49
C ARG A 62 -7.08 -24.06 -9.23
N LEU A 63 -6.83 -22.90 -9.84
CA LEU A 63 -7.82 -22.18 -10.62
C LEU A 63 -7.38 -22.05 -12.08
N PRO A 64 -8.34 -22.01 -13.02
CA PRO A 64 -8.00 -21.76 -14.42
C PRO A 64 -7.66 -20.30 -14.72
N LEU A 65 -6.79 -20.11 -15.71
CA LEU A 65 -6.34 -18.79 -16.18
C LEU A 65 -7.00 -18.31 -17.48
N PHE A 66 -7.54 -19.24 -18.25
CA PHE A 66 -8.13 -18.90 -19.56
C PHE A 66 -9.25 -19.87 -19.91
N LYS A 67 -10.22 -19.38 -20.68
CA LYS A 67 -11.40 -20.16 -21.09
C LYS A 67 -11.73 -19.80 -22.55
N PRO A 68 -11.21 -20.59 -23.52
CA PRO A 68 -11.38 -20.33 -24.95
C PRO A 68 -12.81 -20.17 -25.52
N ALA A 69 -13.79 -20.85 -24.94
CA ALA A 69 -15.20 -20.76 -25.42
C ALA A 69 -15.79 -19.34 -25.38
N GLY A 70 -15.36 -18.52 -24.43
CA GLY A 70 -15.80 -17.13 -24.33
C GLY A 70 -15.29 -16.22 -25.44
N HIS A 71 -14.12 -16.54 -25.99
CA HIS A 71 -13.44 -15.69 -26.98
C HIS A 71 -13.54 -16.25 -28.40
N ASP A 72 -13.58 -15.35 -29.38
CA ASP A 72 -13.44 -15.68 -30.81
C ASP A 72 -12.25 -14.92 -31.38
N TYR A 73 -11.07 -15.50 -31.21
CA TYR A 73 -9.82 -14.88 -31.66
C TYR A 73 -9.52 -15.22 -33.11
N GLN A 74 -9.04 -14.23 -33.86
CA GLN A 74 -8.59 -14.42 -35.25
C GLN A 74 -7.37 -13.55 -35.53
N VAL A 75 -6.35 -14.17 -36.11
CA VAL A 75 -5.18 -13.44 -36.64
C VAL A 75 -5.18 -13.46 -38.16
N GLY A 76 -4.36 -12.59 -38.74
CA GLY A 76 -4.23 -12.48 -40.20
C GLY A 76 -2.91 -11.84 -40.62
N ILE A 77 -2.72 -11.78 -41.93
CA ILE A 77 -1.51 -11.18 -42.52
C ILE A 77 -1.91 -10.25 -43.66
N PHE A 78 -1.29 -9.08 -43.68
CA PHE A 78 -1.58 -8.00 -44.63
C PHE A 78 -0.29 -7.69 -45.40
N ASN A 79 -0.41 -7.54 -46.72
CA ASN A 79 0.74 -7.23 -47.59
C ASN A 79 0.82 -5.72 -47.84
N ARG A 80 2.00 -5.15 -47.66
CA ARG A 80 2.23 -3.72 -47.90
C ARG A 80 2.17 -3.37 -49.39
N SER A 81 2.88 -4.16 -50.21
CA SER A 81 3.00 -3.91 -51.65
C SER A 81 1.64 -3.89 -52.35
N THR A 82 0.91 -5.01 -52.24
CA THR A 82 -0.40 -5.15 -52.87
C THR A 82 -1.51 -4.41 -52.14
N ASP A 83 -1.28 -4.09 -50.85
CA ASP A 83 -2.25 -3.38 -49.98
C ASP A 83 -3.57 -4.16 -49.81
N GLU A 84 -3.46 -5.47 -49.64
CA GLU A 84 -4.63 -6.35 -49.42
C GLU A 84 -4.35 -7.42 -48.35
N ILE A 85 -5.43 -8.03 -47.89
CA ILE A 85 -5.37 -9.12 -46.91
C ILE A 85 -4.93 -10.40 -47.64
N MET A 86 -3.84 -11.01 -47.17
CA MET A 86 -3.33 -12.26 -47.75
C MET A 86 -4.11 -13.47 -47.23
N GLY A 87 -4.34 -13.49 -45.91
CA GLY A 87 -5.10 -14.57 -45.26
C GLY A 87 -5.55 -14.24 -43.85
N VAL A 88 -6.50 -15.04 -43.36
CA VAL A 88 -7.05 -14.93 -42.01
C VAL A 88 -7.36 -16.33 -41.50
N ARG A 89 -7.09 -16.58 -40.22
CA ARG A 89 -7.42 -17.86 -39.56
C ARG A 89 -7.88 -17.63 -38.12
N GLU A 90 -8.85 -18.43 -37.67
CA GLU A 90 -9.32 -18.39 -36.28
C GLU A 90 -8.43 -19.25 -35.38
N VAL A 91 -8.25 -18.79 -34.15
CA VAL A 91 -7.31 -19.40 -33.20
C VAL A 91 -7.97 -20.60 -32.52
N ASP A 92 -7.48 -21.79 -32.84
CA ASP A 92 -7.99 -23.03 -32.28
C ASP A 92 -7.22 -23.43 -31.02
N PHE A 93 -7.93 -23.56 -29.90
CA PHE A 93 -7.37 -23.95 -28.61
C PHE A 93 -7.62 -25.44 -28.25
N SER A 94 -8.38 -26.16 -29.08
CA SER A 94 -8.80 -27.56 -28.83
C SER A 94 -7.71 -28.50 -28.29
N THR A 95 -6.51 -28.41 -28.87
CA THR A 95 -5.37 -29.25 -28.46
C THR A 95 -4.74 -28.89 -27.10
N PHE A 96 -5.11 -27.74 -26.53
CA PHE A 96 -4.59 -27.26 -25.23
C PHE A 96 -5.60 -27.33 -24.06
N VAL A 97 -6.86 -27.54 -24.35
CA VAL A 97 -7.94 -27.39 -23.37
C VAL A 97 -8.21 -28.67 -22.56
N ASP A 98 -8.47 -28.51 -21.26
CA ASP A 98 -8.81 -29.64 -20.39
C ASP A 98 -10.27 -30.08 -20.57
N GLU A 99 -10.62 -31.18 -19.90
CA GLU A 99 -11.98 -31.73 -19.88
C GLU A 99 -13.08 -30.66 -19.74
N ASP A 100 -12.91 -29.78 -18.75
CA ASP A 100 -13.91 -28.75 -18.39
C ASP A 100 -13.86 -27.42 -19.19
N GLY A 101 -13.04 -27.36 -20.23
CA GLY A 101 -13.04 -26.21 -21.14
C GLY A 101 -12.08 -25.08 -20.82
N TYR A 102 -11.13 -25.35 -19.92
CA TYR A 102 -10.21 -24.33 -19.41
C TYR A 102 -8.74 -24.60 -19.76
N MET A 103 -7.93 -23.55 -19.67
CA MET A 103 -6.47 -23.67 -19.74
C MET A 103 -5.85 -23.05 -18.48
N TYR A 104 -4.61 -23.44 -18.17
CA TYR A 104 -3.98 -23.15 -16.87
C TYR A 104 -2.58 -22.49 -16.95
N ASP A 105 -2.21 -22.01 -18.12
CA ASP A 105 -0.90 -21.38 -18.30
C ASP A 105 -1.02 -20.39 -19.44
N TYR A 106 -0.61 -19.15 -19.21
CA TYR A 106 -0.61 -18.12 -20.28
C TYR A 106 0.44 -18.38 -21.37
N VAL A 107 1.48 -19.16 -21.05
CA VAL A 107 2.44 -19.63 -22.07
C VAL A 107 1.73 -20.42 -23.18
N ASP A 108 0.83 -21.31 -22.77
CA ASP A 108 0.04 -22.12 -23.70
C ASP A 108 -0.93 -21.29 -24.53
N VAL A 109 -1.49 -20.22 -23.94
CA VAL A 109 -2.30 -19.26 -24.69
C VAL A 109 -1.43 -18.57 -25.75
N GLY A 110 -0.20 -18.24 -25.39
CA GLY A 110 0.77 -17.68 -26.34
C GLY A 110 1.15 -18.64 -27.44
N THR A 111 1.46 -19.88 -27.04
CA THR A 111 1.77 -20.96 -27.96
C THR A 111 0.65 -21.24 -28.97
N ALA A 112 -0.60 -21.25 -28.49
CA ALA A 112 -1.76 -21.51 -29.36
C ALA A 112 -1.99 -20.44 -30.42
N ILE A 113 -1.81 -19.18 -30.03
CA ILE A 113 -1.86 -18.06 -30.98
C ILE A 113 -0.68 -18.15 -31.96
N ASN A 114 0.49 -18.58 -31.45
CA ASN A 114 1.69 -18.72 -32.27
C ASN A 114 1.57 -19.78 -33.36
N GLU A 115 0.98 -20.93 -33.04
CA GLU A 115 0.77 -22.01 -34.01
C GLU A 115 -0.24 -21.62 -35.09
N THR A 116 -1.31 -20.94 -34.69
CA THR A 116 -2.31 -20.41 -35.62
C THR A 116 -1.68 -19.40 -36.58
N LEU A 117 -0.74 -18.61 -36.05
CA LEU A 117 0.02 -17.65 -36.85
C LEU A 117 1.03 -18.34 -37.78
N ALA A 118 1.75 -19.33 -37.23
CA ALA A 118 2.79 -20.07 -37.97
C ALA A 118 2.23 -21.00 -39.07
N GLY A 119 1.00 -21.46 -38.89
CA GLY A 119 0.29 -22.23 -39.92
C GLY A 119 -0.18 -21.38 -41.09
N LEU A 120 -0.53 -20.13 -40.80
CA LEU A 120 -1.00 -19.18 -41.82
C LEU A 120 0.13 -18.68 -42.73
N CYS A 121 1.32 -18.51 -42.15
CA CYS A 121 2.53 -18.12 -42.92
C CYS A 121 3.16 -19.26 -43.72
N ASP A 122 2.75 -20.51 -43.46
CA ASP A 122 3.38 -21.72 -44.03
C ASP A 122 3.65 -21.64 -45.53
N GLY A 123 2.58 -21.40 -46.30
CA GLY A 123 2.66 -21.29 -47.76
C GLY A 123 3.07 -19.94 -48.31
N ILE A 124 2.88 -18.89 -47.52
CA ILE A 124 2.95 -17.49 -48.01
C ILE A 124 4.31 -16.82 -47.76
N ILE A 125 4.90 -17.06 -46.60
CA ILE A 125 6.13 -16.35 -46.17
C ILE A 125 7.26 -17.35 -45.88
N GLY A 126 8.50 -16.92 -46.12
CA GLY A 126 9.69 -17.75 -45.90
C GLY A 126 9.96 -18.04 -44.43
N GLU A 127 10.66 -19.14 -44.18
CA GLU A 127 10.87 -19.68 -42.82
C GLU A 127 11.44 -18.67 -41.82
N GLU A 128 12.43 -17.90 -42.23
CA GLU A 128 13.09 -16.93 -41.34
C GLU A 128 12.20 -15.78 -40.91
N ASP A 129 11.29 -15.36 -41.79
CA ASP A 129 10.47 -14.15 -41.57
C ASP A 129 9.13 -14.38 -40.87
N ILE A 130 8.84 -15.64 -40.52
CA ILE A 130 7.61 -15.96 -39.78
C ILE A 130 7.70 -15.29 -38.40
N PRO A 131 6.70 -14.48 -38.03
CA PRO A 131 6.69 -13.79 -36.74
C PRO A 131 6.32 -14.74 -35.60
N VAL A 132 6.92 -14.51 -34.44
CA VAL A 132 6.70 -15.34 -33.24
C VAL A 132 5.94 -14.54 -32.18
N PHE A 133 4.80 -15.09 -31.74
CA PHE A 133 4.01 -14.58 -30.62
C PHE A 133 4.26 -15.45 -29.38
N SER A 134 4.69 -14.84 -28.30
CA SER A 134 5.00 -15.56 -27.05
C SER A 134 4.58 -14.77 -25.81
N PHE A 135 4.59 -15.47 -24.67
CA PHE A 135 4.33 -14.87 -23.36
C PHE A 135 5.64 -14.80 -22.57
N ASN A 136 5.93 -13.62 -22.05
CA ASN A 136 7.13 -13.37 -21.26
C ASN A 136 6.83 -13.60 -19.77
N LYS A 137 7.33 -14.71 -19.23
CA LYS A 137 7.14 -15.11 -17.83
C LYS A 137 7.57 -14.03 -16.84
N HIS A 138 8.70 -13.40 -17.12
CA HIS A 138 9.29 -12.40 -16.23
C HIS A 138 8.41 -11.16 -16.09
N SER A 139 8.03 -10.58 -17.24
CA SER A 139 7.27 -9.31 -17.26
C SER A 139 5.74 -9.43 -17.27
N LYS A 140 5.22 -10.67 -17.36
CA LYS A 140 3.78 -10.95 -17.48
C LYS A 140 3.11 -10.22 -18.67
N LYS A 141 3.88 -10.03 -19.74
CA LYS A 141 3.42 -9.34 -20.94
C LYS A 141 3.69 -10.22 -22.14
N PHE A 142 2.76 -10.20 -23.10
CA PHE A 142 2.97 -10.90 -24.36
C PHE A 142 3.90 -10.10 -25.27
N GLU A 143 4.63 -10.82 -26.14
CA GLU A 143 5.62 -10.22 -27.03
C GLU A 143 5.48 -10.71 -28.46
N ILE A 144 5.95 -9.88 -29.40
CA ILE A 144 6.03 -10.21 -30.82
C ILE A 144 7.48 -10.02 -31.28
N THR A 145 8.08 -11.10 -31.76
CA THR A 145 9.45 -11.09 -32.31
C THR A 145 9.39 -11.15 -33.85
N THR A 146 10.09 -10.22 -34.51
CA THR A 146 10.05 -10.08 -35.97
C THR A 146 11.42 -9.73 -36.57
N THR A 147 11.55 -10.01 -37.87
CA THR A 147 12.73 -9.62 -38.68
C THR A 147 12.45 -8.34 -39.47
N GLU A 148 13.52 -7.61 -39.78
CA GLU A 148 13.45 -6.31 -40.47
C GLU A 148 12.56 -6.34 -41.71
N ASN A 149 12.83 -7.30 -42.61
CA ASN A 149 12.13 -7.38 -43.89
C ASN A 149 10.66 -7.81 -43.79
N PHE A 150 10.28 -8.46 -42.68
CA PHE A 150 8.87 -8.76 -42.39
C PHE A 150 8.06 -7.49 -42.10
N ARG A 151 8.63 -6.59 -41.29
CA ARG A 151 7.99 -5.31 -40.97
C ARG A 151 7.84 -4.38 -42.18
N ASN A 152 8.84 -4.37 -43.06
CA ASN A 152 8.78 -3.62 -44.32
C ASN A 152 7.81 -4.28 -45.30
N GLY A 153 7.88 -5.60 -45.40
CA GLY A 153 7.02 -6.37 -46.31
C GLY A 153 5.56 -6.48 -45.89
N HIS A 154 5.31 -6.73 -44.61
CA HIS A 154 3.97 -7.15 -44.15
C HIS A 154 3.56 -6.59 -42.77
N PHE A 155 2.31 -6.86 -42.40
CA PHE A 155 1.77 -6.60 -41.06
C PHE A 155 1.03 -7.84 -40.52
N ILE A 156 0.96 -7.94 -39.19
CA ILE A 156 0.12 -8.92 -38.50
C ILE A 156 -1.22 -8.25 -38.22
N MET A 157 -2.31 -9.01 -38.39
CA MET A 157 -3.68 -8.52 -38.13
C MET A 157 -4.29 -9.20 -36.91
N PHE A 158 -4.91 -8.40 -36.05
CA PHE A 158 -5.72 -8.89 -34.93
C PHE A 158 -7.17 -8.48 -35.23
N ASN A 159 -8.12 -9.37 -34.98
CA ASN A 159 -9.55 -9.00 -35.00
C ASN A 159 -9.95 -8.23 -33.72
N ASP A 160 -11.23 -7.90 -33.57
CA ASP A 160 -11.67 -7.06 -32.43
C ASP A 160 -11.54 -7.75 -31.06
N ASP A 161 -11.82 -9.04 -30.99
CA ASP A 161 -11.68 -9.77 -29.71
C ASP A 161 -10.22 -9.83 -29.26
N MET A 162 -9.30 -10.08 -30.20
CA MET A 162 -7.85 -10.04 -29.94
C MET A 162 -7.41 -8.62 -29.60
N ARG A 163 -7.85 -7.66 -30.41
CA ARG A 163 -7.58 -6.24 -30.19
C ARG A 163 -7.89 -5.80 -28.75
N VAL A 164 -9.07 -6.18 -28.24
CA VAL A 164 -9.50 -5.79 -26.90
C VAL A 164 -8.73 -6.50 -25.78
N ASP A 165 -8.51 -7.80 -25.90
CA ASP A 165 -7.82 -8.59 -24.87
C ASP A 165 -6.29 -8.41 -24.83
N PHE A 166 -5.69 -7.95 -25.93
CA PHE A 166 -4.25 -7.62 -25.99
C PHE A 166 -4.07 -6.13 -26.34
N ASN A 167 -4.86 -5.29 -25.67
CA ASN A 167 -5.03 -3.86 -26.00
C ASN A 167 -3.82 -2.97 -25.84
N SER A 168 -2.82 -3.45 -25.11
CA SER A 168 -1.60 -2.68 -24.84
C SER A 168 -0.64 -2.51 -26.02
N PHE A 169 -0.77 -3.34 -27.05
CA PHE A 169 0.00 -3.14 -28.29
C PHE A 169 -0.49 -1.85 -28.98
N GLU A 170 0.33 -1.32 -29.88
CA GLU A 170 -0.07 -0.17 -30.71
C GLU A 170 -0.83 -0.69 -31.92
N PHE A 171 -2.02 -0.14 -32.16
CA PHE A 171 -2.93 -0.63 -33.23
C PHE A 171 -3.28 0.46 -34.26
N ASP A 172 -3.77 0.00 -35.41
CA ASP A 172 -4.24 0.86 -36.50
C ASP A 172 -5.33 0.12 -37.28
N ASP A 173 -6.54 0.70 -37.31
CA ASP A 173 -7.72 0.04 -37.89
C ASP A 173 -7.81 0.18 -39.42
N ILE A 174 -8.03 -0.94 -40.11
CA ILE A 174 -8.24 -0.96 -41.57
C ILE A 174 -9.67 -1.32 -42.00
N ASP A 175 -10.47 -1.80 -41.06
CA ASP A 175 -11.74 -2.46 -41.39
C ASP A 175 -12.55 -2.63 -40.09
N GLU A 176 -13.87 -2.70 -40.21
CA GLU A 176 -14.80 -2.84 -39.06
C GLU A 176 -14.46 -3.95 -38.06
N GLU A 177 -13.75 -4.99 -38.52
CA GLU A 177 -13.32 -6.10 -37.67
C GLU A 177 -11.82 -6.08 -37.33
N TYR A 178 -10.95 -5.91 -38.34
CA TYR A 178 -9.50 -6.16 -38.20
C TYR A 178 -8.68 -4.90 -37.94
N SER A 179 -7.52 -5.09 -37.31
CA SER A 179 -6.56 -4.01 -37.02
C SER A 179 -5.12 -4.47 -37.23
N LEU A 180 -4.25 -3.53 -37.60
CA LEU A 180 -2.82 -3.80 -37.84
C LEU A 180 -2.01 -3.62 -36.56
N VAL A 181 -1.08 -4.55 -36.32
CA VAL A 181 -0.16 -4.45 -35.19
C VAL A 181 1.10 -3.69 -35.63
N ILE A 182 1.25 -2.46 -35.15
CA ILE A 182 2.39 -1.60 -35.50
C ILE A 182 3.66 -2.07 -34.77
N LEU A 183 4.63 -2.54 -35.56
CA LEU A 183 5.89 -3.09 -35.06
C LEU A 183 7.08 -2.32 -35.61
N ASN A 184 7.80 -1.61 -34.75
CA ASN A 184 9.00 -0.84 -35.13
C ASN A 184 10.34 -1.54 -34.87
N GLU A 185 10.37 -2.49 -33.93
CA GLU A 185 11.62 -3.17 -33.53
C GLU A 185 11.48 -4.69 -33.61
N ASP A 186 12.60 -5.38 -33.40
CA ASP A 186 12.65 -6.85 -33.43
C ASP A 186 11.66 -7.43 -32.41
N VAL A 187 11.97 -7.22 -31.13
CA VAL A 187 11.15 -7.71 -30.02
C VAL A 187 10.28 -6.57 -29.53
N GLU A 188 8.98 -6.65 -29.82
CA GLU A 188 8.00 -5.66 -29.36
C GLU A 188 7.11 -6.28 -28.27
N THR A 189 6.82 -5.49 -27.25
CA THR A 189 6.06 -5.96 -26.07
C THR A 189 4.85 -5.07 -25.83
N GLN A 190 3.96 -5.54 -24.97
CA GLN A 190 2.83 -4.75 -24.49
C GLN A 190 3.34 -3.62 -23.58
N ASP A 191 2.71 -2.45 -23.68
CA ASP A 191 3.04 -1.32 -22.78
C ASP A 191 2.46 -1.51 -21.35
N ALA A 192 1.56 -2.48 -21.18
CA ALA A 192 0.88 -2.77 -19.93
C ALA A 192 0.40 -4.21 -19.93
N SER A 193 0.30 -4.81 -18.74
CA SER A 193 -0.17 -6.19 -18.58
C SER A 193 -1.69 -6.25 -18.81
N THR A 194 -2.15 -7.34 -19.43
CA THR A 194 -3.58 -7.52 -19.74
C THR A 194 -4.10 -8.90 -19.33
N LEU A 195 -3.53 -9.46 -18.28
CA LEU A 195 -4.00 -10.76 -17.76
C LEU A 195 -5.42 -10.66 -17.19
N GLU A 196 -5.79 -9.49 -16.70
CA GLU A 196 -7.16 -9.21 -16.22
C GLU A 196 -8.25 -9.30 -17.30
N PHE A 197 -7.87 -9.10 -18.57
CA PHE A 197 -8.78 -9.32 -19.72
C PHE A 197 -8.88 -10.79 -20.16
N LEU A 198 -8.00 -11.65 -19.63
CA LEU A 198 -7.94 -13.08 -20.00
C LEU A 198 -8.56 -14.04 -18.97
N THR A 199 -8.44 -13.72 -17.68
CA THR A 199 -9.04 -14.57 -16.64
C THR A 199 -10.56 -14.68 -16.81
N PRO A 200 -11.08 -15.92 -16.82
CA PRO A 200 -12.52 -16.12 -16.84
C PRO A 200 -13.16 -15.99 -15.46
N ILE A 201 -12.35 -16.02 -14.40
CA ILE A 201 -12.84 -16.05 -13.01
C ILE A 201 -13.33 -14.65 -12.61
N SER A 202 -14.62 -14.54 -12.30
CA SER A 202 -15.18 -13.28 -11.80
C SER A 202 -15.14 -13.24 -10.28
N HIS A 203 -15.95 -14.05 -9.61
N HIS A 203 -15.96 -14.08 -9.63
CA HIS A 203 -15.91 -14.09 -8.15
CA HIS A 203 -16.12 -14.13 -8.18
C HIS A 203 -16.08 -15.49 -7.58
C HIS A 203 -15.90 -15.53 -7.63
N ILE A 204 -15.68 -15.62 -6.32
CA ILE A 204 -15.79 -16.86 -5.56
C ILE A 204 -16.85 -16.59 -4.48
N VAL A 205 -17.77 -17.54 -4.31
CA VAL A 205 -18.96 -17.35 -3.49
C VAL A 205 -19.13 -18.52 -2.52
N ILE A 206 -19.60 -18.20 -1.31
CA ILE A 206 -20.09 -19.21 -0.37
C ILE A 206 -21.63 -19.29 -0.48
N GLU A 207 -22.15 -20.48 -0.77
CA GLU A 207 -23.61 -20.74 -0.85
C GLU A 207 -24.09 -21.67 0.27
N SER A 208 -25.40 -21.84 0.35
CA SER A 208 -26.04 -22.77 1.30
C SER A 208 -27.46 -23.13 0.86
N ASN A 209 -27.77 -24.42 0.82
CA ASN A 209 -29.12 -24.90 0.51
C ASN A 209 -30.09 -24.67 1.64
N ASP A 210 -29.66 -25.00 2.86
CA ASP A 210 -30.56 -25.16 4.00
C ASP A 210 -30.37 -24.16 5.15
N LEU A 211 -29.51 -23.17 5.00
CA LEU A 211 -29.37 -22.14 6.03
C LEU A 211 -30.54 -21.17 5.86
N PRO A 212 -31.33 -20.94 6.93
CA PRO A 212 -32.46 -20.01 6.81
C PRO A 212 -31.98 -18.56 6.86
N VAL A 213 -31.70 -18.02 5.69
CA VAL A 213 -31.13 -16.69 5.50
C VAL A 213 -31.82 -16.00 4.32
N SER A 214 -31.91 -14.67 4.37
CA SER A 214 -32.53 -13.90 3.28
C SER A 214 -31.74 -14.06 1.99
N TYR A 215 -32.46 -14.35 0.91
CA TYR A 215 -31.85 -14.55 -0.41
C TYR A 215 -31.49 -13.17 -1.01
N GLU A 216 -30.52 -13.15 -1.91
CA GLU A 216 -30.24 -11.96 -2.70
C GLU A 216 -31.14 -11.97 -3.94
N LEU A 217 -31.64 -10.81 -4.34
CA LEU A 217 -32.47 -10.68 -5.53
C LEU A 217 -31.62 -10.74 -6.80
N LEU A 218 -32.03 -11.58 -7.76
CA LEU A 218 -31.29 -11.84 -9.00
C LEU A 218 -32.09 -11.45 -10.27
N PRO A 219 -31.38 -11.24 -11.40
CA PRO A 219 -32.07 -10.96 -12.68
C PRO A 219 -32.66 -12.22 -13.32
N SER A 220 -33.26 -12.07 -14.50
CA SER A 220 -33.92 -13.18 -15.20
C SER A 220 -32.93 -14.20 -15.73
N ILE A 221 -33.30 -15.48 -15.62
CA ILE A 221 -32.54 -16.59 -16.22
C ILE A 221 -32.69 -16.50 -17.74
N SER A 222 -33.94 -16.43 -18.20
CA SER A 222 -34.26 -16.24 -19.62
C SER A 222 -33.96 -14.81 -20.06
N LYS A 223 -33.33 -14.68 -21.23
CA LYS A 223 -33.05 -13.37 -21.87
C LYS A 223 -34.25 -12.78 -22.63
N ASN A 224 -35.33 -13.54 -22.76
CA ASN A 224 -36.55 -13.08 -23.42
C ASN A 224 -37.14 -11.84 -22.73
N THR A 225 -37.63 -12.02 -21.50
CA THR A 225 -38.24 -10.92 -20.72
C THR A 225 -37.26 -10.35 -19.71
N THR A 226 -37.56 -9.15 -19.23
CA THR A 226 -36.79 -8.49 -18.16
C THR A 226 -37.37 -8.70 -16.75
N ILE A 227 -38.66 -9.05 -16.67
CA ILE A 227 -39.31 -9.36 -15.39
C ILE A 227 -38.65 -10.59 -14.74
N SER A 228 -38.56 -10.58 -13.41
CA SER A 228 -37.86 -11.63 -12.67
C SER A 228 -38.35 -11.74 -11.23
N ASP A 229 -38.55 -12.97 -10.76
CA ASP A 229 -38.67 -13.25 -9.32
C ASP A 229 -37.56 -14.21 -8.85
N ASN A 230 -36.46 -14.27 -9.62
CA ASN A 230 -35.32 -15.14 -9.33
C ASN A 230 -34.62 -14.67 -8.06
N THR A 231 -34.10 -15.62 -7.30
CA THR A 231 -33.37 -15.36 -6.07
C THR A 231 -32.28 -16.40 -5.88
N GLY A 232 -31.38 -16.15 -4.93
CA GLY A 232 -30.28 -17.07 -4.63
C GLY A 232 -29.55 -16.72 -3.35
N VAL A 233 -29.12 -17.77 -2.64
CA VAL A 233 -28.46 -17.62 -1.34
C VAL A 233 -26.96 -17.43 -1.56
N PHE A 234 -26.46 -16.25 -1.21
CA PHE A 234 -25.02 -15.95 -1.20
C PHE A 234 -24.65 -15.35 0.14
N LEU A 235 -23.77 -16.02 0.88
CA LEU A 235 -23.30 -15.51 2.19
C LEU A 235 -22.14 -14.52 2.10
N THR A 236 -21.30 -14.69 1.08
CA THR A 236 -20.22 -13.74 0.79
C THR A 236 -19.85 -13.80 -0.69
N ASN A 237 -19.10 -12.79 -1.11
CA ASN A 237 -18.91 -12.46 -2.52
C ASN A 237 -17.49 -11.89 -2.71
N TYR A 238 -16.54 -12.77 -3.02
CA TYR A 238 -15.13 -12.40 -3.14
C TYR A 238 -14.74 -12.14 -4.60
N LYS A 239 -14.40 -10.90 -4.94
CA LYS A 239 -13.90 -10.55 -6.26
C LYS A 239 -12.48 -11.06 -6.48
N TYR A 240 -12.28 -11.83 -7.55
CA TYR A 240 -10.99 -12.44 -7.85
C TYR A 240 -10.21 -11.64 -8.91
N LEU A 241 -8.91 -11.54 -8.72
CA LEU A 241 -8.04 -10.83 -9.66
C LEU A 241 -6.82 -11.68 -9.95
N GLN A 242 -6.59 -11.97 -11.23
CA GLN A 242 -5.42 -12.73 -11.66
C GLN A 242 -4.28 -11.76 -11.90
N GLN A 243 -3.28 -11.80 -11.03
CA GLN A 243 -2.16 -10.85 -11.04
C GLN A 243 -0.89 -11.37 -11.71
N ASN A 244 -0.79 -12.69 -11.88
CA ASN A 244 0.41 -13.31 -12.43
C ASN A 244 0.04 -14.58 -13.24
N ASN A 245 1.02 -15.45 -13.48
CA ASN A 245 0.81 -16.69 -14.23
C ASN A 245 0.73 -17.93 -13.32
N GLN A 246 0.31 -17.75 -12.07
CA GLN A 246 0.18 -18.87 -11.13
C GLN A 246 -1.25 -19.40 -11.17
N ASP A 247 -1.38 -20.66 -11.54
CA ASP A 247 -2.66 -21.38 -11.44
C ASP A 247 -2.88 -21.92 -10.01
N TYR A 248 -1.80 -22.33 -9.34
CA TYR A 248 -1.86 -22.73 -7.93
C TYR A 248 -1.83 -21.51 -7.03
N ASN A 249 -2.85 -21.37 -6.19
CA ASN A 249 -3.05 -20.17 -5.39
C ASN A 249 -3.31 -20.46 -3.92
N SER A 250 -3.20 -19.41 -3.12
CA SER A 250 -3.57 -19.42 -1.71
C SER A 250 -4.34 -18.13 -1.45
N ILE A 251 -5.66 -18.22 -1.38
CA ILE A 251 -6.55 -17.05 -1.31
C ILE A 251 -7.04 -16.74 0.12
N LEU A 252 -6.63 -15.57 0.63
CA LEU A 252 -6.99 -15.11 1.98
C LEU A 252 -8.00 -13.97 1.95
N PHE A 253 -9.13 -14.16 2.62
CA PHE A 253 -10.15 -13.12 2.80
C PHE A 253 -10.31 -12.75 4.27
N ARG A 254 -10.28 -11.45 4.55
CA ARG A 254 -10.50 -10.91 5.88
C ARG A 254 -11.37 -9.65 5.77
N VAL A 255 -12.42 -9.59 6.58
CA VAL A 255 -13.42 -8.52 6.50
C VAL A 255 -12.86 -7.21 7.05
N GLU A 256 -13.39 -6.11 6.50
CA GLU A 256 -13.01 -4.75 6.89
C GLU A 256 -13.79 -4.41 8.16
N ASN A 257 -13.22 -3.57 9.02
CA ASN A 257 -13.79 -3.22 10.34
C ASN A 257 -15.33 -3.05 10.31
N SER A 258 -15.77 -2.03 9.57
CA SER A 258 -17.20 -1.68 9.42
C SER A 258 -17.73 -2.04 8.02
N SER A 259 -17.90 -3.34 7.78
CA SER A 259 -18.49 -3.83 6.53
C SER A 259 -20.02 -3.74 6.58
N ASN A 260 -20.62 -3.63 5.40
CA ASN A 260 -22.08 -3.72 5.23
C ASN A 260 -22.55 -5.13 4.85
N LYS A 261 -21.64 -6.09 4.69
CA LYS A 261 -21.94 -7.39 4.05
C LYS A 261 -22.66 -8.38 4.98
N TYR A 262 -23.84 -7.97 5.45
CA TYR A 262 -24.65 -8.75 6.39
C TYR A 262 -25.86 -9.33 5.65
N HIS A 263 -26.36 -10.45 6.16
CA HIS A 263 -27.60 -11.07 5.68
C HIS A 263 -28.48 -11.37 6.87
N ASN A 264 -29.80 -11.26 6.68
CA ASN A 264 -30.76 -11.53 7.76
C ASN A 264 -30.98 -13.03 7.91
N ILE A 265 -30.84 -13.52 9.13
CA ILE A 265 -31.27 -14.86 9.51
C ILE A 265 -32.77 -14.81 9.78
N LEU A 266 -33.53 -15.63 9.04
CA LEU A 266 -35.00 -15.65 9.11
C LEU A 266 -35.58 -16.58 10.20
N GLN A 267 -34.90 -17.69 10.46
CA GLN A 267 -35.32 -18.67 11.48
C GLN A 267 -34.16 -18.96 12.43
N THR A 268 -34.41 -18.84 13.74
CA THR A 268 -33.42 -19.12 14.76
C THR A 268 -33.40 -20.57 15.26
N ASN A 269 -34.38 -21.38 14.83
CA ASN A 269 -34.51 -22.77 15.27
C ASN A 269 -33.87 -23.73 14.24
N PHE A 270 -32.55 -23.90 14.36
CA PHE A 270 -31.79 -24.83 13.52
C PHE A 270 -30.47 -25.19 14.19
N ASN A 271 -29.99 -26.41 13.91
CA ASN A 271 -28.68 -26.86 14.38
C ASN A 271 -27.80 -27.51 13.29
N ARG A 272 -28.24 -27.45 12.04
CA ARG A 272 -27.54 -28.04 10.90
C ARG A 272 -27.62 -27.10 9.71
N PHE A 273 -26.50 -26.94 9.00
CA PHE A 273 -26.52 -26.38 7.65
C PHE A 273 -25.26 -26.74 6.86
N ASN A 274 -25.37 -26.57 5.56
CA ASN A 274 -24.30 -26.84 4.63
C ASN A 274 -23.75 -25.50 4.10
N LEU A 275 -22.41 -25.42 3.99
CA LEU A 275 -21.73 -24.33 3.26
C LEU A 275 -20.96 -24.91 2.07
N SER A 276 -20.95 -24.20 0.95
CA SER A 276 -20.22 -24.63 -0.26
C SER A 276 -19.55 -23.48 -0.97
N PHE A 277 -18.36 -23.74 -1.51
CA PHE A 277 -17.62 -22.73 -2.26
C PHE A 277 -17.81 -22.94 -3.76
N THR A 278 -18.13 -21.84 -4.46
CA THR A 278 -18.53 -21.87 -5.86
C THR A 278 -17.80 -20.76 -6.62
N ILE A 279 -17.42 -21.04 -7.86
CA ILE A 279 -16.77 -20.07 -8.73
C ILE A 279 -17.73 -19.62 -9.84
N TYR A 280 -17.83 -18.31 -10.02
CA TYR A 280 -18.62 -17.70 -11.10
C TYR A 280 -17.68 -17.09 -12.13
N ASP A 281 -17.92 -17.40 -13.40
CA ASP A 281 -17.18 -16.79 -14.51
C ASP A 281 -17.89 -15.53 -15.03
N TYR A 282 -17.19 -14.75 -15.85
CA TYR A 282 -17.73 -13.53 -16.47
C TYR A 282 -18.92 -13.78 -17.41
N ASP A 283 -19.01 -14.98 -17.96
CA ASP A 283 -20.22 -15.44 -18.69
C ASP A 283 -21.32 -15.99 -17.77
N ASN A 284 -21.16 -15.80 -16.46
CA ASN A 284 -22.10 -16.23 -15.42
C ASN A 284 -22.26 -17.75 -15.25
N GLU A 285 -21.38 -18.54 -15.86
CA GLU A 285 -21.39 -19.99 -15.68
C GLU A 285 -20.81 -20.33 -14.31
N LYS A 286 -21.50 -21.21 -13.61
CA LYS A 286 -21.24 -21.53 -12.22
C LYS A 286 -20.55 -22.90 -12.13
N HIS A 287 -19.42 -22.99 -11.45
CA HIS A 287 -18.75 -24.29 -11.24
C HIS A 287 -18.12 -24.41 -9.83
N PRO A 288 -18.12 -25.63 -9.25
CA PRO A 288 -17.63 -25.77 -7.87
C PRO A 288 -16.13 -25.64 -7.74
N LEU A 289 -15.70 -25.07 -6.62
CA LEU A 289 -14.31 -25.11 -6.21
C LEU A 289 -14.09 -26.54 -5.74
N THR A 290 -12.97 -27.12 -6.17
CA THR A 290 -12.68 -28.53 -5.88
C THR A 290 -11.40 -28.67 -5.06
N LEU A 291 -11.31 -29.73 -4.28
CA LEU A 291 -10.15 -29.97 -3.42
C LEU A 291 -8.98 -30.54 -4.22
N LEU A 292 -7.78 -30.16 -3.83
CA LEU A 292 -6.57 -30.91 -4.13
C LEU A 292 -6.27 -31.77 -2.90
N PRO A 293 -5.31 -32.70 -2.99
CA PRO A 293 -4.88 -33.41 -1.79
C PRO A 293 -4.21 -32.53 -0.73
N GLN A 294 -3.62 -31.43 -1.17
CA GLN A 294 -2.82 -30.55 -0.31
C GLN A 294 -3.63 -29.39 0.26
N THR A 295 -4.89 -29.26 -0.16
CA THR A 295 -5.76 -28.13 0.21
C THR A 295 -6.10 -28.11 1.71
N VAL A 296 -6.00 -26.93 2.30
CA VAL A 296 -6.57 -26.65 3.60
C VAL A 296 -7.54 -25.50 3.41
N ILE A 297 -8.75 -25.66 3.94
CA ILE A 297 -9.80 -24.65 3.90
C ILE A 297 -10.11 -24.24 5.34
N GLN A 298 -10.14 -22.93 5.57
CA GLN A 298 -10.56 -22.35 6.85
C GLN A 298 -11.68 -21.34 6.61
N LEU A 299 -12.48 -21.12 7.64
CA LEU A 299 -13.73 -20.38 7.51
C LEU A 299 -14.22 -19.97 8.90
N LYS A 300 -14.58 -18.70 9.05
CA LYS A 300 -15.12 -18.16 10.30
C LYS A 300 -16.39 -17.34 10.04
N LEU A 301 -17.52 -17.79 10.61
CA LEU A 301 -18.78 -17.06 10.52
C LEU A 301 -19.02 -16.26 11.79
N LEU A 302 -19.74 -15.15 11.64
CA LEU A 302 -20.29 -14.41 12.79
C LEU A 302 -21.80 -14.32 12.68
N PHE A 303 -22.48 -14.65 13.78
CA PHE A 303 -23.89 -14.35 13.96
C PHE A 303 -23.95 -13.26 15.01
N GLU A 304 -24.45 -12.10 14.61
CA GLU A 304 -24.46 -10.89 15.44
C GLU A 304 -25.91 -10.49 15.68
N SER A 305 -26.32 -10.40 16.95
CA SER A 305 -27.71 -10.01 17.30
C SER A 305 -27.93 -8.51 17.17
N ILE A 306 -29.19 -8.14 16.99
CA ILE A 306 -29.60 -6.75 16.76
C ILE A 306 -30.33 -6.19 18.00
N LYS B 6 -33.67 -4.40 11.89
CA LYS B 6 -32.82 -3.96 10.73
C LYS B 6 -32.79 -5.00 9.60
N GLN B 7 -32.98 -4.54 8.37
CA GLN B 7 -33.13 -5.40 7.21
C GLN B 7 -32.13 -5.00 6.12
N TYR B 8 -31.45 -5.99 5.55
CA TYR B 8 -30.53 -5.81 4.42
C TYR B 8 -31.11 -6.51 3.21
N ILE B 9 -31.48 -5.73 2.20
CA ILE B 9 -32.03 -6.27 0.96
C ILE B 9 -30.97 -6.03 -0.13
N TRP B 10 -30.51 -7.11 -0.75
CA TRP B 10 -29.49 -7.07 -1.78
C TRP B 10 -30.09 -7.30 -3.15
N LEU B 11 -29.56 -6.60 -4.16
CA LEU B 11 -30.08 -6.65 -5.54
C LEU B 11 -28.91 -6.67 -6.52
N ASN B 12 -28.71 -7.82 -7.18
CA ASN B 12 -27.66 -7.96 -8.22
C ASN B 12 -28.21 -7.70 -9.61
N GLU B 13 -27.37 -7.10 -10.46
CA GLU B 13 -27.68 -6.93 -11.87
C GLU B 13 -26.43 -7.07 -12.74
N THR B 14 -26.63 -7.60 -13.95
CA THR B 14 -25.55 -7.79 -14.92
C THR B 14 -25.98 -7.42 -16.33
N ILE B 15 -25.02 -7.01 -17.15
CA ILE B 15 -25.23 -6.71 -18.56
C ILE B 15 -24.16 -7.48 -19.35
N LYS B 16 -24.58 -8.58 -19.96
CA LYS B 16 -23.79 -9.25 -21.00
C LYS B 16 -23.98 -8.44 -22.28
N SER B 17 -22.91 -8.32 -23.08
CA SER B 17 -22.97 -7.63 -24.36
C SER B 17 -22.67 -8.56 -25.52
N ASN B 18 -22.89 -8.07 -26.74
CA ASN B 18 -22.52 -8.78 -27.97
C ASN B 18 -22.44 -7.82 -29.16
N LYS B 19 -21.95 -8.33 -30.29
CA LYS B 19 -21.77 -7.57 -31.51
C LYS B 19 -23.09 -7.07 -32.13
N GLN B 20 -24.18 -7.77 -31.85
CA GLN B 20 -25.50 -7.36 -32.34
C GLN B 20 -26.11 -6.25 -31.50
N LEU B 21 -25.83 -6.27 -30.20
CA LEU B 21 -26.32 -5.27 -29.25
C LEU B 21 -25.52 -3.95 -29.32
N ALA B 22 -24.21 -4.06 -29.47
CA ALA B 22 -23.29 -2.91 -29.42
C ALA B 22 -22.72 -2.45 -30.77
N GLY B 23 -22.73 -3.32 -31.77
CA GLY B 23 -22.09 -3.05 -33.07
C GLY B 23 -20.58 -3.33 -33.05
N PRO B 24 -19.94 -3.36 -34.23
CA PRO B 24 -18.49 -3.57 -34.28
C PRO B 24 -17.74 -2.40 -33.65
N ARG B 25 -16.80 -2.72 -32.77
CA ARG B 25 -16.07 -1.73 -31.96
C ARG B 25 -16.98 -0.76 -31.19
N GLY B 26 -18.16 -1.23 -30.80
CA GLY B 26 -19.16 -0.39 -30.13
C GLY B 26 -19.70 0.76 -30.95
N SER B 27 -19.78 0.59 -32.26
CA SER B 27 -20.15 1.69 -33.18
C SER B 27 -21.57 2.22 -32.97
N TYR B 28 -22.47 1.38 -32.46
CA TYR B 28 -23.84 1.82 -32.12
C TYR B 28 -23.92 2.79 -30.93
N LYS B 29 -22.91 2.79 -30.07
CA LYS B 29 -22.84 3.69 -28.90
C LYS B 29 -24.07 3.51 -28.00
N ARG B 30 -24.38 2.25 -27.69
CA ARG B 30 -25.52 1.95 -26.84
C ARG B 30 -25.14 2.30 -25.40
N PRO B 31 -25.93 3.15 -24.73
CA PRO B 31 -25.61 3.45 -23.34
C PRO B 31 -25.66 2.22 -22.43
N VAL B 32 -24.79 2.20 -21.43
CA VAL B 32 -24.85 1.19 -20.39
C VAL B 32 -26.09 1.52 -19.55
N SER B 33 -27.09 0.64 -19.61
CA SER B 33 -28.36 0.88 -18.92
C SER B 33 -29.05 -0.43 -18.58
N VAL B 34 -29.67 -0.48 -17.40
CA VAL B 34 -30.42 -1.65 -16.94
C VAL B 34 -31.79 -1.25 -16.45
N ASP B 35 -32.80 -2.04 -16.82
CA ASP B 35 -34.13 -1.95 -16.24
C ASP B 35 -34.31 -3.11 -15.27
N ILE B 36 -34.37 -2.79 -13.98
CA ILE B 36 -34.76 -3.76 -12.97
C ILE B 36 -36.28 -3.78 -13.04
N PHE B 37 -36.85 -4.99 -12.99
CA PHE B 37 -38.29 -5.18 -13.03
C PHE B 37 -38.60 -6.48 -12.30
N ARG B 38 -39.40 -6.39 -11.24
CA ARG B 38 -39.69 -7.53 -10.37
C ARG B 38 -41.17 -7.76 -10.17
N SER B 39 -41.55 -9.02 -9.95
CA SER B 39 -42.94 -9.45 -9.86
C SER B 39 -43.73 -8.81 -8.71
N SER B 40 -43.06 -8.62 -7.57
CA SER B 40 -43.66 -7.97 -6.41
C SER B 40 -42.82 -6.76 -5.99
N THR B 41 -43.31 -6.01 -5.01
CA THR B 41 -42.60 -4.85 -4.47
C THR B 41 -41.32 -5.28 -3.75
N ILE B 42 -40.25 -4.53 -3.97
CA ILE B 42 -38.92 -4.85 -3.45
C ILE B 42 -38.84 -4.62 -1.95
N LEU B 43 -39.29 -3.44 -1.53
CA LEU B 43 -39.25 -3.02 -0.13
C LEU B 43 -40.63 -3.18 0.52
N ASP B 44 -40.66 -3.54 1.80
CA ASP B 44 -41.93 -3.62 2.53
C ASP B 44 -42.35 -2.21 2.98
N PRO B 45 -43.66 -1.88 2.82
CA PRO B 45 -44.14 -0.50 3.00
C PRO B 45 -44.00 0.12 4.40
N ASP B 46 -43.93 -0.71 5.43
CA ASP B 46 -43.87 -0.23 6.81
C ASP B 46 -42.53 0.34 7.28
N LYS B 47 -41.45 0.11 6.53
CA LYS B 47 -40.10 0.59 6.93
C LYS B 47 -39.56 1.73 6.05
N ASN B 48 -38.55 2.42 6.58
CA ASN B 48 -37.80 3.45 5.86
C ASN B 48 -36.39 2.93 5.52
N TYR B 49 -35.92 3.25 4.32
CA TYR B 49 -34.70 2.65 3.76
C TYR B 49 -33.68 3.67 3.27
N LEU B 50 -32.41 3.28 3.35
CA LEU B 50 -31.30 3.95 2.67
C LEU B 50 -30.81 3.06 1.54
N LEU B 51 -30.36 3.68 0.46
CA LEU B 51 -29.73 2.99 -0.65
C LEU B 51 -28.23 3.29 -0.65
N ILE B 52 -27.43 2.25 -0.91
CA ILE B 52 -25.97 2.39 -1.14
C ILE B 52 -25.53 1.40 -2.22
N VAL B 53 -24.58 1.83 -3.05
CA VAL B 53 -24.01 1.00 -4.12
C VAL B 53 -22.76 0.30 -3.58
N GLU B 54 -22.87 -1.00 -3.32
CA GLU B 54 -21.81 -1.79 -2.67
C GLU B 54 -20.64 -2.03 -3.60
N GLU B 55 -20.93 -2.49 -4.81
CA GLU B 55 -19.91 -2.61 -5.86
C GLU B 55 -20.47 -2.59 -7.26
N PHE B 56 -19.60 -2.23 -8.19
CA PHE B 56 -19.83 -2.47 -9.60
C PHE B 56 -18.52 -2.86 -10.25
N HIS B 57 -18.61 -3.41 -11.46
CA HIS B 57 -17.44 -3.79 -12.22
C HIS B 57 -17.73 -3.52 -13.68
N LEU B 58 -17.04 -2.53 -14.24
CA LEU B 58 -17.16 -2.16 -15.65
C LEU B 58 -16.04 -2.86 -16.40
N HIS B 59 -16.30 -4.09 -16.81
CA HIS B 59 -15.28 -4.97 -17.36
C HIS B 59 -15.26 -4.89 -18.88
N LYS B 60 -14.09 -4.55 -19.43
CA LYS B 60 -13.88 -4.35 -20.87
C LYS B 60 -14.72 -3.23 -21.52
N ILE B 61 -14.27 -2.01 -21.24
CA ILE B 61 -14.85 -0.78 -21.81
C ILE B 61 -13.72 0.09 -22.35
N ARG B 62 -14.10 1.14 -23.08
CA ARG B 62 -13.13 2.06 -23.67
C ARG B 62 -13.38 3.46 -23.13
N LEU B 63 -12.30 4.15 -22.72
CA LEU B 63 -12.37 5.52 -22.21
C LEU B 63 -11.36 6.39 -22.97
N PRO B 64 -11.68 7.69 -23.15
CA PRO B 64 -10.74 8.60 -23.77
C PRO B 64 -9.66 9.11 -22.82
N LEU B 65 -8.51 9.43 -23.40
CA LEU B 65 -7.35 9.91 -22.64
C LEU B 65 -7.06 11.42 -22.80
N PHE B 66 -7.74 12.07 -23.75
CA PHE B 66 -7.45 13.46 -24.08
C PHE B 66 -8.60 14.10 -24.86
N LYS B 67 -8.78 15.40 -24.64
CA LYS B 67 -9.88 16.17 -25.22
C LYS B 67 -9.37 17.57 -25.59
N PRO B 68 -8.86 17.74 -26.84
CA PRO B 68 -8.22 18.98 -27.30
C PRO B 68 -8.97 20.30 -27.09
N ALA B 69 -10.30 20.27 -27.13
CA ALA B 69 -11.15 21.47 -26.98
C ALA B 69 -10.94 22.22 -25.66
N GLY B 70 -10.70 21.48 -24.58
CA GLY B 70 -10.41 22.06 -23.27
C GLY B 70 -9.10 22.85 -23.21
N HIS B 71 -8.11 22.45 -24.01
CA HIS B 71 -6.77 23.02 -23.97
C HIS B 71 -6.49 23.98 -25.14
N ASP B 72 -5.59 24.92 -24.90
CA ASP B 72 -5.09 25.83 -25.93
C ASP B 72 -3.56 25.80 -25.91
N TYR B 73 -3.01 24.78 -26.57
CA TYR B 73 -1.56 24.58 -26.62
C TYR B 73 -0.92 25.39 -27.76
N GLN B 74 0.26 25.94 -27.47
CA GLN B 74 1.06 26.70 -28.44
C GLN B 74 2.54 26.48 -28.19
N VAL B 75 3.28 26.20 -29.25
CA VAL B 75 4.74 26.06 -29.17
C VAL B 75 5.42 27.16 -29.97
N GLY B 76 6.67 27.45 -29.62
CA GLY B 76 7.47 28.48 -30.29
C GLY B 76 8.96 28.21 -30.28
N ILE B 77 9.68 28.99 -31.10
CA ILE B 77 11.13 28.92 -31.22
C ILE B 77 11.72 30.28 -30.85
N PHE B 78 12.74 30.28 -29.99
CA PHE B 78 13.42 31.48 -29.53
C PHE B 78 14.86 31.45 -29.99
N ASN B 79 15.28 32.49 -30.72
CA ASN B 79 16.67 32.63 -31.17
C ASN B 79 17.49 33.28 -30.08
N ARG B 80 18.56 32.62 -29.64
CA ARG B 80 19.41 33.12 -28.57
C ARG B 80 20.40 34.20 -29.05
N SER B 81 20.77 34.16 -30.34
CA SER B 81 21.68 35.15 -30.95
C SER B 81 21.03 36.53 -31.06
N THR B 82 19.87 36.57 -31.71
CA THR B 82 19.07 37.81 -31.83
C THR B 82 18.27 38.13 -30.56
N ASP B 83 18.13 37.15 -29.68
CA ASP B 83 17.44 37.29 -28.38
C ASP B 83 15.94 37.63 -28.54
N GLU B 84 15.34 37.11 -29.61
CA GLU B 84 13.93 37.37 -29.93
C GLU B 84 13.20 36.12 -30.44
N ILE B 85 11.87 36.21 -30.43
CA ILE B 85 10.98 35.12 -30.83
C ILE B 85 10.97 35.00 -32.36
N MET B 86 11.24 33.81 -32.86
CA MET B 86 11.26 33.53 -34.31
C MET B 86 9.86 33.21 -34.85
N GLY B 87 9.08 32.46 -34.08
CA GLY B 87 7.71 32.12 -34.46
C GLY B 87 6.93 31.41 -33.37
N VAL B 88 5.60 31.41 -33.55
CA VAL B 88 4.66 30.73 -32.65
C VAL B 88 3.52 30.14 -33.48
N ARG B 89 3.10 28.93 -33.12
CA ARG B 89 1.95 28.27 -33.75
C ARG B 89 1.09 27.52 -32.74
N GLU B 90 -0.21 27.48 -33.00
CA GLU B 90 -1.15 26.65 -32.23
C GLU B 90 -0.99 25.17 -32.58
N VAL B 91 -1.12 24.30 -31.58
CA VAL B 91 -1.13 22.86 -31.81
C VAL B 91 -2.54 22.45 -32.30
N ASP B 92 -2.60 21.98 -33.55
CA ASP B 92 -3.85 21.52 -34.15
C ASP B 92 -3.98 20.02 -33.91
N PHE B 93 -5.11 19.62 -33.32
CA PHE B 93 -5.42 18.21 -33.04
C PHE B 93 -6.49 17.65 -33.97
N SER B 94 -6.95 18.45 -34.94
CA SER B 94 -8.13 18.10 -35.77
C SER B 94 -7.96 16.85 -36.63
N THR B 95 -6.74 16.57 -37.09
CA THR B 95 -6.47 15.33 -37.84
C THR B 95 -6.45 14.05 -36.98
N PHE B 96 -6.41 14.21 -35.65
CA PHE B 96 -6.23 13.09 -34.70
C PHE B 96 -7.49 12.68 -33.92
N VAL B 97 -8.57 13.43 -34.07
CA VAL B 97 -9.74 13.35 -33.17
C VAL B 97 -10.93 12.58 -33.77
N ASP B 98 -11.67 11.87 -32.93
CA ASP B 98 -12.88 11.15 -33.35
C ASP B 98 -14.11 12.09 -33.44
N GLU B 99 -15.25 11.55 -33.85
CA GLU B 99 -16.47 12.37 -34.02
C GLU B 99 -16.93 13.08 -32.74
N ASP B 100 -16.77 12.41 -31.59
CA ASP B 100 -17.15 12.96 -30.28
C ASP B 100 -16.19 14.01 -29.72
N GLY B 101 -14.98 14.12 -30.28
CA GLY B 101 -14.01 15.15 -29.87
C GLY B 101 -12.87 14.70 -28.98
N TYR B 102 -12.59 13.39 -28.94
CA TYR B 102 -11.60 12.79 -28.05
C TYR B 102 -10.44 12.12 -28.79
N MET B 103 -9.34 11.88 -28.07
CA MET B 103 -8.23 11.03 -28.55
C MET B 103 -7.99 9.92 -27.54
N TYR B 104 -7.39 8.82 -27.99
CA TYR B 104 -7.29 7.59 -27.17
C TYR B 104 -5.87 7.01 -26.96
N ASP B 105 -4.83 7.78 -27.27
CA ASP B 105 -3.44 7.34 -27.10
C ASP B 105 -2.58 8.59 -26.85
N TYR B 106 -1.69 8.55 -25.85
CA TYR B 106 -0.77 9.69 -25.56
C TYR B 106 0.41 9.75 -26.51
N VAL B 107 0.61 8.70 -27.29
CA VAL B 107 1.54 8.74 -28.43
C VAL B 107 1.04 9.78 -29.43
N ASP B 108 -0.25 9.67 -29.80
CA ASP B 108 -0.88 10.62 -30.73
C ASP B 108 -0.88 12.07 -30.23
N VAL B 109 -1.05 12.27 -28.93
CA VAL B 109 -0.94 13.60 -28.31
C VAL B 109 0.49 14.13 -28.48
N GLY B 110 1.46 13.24 -28.31
CA GLY B 110 2.87 13.56 -28.56
C GLY B 110 3.17 13.84 -30.02
N THR B 111 2.60 13.03 -30.90
CA THR B 111 2.76 13.18 -32.35
C THR B 111 2.23 14.53 -32.84
N ALA B 112 1.07 14.94 -32.35
CA ALA B 112 0.43 16.20 -32.76
C ALA B 112 1.23 17.43 -32.34
N ILE B 113 1.82 17.38 -31.15
CA ILE B 113 2.71 18.45 -30.67
C ILE B 113 4.02 18.45 -31.48
N ASN B 114 4.46 17.26 -31.90
CA ASN B 114 5.67 17.10 -32.73
C ASN B 114 5.51 17.73 -34.12
N GLU B 115 4.39 17.43 -34.77
CA GLU B 115 4.09 17.94 -36.12
C GLU B 115 3.90 19.46 -36.16
N THR B 116 3.35 20.02 -35.09
CA THR B 116 3.29 21.48 -34.92
C THR B 116 4.69 22.08 -34.76
N LEU B 117 5.54 21.39 -34.02
CA LEU B 117 6.92 21.83 -33.79
C LEU B 117 7.81 21.66 -35.02
N ALA B 118 7.60 20.59 -35.78
CA ALA B 118 8.32 20.35 -37.04
C ALA B 118 7.92 21.34 -38.14
N GLY B 119 6.62 21.63 -38.23
CA GLY B 119 6.09 22.61 -39.17
C GLY B 119 6.57 24.03 -38.96
N LEU B 120 6.70 24.44 -37.70
CA LEU B 120 7.22 25.77 -37.35
C LEU B 120 8.74 25.90 -37.62
N CYS B 121 9.46 24.79 -37.62
CA CYS B 121 10.88 24.75 -37.97
C CYS B 121 11.16 24.42 -39.45
N ASP B 122 10.13 24.44 -40.30
CA ASP B 122 10.25 24.07 -41.72
C ASP B 122 11.19 25.02 -42.48
N GLY B 123 10.90 26.32 -42.36
CA GLY B 123 11.70 27.37 -43.01
C GLY B 123 12.89 27.89 -42.22
N ILE B 124 12.85 27.76 -40.90
CA ILE B 124 13.75 28.52 -40.00
C ILE B 124 15.04 27.77 -39.64
N ILE B 125 14.95 26.46 -39.46
CA ILE B 125 16.06 25.63 -38.96
C ILE B 125 16.31 24.46 -39.92
N GLY B 126 17.57 24.03 -40.00
CA GLY B 126 17.98 22.93 -40.88
C GLY B 126 17.43 21.60 -40.41
N GLU B 127 17.25 20.68 -41.37
CA GLU B 127 16.59 19.37 -41.15
C GLU B 127 17.15 18.56 -39.97
N GLU B 128 18.47 18.55 -39.83
CA GLU B 128 19.16 17.71 -38.84
C GLU B 128 18.96 18.14 -37.38
N ASP B 129 18.75 19.43 -37.15
CA ASP B 129 18.60 19.99 -35.79
C ASP B 129 17.15 20.18 -35.32
N ILE B 130 16.18 19.84 -36.17
CA ILE B 130 14.76 19.94 -35.80
C ILE B 130 14.51 19.05 -34.58
N PRO B 131 13.96 19.65 -33.49
CA PRO B 131 13.72 18.89 -32.25
C PRO B 131 12.50 17.97 -32.36
N VAL B 132 12.54 16.86 -31.62
CA VAL B 132 11.47 15.87 -31.60
C VAL B 132 10.88 15.81 -30.19
N PHE B 133 9.55 15.88 -30.13
CA PHE B 133 8.78 15.76 -28.90
C PHE B 133 7.95 14.48 -29.02
N SER B 134 8.20 13.52 -28.14
CA SER B 134 7.50 12.22 -28.16
C SER B 134 7.02 11.79 -26.78
N PHE B 135 6.25 10.69 -26.77
CA PHE B 135 5.78 10.05 -25.55
C PHE B 135 6.50 8.71 -25.41
N ASN B 136 7.12 8.49 -24.26
CA ASN B 136 7.72 7.21 -23.92
C ASN B 136 6.62 6.26 -23.37
N LYS B 137 6.43 5.12 -24.04
CA LYS B 137 5.47 4.08 -23.57
C LYS B 137 5.93 3.44 -22.26
N HIS B 138 7.24 3.25 -22.12
CA HIS B 138 7.84 2.57 -20.98
C HIS B 138 7.65 3.35 -19.68
N SER B 139 8.07 4.61 -19.68
CA SER B 139 8.09 5.44 -18.46
C SER B 139 6.86 6.35 -18.24
N LYS B 140 5.93 6.36 -19.20
CA LYS B 140 4.75 7.24 -19.19
C LYS B 140 5.09 8.75 -19.06
N LYS B 141 6.23 9.13 -19.64
CA LYS B 141 6.75 10.48 -19.58
C LYS B 141 7.08 10.96 -20.99
N PHE B 142 6.78 12.23 -21.25
CA PHE B 142 7.12 12.84 -22.53
C PHE B 142 8.60 13.21 -22.56
N GLU B 143 9.19 13.20 -23.76
CA GLU B 143 10.63 13.42 -23.96
C GLU B 143 10.89 14.41 -25.08
N ILE B 144 12.01 15.11 -24.99
CA ILE B 144 12.45 16.07 -26.01
C ILE B 144 13.86 15.69 -26.49
N THR B 145 13.94 15.20 -27.72
CA THR B 145 15.20 14.82 -28.35
C THR B 145 15.77 16.00 -29.13
N THR B 146 17.04 16.35 -28.87
CA THR B 146 17.70 17.52 -29.49
C THR B 146 19.17 17.30 -29.79
N THR B 147 19.65 17.99 -30.82
CA THR B 147 21.07 18.09 -31.13
C THR B 147 21.72 19.17 -30.26
N GLU B 148 23.02 19.06 -30.05
CA GLU B 148 23.78 20.06 -29.28
C GLU B 148 23.84 21.41 -29.99
N ASN B 149 23.87 21.38 -31.33
CA ASN B 149 23.90 22.59 -32.14
C ASN B 149 22.63 23.44 -31.97
N PHE B 150 21.49 22.77 -31.83
CA PHE B 150 20.20 23.42 -31.53
C PHE B 150 20.22 24.10 -30.15
N ARG B 151 20.67 23.35 -29.14
CA ARG B 151 20.69 23.83 -27.74
C ARG B 151 21.51 25.12 -27.52
N ASN B 152 22.57 25.30 -28.30
CA ASN B 152 23.36 26.53 -28.27
C ASN B 152 22.59 27.67 -28.94
N GLY B 153 22.12 27.39 -30.15
CA GLY B 153 21.40 28.38 -30.96
C GLY B 153 20.06 28.82 -30.40
N HIS B 154 19.23 27.87 -29.99
CA HIS B 154 17.82 28.13 -29.71
C HIS B 154 17.26 27.45 -28.46
N PHE B 155 16.03 27.86 -28.11
CA PHE B 155 15.21 27.24 -27.07
C PHE B 155 13.84 26.89 -27.65
N ILE B 156 13.18 25.89 -27.05
CA ILE B 156 11.76 25.62 -27.33
C ILE B 156 10.90 26.42 -26.35
N MET B 157 9.79 26.96 -26.86
CA MET B 157 8.86 27.75 -26.05
C MET B 157 7.53 27.01 -25.84
N PHE B 158 7.06 27.01 -24.59
CA PHE B 158 5.73 26.50 -24.22
C PHE B 158 4.89 27.67 -23.73
N ASN B 159 3.65 27.78 -24.20
CA ASN B 159 2.68 28.72 -23.60
C ASN B 159 2.20 28.16 -22.24
N ASP B 160 1.42 28.95 -21.50
CA ASP B 160 1.08 28.58 -20.11
C ASP B 160 0.29 27.27 -19.99
N ASP B 161 -0.61 26.99 -20.92
CA ASP B 161 -1.34 25.72 -20.92
C ASP B 161 -0.40 24.52 -21.09
N MET B 162 0.57 24.64 -21.99
CA MET B 162 1.62 23.63 -22.17
C MET B 162 2.52 23.51 -20.94
N ARG B 163 2.91 24.66 -20.39
CA ARG B 163 3.67 24.75 -19.14
C ARG B 163 3.02 23.99 -17.97
N VAL B 164 1.73 24.23 -17.73
CA VAL B 164 1.01 23.58 -16.62
C VAL B 164 0.85 22.08 -16.87
N ASP B 165 0.38 21.71 -18.05
CA ASP B 165 0.14 20.29 -18.37
C ASP B 165 1.41 19.45 -18.51
N PHE B 166 2.53 20.07 -18.86
CA PHE B 166 3.83 19.37 -18.95
C PHE B 166 4.84 19.96 -17.95
N ASN B 167 4.35 20.21 -16.73
CA ASN B 167 5.10 20.98 -15.71
C ASN B 167 6.38 20.38 -15.16
N SER B 168 6.56 19.07 -15.30
CA SER B 168 7.73 18.38 -14.75
C SER B 168 9.04 18.52 -15.55
N PHE B 169 8.98 19.14 -16.74
CA PHE B 169 10.19 19.69 -17.38
C PHE B 169 10.69 20.90 -16.56
N GLU B 170 11.90 21.36 -16.87
CA GLU B 170 12.49 22.55 -16.23
C GLU B 170 12.19 23.80 -17.07
N PHE B 171 11.69 24.85 -16.44
CA PHE B 171 11.18 26.04 -17.16
C PHE B 171 11.80 27.37 -16.73
N ASP B 172 11.80 28.32 -17.67
CA ASP B 172 12.34 29.66 -17.49
C ASP B 172 11.43 30.64 -18.23
N ASP B 173 10.75 31.52 -17.50
CA ASP B 173 9.78 32.44 -18.08
C ASP B 173 10.47 33.63 -18.74
N ILE B 174 10.02 34.01 -19.93
CA ILE B 174 10.50 35.23 -20.64
C ILE B 174 9.48 36.38 -20.67
N ASP B 175 8.20 36.05 -20.84
CA ASP B 175 7.11 37.03 -20.77
C ASP B 175 5.91 36.40 -20.06
N GLU B 176 4.80 37.13 -19.98
CA GLU B 176 3.63 36.67 -19.21
C GLU B 176 2.80 35.50 -19.81
N GLU B 177 3.12 35.09 -21.05
CA GLU B 177 2.50 33.91 -21.69
C GLU B 177 3.48 32.73 -21.93
N TYR B 178 4.66 33.03 -22.50
CA TYR B 178 5.60 31.99 -22.95
C TYR B 178 6.77 31.71 -21.98
N SER B 179 7.25 30.47 -22.01
CA SER B 179 8.38 30.02 -21.16
C SER B 179 9.36 29.17 -21.98
N LEU B 180 10.64 29.29 -21.66
CA LEU B 180 11.71 28.52 -22.31
C LEU B 180 11.89 27.17 -21.65
N VAL B 181 12.01 26.12 -22.46
CA VAL B 181 12.33 24.77 -21.97
C VAL B 181 13.85 24.61 -21.90
N ILE B 182 14.38 24.51 -20.68
CA ILE B 182 15.83 24.35 -20.46
C ILE B 182 16.24 22.92 -20.80
N LEU B 183 17.26 22.79 -21.66
CA LEU B 183 17.72 21.50 -22.19
C LEU B 183 19.26 21.40 -22.17
N ASN B 184 19.78 20.47 -21.37
CA ASN B 184 21.24 20.24 -21.23
C ASN B 184 21.76 18.92 -21.82
N GLU B 185 20.85 18.01 -22.19
CA GLU B 185 21.22 16.70 -22.73
C GLU B 185 20.50 16.44 -24.05
N ASP B 186 20.95 15.40 -24.76
CA ASP B 186 20.37 14.99 -26.04
C ASP B 186 18.90 14.61 -25.85
N VAL B 187 18.67 13.65 -24.97
CA VAL B 187 17.33 13.19 -24.61
C VAL B 187 16.99 13.66 -23.19
N GLU B 188 16.16 14.69 -23.10
CA GLU B 188 15.64 15.19 -21.81
C GLU B 188 14.21 14.69 -21.58
N THR B 189 13.92 14.31 -20.33
CA THR B 189 12.64 13.71 -19.96
C THR B 189 12.06 14.38 -18.72
N GLN B 190 10.74 14.27 -18.58
CA GLN B 190 10.01 14.79 -17.42
C GLN B 190 10.51 14.18 -16.11
N ASP B 191 10.61 15.02 -15.07
CA ASP B 191 10.96 14.54 -13.71
C ASP B 191 9.91 13.56 -13.15
N ALA B 192 8.67 13.68 -13.61
CA ALA B 192 7.53 12.92 -13.09
C ALA B 192 6.43 12.87 -14.14
N SER B 193 5.65 11.81 -14.09
CA SER B 193 4.50 11.63 -14.98
C SER B 193 3.44 12.69 -14.70
N THR B 194 2.82 13.22 -15.77
CA THR B 194 1.77 14.25 -15.66
C THR B 194 0.48 13.89 -16.42
N LEU B 195 0.19 12.59 -16.54
CA LEU B 195 -0.99 12.11 -17.26
C LEU B 195 -2.30 12.52 -16.59
N GLU B 196 -2.26 12.68 -15.26
CA GLU B 196 -3.36 13.24 -14.47
C GLU B 196 -3.83 14.64 -14.93
N PHE B 197 -2.91 15.44 -15.48
CA PHE B 197 -3.24 16.74 -16.07
C PHE B 197 -3.91 16.66 -17.45
N LEU B 198 -3.74 15.53 -18.15
CA LEU B 198 -4.20 15.37 -19.54
C LEU B 198 -5.58 14.70 -19.65
N THR B 199 -5.86 13.72 -18.79
CA THR B 199 -7.14 13.05 -18.83
C THR B 199 -8.31 14.04 -18.67
N PRO B 200 -9.36 13.89 -19.49
CA PRO B 200 -10.56 14.68 -19.32
C PRO B 200 -11.56 14.07 -18.35
N ILE B 201 -11.36 12.81 -17.98
CA ILE B 201 -12.35 12.06 -17.20
C ILE B 201 -12.24 12.46 -15.73
N SER B 202 -13.32 12.98 -15.17
CA SER B 202 -13.35 13.36 -13.76
C SER B 202 -13.97 12.24 -12.94
N HIS B 203 -15.26 11.98 -13.17
N HIS B 203 -15.26 11.98 -13.16
CA HIS B 203 -16.07 11.04 -12.39
CA HIS B 203 -15.95 10.92 -12.41
C HIS B 203 -16.89 10.13 -13.31
C HIS B 203 -16.94 10.15 -13.26
N ILE B 204 -17.20 8.92 -12.82
CA ILE B 204 -18.17 8.01 -13.47
C ILE B 204 -19.30 7.83 -12.46
N VAL B 205 -20.53 7.98 -12.94
CA VAL B 205 -21.70 8.11 -12.07
C VAL B 205 -22.79 7.13 -12.48
N ILE B 206 -23.56 6.65 -11.49
CA ILE B 206 -24.80 5.92 -11.72
C ILE B 206 -25.97 6.86 -11.41
N GLU B 207 -26.89 6.98 -12.36
CA GLU B 207 -28.09 7.82 -12.22
C GLU B 207 -29.37 7.09 -12.65
N SER B 208 -30.50 7.62 -12.21
CA SER B 208 -31.82 7.00 -12.41
C SER B 208 -32.90 8.05 -12.65
N ASN B 209 -33.73 7.82 -13.66
CA ASN B 209 -34.83 8.72 -14.00
C ASN B 209 -36.01 8.57 -13.03
N ASP B 210 -36.28 7.33 -12.63
CA ASP B 210 -37.55 6.94 -11.99
C ASP B 210 -37.49 6.34 -10.58
N LEU B 211 -36.28 6.11 -10.06
CA LEU B 211 -36.11 5.58 -8.70
C LEU B 211 -36.44 6.66 -7.67
N PRO B 212 -37.38 6.39 -6.74
CA PRO B 212 -37.76 7.40 -5.75
C PRO B 212 -36.70 7.57 -4.66
N VAL B 213 -35.70 8.40 -4.97
CA VAL B 213 -34.53 8.61 -4.13
C VAL B 213 -34.25 10.12 -4.03
N SER B 214 -33.64 10.54 -2.91
CA SER B 214 -33.26 11.94 -2.71
C SER B 214 -32.25 12.41 -3.74
N TYR B 215 -32.47 13.62 -4.25
CA TYR B 215 -31.61 14.24 -5.25
C TYR B 215 -30.49 14.96 -4.52
N GLU B 216 -29.31 15.02 -5.15
CA GLU B 216 -28.20 15.82 -4.63
C GLU B 216 -28.35 17.27 -5.09
N LEU B 217 -27.98 18.22 -4.22
CA LEU B 217 -28.03 19.64 -4.57
C LEU B 217 -26.88 20.00 -5.53
N LEU B 218 -27.21 20.73 -6.60
CA LEU B 218 -26.24 21.12 -7.64
C LEU B 218 -26.15 22.63 -7.76
N PRO B 219 -25.05 23.14 -8.36
CA PRO B 219 -24.95 24.59 -8.60
C PRO B 219 -25.78 25.03 -9.81
N SER B 220 -25.77 26.33 -10.09
CA SER B 220 -26.63 26.91 -11.11
C SER B 220 -26.15 26.54 -12.53
N ILE B 221 -27.09 26.14 -13.38
CA ILE B 221 -26.83 25.86 -14.81
C ILE B 221 -26.42 27.16 -15.54
N SER B 222 -26.96 28.30 -15.06
CA SER B 222 -26.76 29.62 -15.68
C SER B 222 -25.31 30.09 -15.75
N LYS B 223 -25.03 30.85 -16.81
CA LYS B 223 -23.71 31.44 -17.07
C LYS B 223 -23.38 32.59 -16.12
N ASN B 224 -24.41 33.31 -15.65
CA ASN B 224 -24.22 34.57 -14.90
C ASN B 224 -24.59 34.49 -13.41
N THR B 225 -25.82 34.06 -13.11
CA THR B 225 -26.35 34.11 -11.74
C THR B 225 -25.78 33.00 -10.83
N THR B 226 -25.68 33.30 -9.54
CA THR B 226 -25.17 32.38 -8.51
C THR B 226 -26.28 31.51 -7.91
N ILE B 227 -27.46 32.10 -7.69
CA ILE B 227 -28.59 31.41 -7.06
C ILE B 227 -29.04 30.18 -7.88
N SER B 228 -29.42 29.11 -7.17
CA SER B 228 -29.69 27.81 -7.78
C SER B 228 -30.73 26.98 -7.03
N ASP B 229 -31.66 26.38 -7.77
CA ASP B 229 -32.51 25.30 -7.24
C ASP B 229 -32.26 24.00 -8.01
N ASN B 230 -31.13 23.92 -8.72
CA ASN B 230 -30.80 22.78 -9.56
C ASN B 230 -30.46 21.55 -8.70
N THR B 231 -30.95 20.40 -9.15
CA THR B 231 -30.79 19.13 -8.46
C THR B 231 -30.56 18.03 -9.48
N GLY B 232 -30.20 16.84 -8.99
CA GLY B 232 -29.96 15.68 -9.84
C GLY B 232 -29.84 14.39 -9.04
N VAL B 233 -30.21 13.28 -9.66
CA VAL B 233 -30.16 11.96 -9.03
C VAL B 233 -28.81 11.30 -9.34
N PHE B 234 -28.03 11.07 -8.28
CA PHE B 234 -26.77 10.31 -8.35
C PHE B 234 -26.76 9.27 -7.22
N LEU B 235 -26.59 7.99 -7.56
CA LEU B 235 -26.55 6.91 -6.58
C LEU B 235 -25.14 6.60 -6.06
N THR B 236 -24.13 6.84 -6.91
CA THR B 236 -22.73 6.82 -6.50
C THR B 236 -21.90 7.64 -7.48
N ASN B 237 -20.75 8.13 -7.02
CA ASN B 237 -19.79 8.81 -7.91
C ASN B 237 -18.37 8.29 -7.66
N TYR B 238 -17.78 7.71 -8.69
CA TYR B 238 -16.47 7.08 -8.65
C TYR B 238 -15.50 8.06 -9.27
N LYS B 239 -14.52 8.49 -8.49
CA LYS B 239 -13.44 9.33 -9.00
C LYS B 239 -12.48 8.48 -9.84
N TYR B 240 -12.26 8.90 -11.07
CA TYR B 240 -11.39 8.18 -12.01
C TYR B 240 -10.01 8.85 -12.11
N LEU B 241 -8.96 8.04 -12.18
CA LEU B 241 -7.58 8.53 -12.34
C LEU B 241 -6.92 7.73 -13.44
N GLN B 242 -6.25 8.43 -14.37
CA GLN B 242 -5.57 7.77 -15.48
C GLN B 242 -4.15 7.41 -15.06
N GLN B 243 -3.89 6.12 -14.90
CA GLN B 243 -2.63 5.59 -14.38
C GLN B 243 -1.57 5.36 -15.47
N ASN B 244 -2.03 5.10 -16.70
CA ASN B 244 -1.14 4.70 -17.79
C ASN B 244 -1.73 5.10 -19.16
N ASN B 245 -1.29 4.44 -20.24
CA ASN B 245 -1.73 4.75 -21.59
C ASN B 245 -2.79 3.79 -22.13
N GLN B 246 -3.62 3.26 -21.24
CA GLN B 246 -4.60 2.24 -21.60
C GLN B 246 -5.98 2.87 -21.78
N ASP B 247 -6.42 2.94 -23.03
CA ASP B 247 -7.79 3.35 -23.36
C ASP B 247 -8.80 2.27 -22.98
N TYR B 248 -8.42 1.00 -23.13
CA TYR B 248 -9.24 -0.13 -22.68
C TYR B 248 -8.96 -0.42 -21.21
N ASN B 249 -10.04 -0.58 -20.44
CA ASN B 249 -9.97 -0.63 -18.99
C ASN B 249 -10.98 -1.62 -18.40
N SER B 250 -10.65 -2.07 -17.20
CA SER B 250 -11.50 -2.91 -16.39
C SER B 250 -11.55 -2.22 -15.02
N ILE B 251 -12.65 -1.53 -14.75
CA ILE B 251 -12.79 -0.66 -13.59
C ILE B 251 -13.58 -1.35 -12.49
N LEU B 252 -12.90 -1.64 -11.38
CA LEU B 252 -13.52 -2.27 -10.23
C LEU B 252 -13.72 -1.23 -9.12
N PHE B 253 -14.91 -1.22 -8.55
CA PHE B 253 -15.23 -0.38 -7.40
C PHE B 253 -15.79 -1.25 -6.28
N ARG B 254 -15.26 -1.08 -5.08
CA ARG B 254 -15.76 -1.74 -3.89
C ARG B 254 -15.75 -0.76 -2.73
N VAL B 255 -16.84 -0.73 -1.99
CA VAL B 255 -17.01 0.19 -0.86
C VAL B 255 -16.06 -0.21 0.28
N GLU B 256 -15.17 0.71 0.65
CA GLU B 256 -14.38 0.58 1.89
C GLU B 256 -15.29 0.71 3.12
N ASN B 257 -14.76 0.32 4.27
CA ASN B 257 -15.57 0.21 5.51
C ASN B 257 -16.23 1.52 6.01
N SER B 258 -15.48 2.62 6.10
CA SER B 258 -16.05 3.90 6.55
C SER B 258 -17.11 4.36 5.54
N SER B 259 -18.35 3.96 5.77
CA SER B 259 -19.42 3.99 4.76
C SER B 259 -20.31 5.24 4.90
N ASN B 260 -20.14 6.19 3.98
CA ASN B 260 -20.92 7.44 3.98
C ASN B 260 -21.88 7.62 2.79
N LYS B 261 -21.66 6.92 1.67
CA LYS B 261 -22.37 7.23 0.41
C LYS B 261 -23.82 6.73 0.35
N TYR B 262 -24.64 7.19 1.30
CA TYR B 262 -26.04 6.78 1.46
C TYR B 262 -26.99 7.80 0.82
N HIS B 263 -28.12 7.30 0.32
CA HIS B 263 -29.19 8.13 -0.23
C HIS B 263 -30.55 7.67 0.28
N ASN B 264 -31.40 8.63 0.64
CA ASN B 264 -32.70 8.33 1.23
C ASN B 264 -33.66 7.88 0.17
N ILE B 265 -34.33 6.76 0.41
CA ILE B 265 -35.44 6.30 -0.42
C ILE B 265 -36.70 7.00 0.09
N LEU B 266 -37.39 7.69 -0.81
CA LEU B 266 -38.56 8.51 -0.45
C LEU B 266 -39.88 7.71 -0.48
N GLN B 267 -39.97 6.74 -1.38
CA GLN B 267 -41.17 5.90 -1.54
C GLN B 267 -40.79 4.42 -1.53
N THR B 268 -41.48 3.65 -0.70
CA THR B 268 -41.31 2.20 -0.62
C THR B 268 -42.05 1.45 -1.74
N ASN B 269 -43.06 2.11 -2.32
CA ASN B 269 -43.99 1.48 -3.27
C ASN B 269 -43.48 1.52 -4.74
N PHE B 270 -42.58 0.59 -5.06
CA PHE B 270 -42.09 0.42 -6.43
C PHE B 270 -41.54 -0.99 -6.65
N ASN B 271 -41.63 -1.47 -7.89
CA ASN B 271 -41.08 -2.77 -8.29
C ASN B 271 -40.30 -2.70 -9.61
N ARG B 272 -39.89 -1.48 -9.98
CA ARG B 272 -39.32 -1.22 -11.29
C ARG B 272 -38.57 0.11 -11.30
N PHE B 273 -37.33 0.08 -11.76
CA PHE B 273 -36.57 1.32 -11.98
C PHE B 273 -35.43 1.13 -12.97
N ASN B 274 -34.89 2.26 -13.42
CA ASN B 274 -33.76 2.27 -14.35
C ASN B 274 -32.47 2.68 -13.64
N LEU B 275 -31.35 2.15 -14.14
CA LEU B 275 -30.01 2.60 -13.77
C LEU B 275 -29.21 2.84 -15.05
N SER B 276 -28.46 3.94 -15.08
CA SER B 276 -27.62 4.29 -16.23
C SER B 276 -26.25 4.81 -15.78
N PHE B 277 -25.20 4.41 -16.49
CA PHE B 277 -23.84 4.86 -16.21
C PHE B 277 -23.48 6.07 -17.07
N THR B 278 -23.07 7.16 -16.41
CA THR B 278 -22.74 8.42 -17.07
C THR B 278 -21.34 8.88 -16.65
N ILE B 279 -20.55 9.29 -17.65
CA ILE B 279 -19.20 9.83 -17.43
C ILE B 279 -19.29 11.35 -17.38
N TYR B 280 -18.64 11.97 -16.40
CA TYR B 280 -18.49 13.43 -16.32
C TYR B 280 -17.04 13.84 -16.57
N ASP B 281 -16.84 14.86 -17.38
CA ASP B 281 -15.51 15.45 -17.64
C ASP B 281 -15.24 16.65 -16.72
N TYR B 282 -14.01 17.13 -16.74
CA TYR B 282 -13.60 18.30 -15.92
C TYR B 282 -14.29 19.62 -16.29
N ASP B 283 -14.70 19.75 -17.55
CA ASP B 283 -15.55 20.86 -18.01
C ASP B 283 -17.06 20.68 -17.74
N ASN B 284 -17.41 19.72 -16.88
CA ASN B 284 -18.82 19.40 -16.53
C ASN B 284 -19.71 18.84 -17.65
N GLU B 285 -19.15 18.53 -18.81
CA GLU B 285 -19.90 17.95 -19.91
C GLU B 285 -20.09 16.46 -19.67
N LYS B 286 -21.36 16.05 -19.48
CA LYS B 286 -21.68 14.65 -19.21
C LYS B 286 -21.99 13.90 -20.51
N HIS B 287 -21.52 12.66 -20.61
CA HIS B 287 -21.81 11.77 -21.74
C HIS B 287 -21.92 10.32 -21.26
N PRO B 288 -22.70 9.47 -21.96
CA PRO B 288 -22.94 8.13 -21.43
C PRO B 288 -21.79 7.16 -21.65
N LEU B 289 -21.63 6.23 -20.70
CA LEU B 289 -20.73 5.10 -20.84
C LEU B 289 -21.39 4.15 -21.83
N THR B 290 -20.64 3.75 -22.85
CA THR B 290 -21.16 2.94 -23.95
C THR B 290 -20.62 1.51 -23.93
N LEU B 291 -21.40 0.59 -24.49
CA LEU B 291 -21.05 -0.84 -24.54
C LEU B 291 -20.09 -1.16 -25.69
N LEU B 292 -19.17 -2.09 -25.43
CA LEU B 292 -18.43 -2.81 -26.47
C LEU B 292 -19.08 -4.19 -26.57
N PRO B 293 -18.80 -4.93 -27.66
CA PRO B 293 -19.33 -6.30 -27.75
C PRO B 293 -18.85 -7.25 -26.64
N GLN B 294 -17.66 -6.98 -26.13
CA GLN B 294 -17.01 -7.82 -25.13
C GLN B 294 -17.40 -7.45 -23.69
N THR B 295 -18.05 -6.31 -23.51
CA THR B 295 -18.32 -5.75 -22.19
C THR B 295 -19.21 -6.64 -21.33
N VAL B 296 -18.78 -6.83 -20.09
CA VAL B 296 -19.61 -7.37 -19.03
C VAL B 296 -19.67 -6.31 -17.94
N ILE B 297 -20.84 -6.10 -17.37
CA ILE B 297 -21.03 -5.11 -16.32
C ILE B 297 -21.74 -5.79 -15.16
N GLN B 298 -21.26 -5.52 -13.95
CA GLN B 298 -21.82 -6.11 -12.75
C GLN B 298 -22.15 -5.00 -11.77
N LEU B 299 -23.09 -5.28 -10.89
CA LEU B 299 -23.66 -4.27 -10.03
C LEU B 299 -24.30 -4.89 -8.81
N LYS B 300 -24.06 -4.30 -7.66
CA LYS B 300 -24.67 -4.77 -6.41
C LYS B 300 -25.13 -3.56 -5.63
N LEU B 301 -26.41 -3.54 -5.29
CA LEU B 301 -27.02 -2.48 -4.52
C LEU B 301 -27.44 -3.04 -3.17
N LEU B 302 -27.44 -2.18 -2.16
CA LEU B 302 -27.98 -2.53 -0.83
C LEU B 302 -29.07 -1.54 -0.43
N PHE B 303 -30.25 -2.06 -0.11
CA PHE B 303 -31.31 -1.31 0.56
C PHE B 303 -31.25 -1.70 2.04
N GLU B 304 -30.85 -0.74 2.87
CA GLU B 304 -30.61 -0.93 4.32
C GLU B 304 -31.65 -0.12 5.08
N SER B 305 -32.45 -0.78 5.93
CA SER B 305 -33.51 -0.09 6.68
C SER B 305 -32.94 0.70 7.87
N ILE B 306 -33.72 1.67 8.35
CA ILE B 306 -33.32 2.52 9.48
C ILE B 306 -34.20 2.24 10.70
N MET C 5 -36.42 8.14 10.50
CA MET C 5 -35.91 8.72 9.22
C MET C 5 -34.66 9.59 9.44
N LYS C 6 -33.49 8.96 9.36
CA LYS C 6 -32.21 9.65 9.27
C LYS C 6 -32.02 10.21 7.86
N GLN C 7 -31.49 11.42 7.76
CA GLN C 7 -31.45 12.18 6.50
C GLN C 7 -30.02 12.46 6.03
N TYR C 8 -29.78 12.21 4.74
CA TYR C 8 -28.51 12.55 4.08
C TYR C 8 -28.79 13.61 3.01
N ILE C 9 -28.26 14.81 3.22
CA ILE C 9 -28.39 15.91 2.27
C ILE C 9 -26.99 16.19 1.73
N TRP C 10 -26.86 16.11 0.40
CA TRP C 10 -25.57 16.24 -0.29
C TRP C 10 -25.56 17.54 -1.09
N LEU C 11 -24.44 18.25 -1.02
CA LEU C 11 -24.27 19.53 -1.71
C LEU C 11 -22.96 19.55 -2.52
N ASN C 12 -23.10 19.64 -3.84
CA ASN C 12 -21.97 19.71 -4.77
C ASN C 12 -21.68 21.15 -5.14
N GLU C 13 -20.42 21.43 -5.47
CA GLU C 13 -20.04 22.75 -5.94
C GLU C 13 -18.73 22.69 -6.75
N THR C 14 -18.61 23.58 -7.73
CA THR C 14 -17.43 23.66 -8.61
C THR C 14 -17.00 25.10 -8.89
N ILE C 15 -15.72 25.27 -9.19
CA ILE C 15 -15.17 26.54 -9.66
C ILE C 15 -14.40 26.26 -10.94
N LYS C 16 -14.88 26.81 -12.05
CA LYS C 16 -14.08 26.93 -13.27
C LYS C 16 -13.32 28.25 -13.21
N SER C 17 -12.20 28.32 -13.92
CA SER C 17 -11.39 29.54 -14.00
C SER C 17 -11.02 29.87 -15.45
N ASN C 18 -10.39 31.03 -15.62
CA ASN C 18 -9.89 31.47 -16.92
C ASN C 18 -8.80 32.54 -16.75
N LYS C 19 -8.23 32.99 -17.87
CA LYS C 19 -7.17 34.00 -17.87
C LYS C 19 -7.63 35.39 -17.39
N GLN C 20 -8.88 35.75 -17.66
CA GLN C 20 -9.44 37.05 -17.24
C GLN C 20 -9.68 37.12 -15.72
N LEU C 21 -10.16 36.01 -15.15
CA LEU C 21 -10.46 35.92 -13.72
C LEU C 21 -9.18 35.83 -12.87
N ALA C 22 -8.26 34.95 -13.26
CA ALA C 22 -7.05 34.64 -12.48
C ALA C 22 -5.81 35.44 -12.88
N GLY C 23 -5.78 35.93 -14.11
CA GLY C 23 -4.60 36.63 -14.65
C GLY C 23 -3.56 35.64 -15.15
N PRO C 24 -2.59 36.12 -15.95
CA PRO C 24 -1.58 35.23 -16.53
C PRO C 24 -0.73 34.55 -15.46
N ARG C 25 -0.59 33.22 -15.53
CA ARG C 25 0.05 32.42 -14.47
C ARG C 25 -0.51 32.65 -13.05
N GLY C 26 -1.77 33.05 -12.98
CA GLY C 26 -2.40 33.41 -11.70
C GLY C 26 -1.82 34.68 -11.07
N SER C 27 -1.43 35.64 -11.91
CA SER C 27 -0.87 36.94 -11.47
C SER C 27 -1.73 37.68 -10.44
N TYR C 28 -3.05 37.64 -10.65
CA TYR C 28 -3.98 38.40 -9.82
C TYR C 28 -4.13 37.83 -8.43
N LYS C 29 -3.83 36.54 -8.28
CA LYS C 29 -3.89 35.82 -7.01
C LYS C 29 -5.28 35.89 -6.38
N ARG C 30 -6.29 35.58 -7.19
CA ARG C 30 -7.68 35.55 -6.74
C ARG C 30 -7.87 34.34 -5.81
N PRO C 31 -8.33 34.57 -4.57
CA PRO C 31 -8.55 33.43 -3.67
C PRO C 31 -9.60 32.44 -4.18
N VAL C 32 -9.37 31.16 -3.89
CA VAL C 32 -10.34 30.11 -4.17
C VAL C 32 -11.49 30.29 -3.20
N SER C 33 -12.64 30.68 -3.73
CA SER C 33 -13.81 30.98 -2.91
C SER C 33 -15.10 30.68 -3.67
N VAL C 34 -16.13 30.30 -2.93
CA VAL C 34 -17.44 30.01 -3.52
C VAL C 34 -18.56 30.52 -2.63
N ASP C 35 -19.54 31.17 -3.25
CA ASP C 35 -20.80 31.50 -2.60
C ASP C 35 -21.84 30.47 -3.01
N ILE C 36 -22.21 29.62 -2.06
CA ILE C 36 -23.37 28.73 -2.21
C ILE C 36 -24.61 29.58 -1.92
N PHE C 37 -25.51 29.67 -2.89
CA PHE C 37 -26.72 30.48 -2.78
C PHE C 37 -27.87 29.70 -3.43
N ARG C 38 -28.94 29.48 -2.66
CA ARG C 38 -30.09 28.67 -3.11
C ARG C 38 -31.45 29.35 -2.95
N SER C 39 -32.46 28.82 -3.63
CA SER C 39 -33.81 29.42 -3.63
C SER C 39 -34.46 29.31 -2.25
N SER C 40 -34.64 28.07 -1.80
CA SER C 40 -35.22 27.79 -0.49
C SER C 40 -34.14 27.34 0.48
N THR C 41 -34.51 27.20 1.75
CA THR C 41 -33.59 26.78 2.81
C THR C 41 -33.07 25.36 2.56
N ILE C 42 -31.80 25.14 2.91
CA ILE C 42 -31.10 23.88 2.64
C ILE C 42 -31.54 22.76 3.59
N LEU C 43 -31.65 23.08 4.88
CA LEU C 43 -31.96 22.11 5.95
C LEU C 43 -33.40 22.24 6.48
N ASP C 44 -33.91 21.16 7.07
CA ASP C 44 -35.19 21.18 7.78
C ASP C 44 -35.02 21.92 9.12
N PRO C 45 -36.04 22.70 9.54
CA PRO C 45 -35.99 23.34 10.85
C PRO C 45 -36.20 22.39 12.04
N ASP C 46 -36.90 21.27 11.82
CA ASP C 46 -37.22 20.32 12.90
C ASP C 46 -36.08 19.38 13.32
N LYS C 47 -35.00 19.31 12.54
CA LYS C 47 -33.88 18.38 12.81
C LYS C 47 -32.58 19.09 13.19
N ASN C 48 -31.66 18.33 13.78
CA ASN C 48 -30.28 18.75 14.03
C ASN C 48 -29.34 18.04 13.07
N TYR C 49 -28.30 18.75 12.63
CA TYR C 49 -27.38 18.25 11.60
C TYR C 49 -25.90 18.31 11.97
N LEU C 50 -25.15 17.36 11.43
CA LEU C 50 -23.69 17.40 11.42
C LEU C 50 -23.25 17.72 10.00
N LEU C 51 -22.11 18.41 9.88
CA LEU C 51 -21.48 18.69 8.59
C LEU C 51 -20.15 17.95 8.48
N ILE C 52 -19.96 17.26 7.34
CA ILE C 52 -18.67 16.64 7.00
C ILE C 52 -18.35 16.89 5.52
N VAL C 53 -17.10 17.23 5.25
CA VAL C 53 -16.59 17.40 3.90
C VAL C 53 -16.24 16.01 3.39
N GLU C 54 -17.11 15.46 2.53
CA GLU C 54 -16.91 14.13 1.95
C GLU C 54 -15.69 14.08 1.00
N GLU C 55 -15.60 15.06 0.09
CA GLU C 55 -14.61 15.02 -0.98
C GLU C 55 -14.32 16.42 -1.54
N PHE C 56 -13.05 16.68 -1.83
CA PHE C 56 -12.67 17.80 -2.68
C PHE C 56 -11.56 17.43 -3.67
N HIS C 57 -11.37 18.29 -4.66
CA HIS C 57 -10.33 18.12 -5.68
C HIS C 57 -9.78 19.48 -6.11
N LEU C 58 -8.49 19.72 -5.83
CA LEU C 58 -7.83 20.97 -6.19
C LEU C 58 -7.02 20.69 -7.46
N HIS C 59 -7.69 20.79 -8.60
CA HIS C 59 -7.12 20.35 -9.86
C HIS C 59 -6.42 21.45 -10.65
N LYS C 60 -5.11 21.28 -10.84
CA LYS C 60 -4.23 22.26 -11.47
C LYS C 60 -4.12 23.57 -10.66
N ILE C 61 -3.35 23.44 -9.59
CA ILE C 61 -2.96 24.57 -8.73
C ILE C 61 -1.44 24.59 -8.60
N ARG C 62 -0.92 25.66 -8.01
CA ARG C 62 0.52 25.79 -7.74
C ARG C 62 0.77 25.96 -6.25
N LEU C 63 1.82 25.31 -5.74
CA LEU C 63 2.20 25.41 -4.34
C LEU C 63 3.70 25.65 -4.20
N PRO C 64 4.11 26.44 -3.19
CA PRO C 64 5.54 26.64 -2.96
C PRO C 64 6.21 25.45 -2.31
N LEU C 65 7.48 25.27 -2.63
CA LEU C 65 8.30 24.17 -2.12
C LEU C 65 9.22 24.56 -0.96
N PHE C 66 9.56 25.85 -0.83
CA PHE C 66 10.53 26.33 0.17
C PHE C 66 10.20 27.77 0.56
N LYS C 67 10.56 28.15 1.79
CA LYS C 67 10.29 29.48 2.35
C LYS C 67 11.48 29.93 3.19
N PRO C 68 12.48 30.61 2.57
CA PRO C 68 13.75 30.97 3.22
C PRO C 68 13.70 31.72 4.56
N ALA C 69 12.63 32.47 4.81
CA ALA C 69 12.50 33.27 6.03
C ALA C 69 12.67 32.44 7.31
N GLY C 70 12.03 31.27 7.35
CA GLY C 70 12.06 30.39 8.52
C GLY C 70 13.36 29.65 8.81
N HIS C 71 14.26 29.60 7.83
CA HIS C 71 15.55 28.89 7.96
C HIS C 71 16.72 29.87 8.09
N ASP C 72 17.70 29.53 8.93
CA ASP C 72 18.92 30.30 9.11
C ASP C 72 20.13 29.42 8.80
N TYR C 73 20.39 29.21 7.52
CA TYR C 73 21.48 28.32 7.09
C TYR C 73 22.82 29.04 7.09
N GLN C 74 23.88 28.26 7.32
CA GLN C 74 25.27 28.72 7.21
C GLN C 74 26.16 27.55 6.79
N VAL C 75 26.96 27.76 5.75
CA VAL C 75 28.01 26.80 5.38
C VAL C 75 29.37 27.32 5.86
N GLY C 76 30.38 26.45 5.82
CA GLY C 76 31.73 26.80 6.22
C GLY C 76 32.76 25.82 5.70
N ILE C 77 34.04 26.16 5.88
CA ILE C 77 35.14 25.29 5.46
C ILE C 77 36.17 25.16 6.57
N PHE C 78 36.54 23.92 6.86
CA PHE C 78 37.42 23.55 7.97
C PHE C 78 38.67 22.89 7.41
N ASN C 79 39.81 23.51 7.65
CA ASN C 79 41.11 22.98 7.20
C ASN C 79 41.60 21.92 8.19
N ARG C 80 42.11 20.81 7.67
CA ARG C 80 42.63 19.73 8.53
C ARG C 80 44.01 20.05 9.06
N SER C 81 44.91 20.48 8.17
CA SER C 81 46.32 20.75 8.53
C SER C 81 46.45 21.75 9.68
N THR C 82 45.89 22.95 9.52
CA THR C 82 45.87 23.95 10.60
C THR C 82 44.86 23.58 11.71
N ASP C 83 43.84 22.81 11.36
CA ASP C 83 42.81 22.30 12.28
C ASP C 83 41.93 23.44 12.84
N GLU C 84 41.57 24.36 11.93
CA GLU C 84 40.85 25.59 12.28
C GLU C 84 39.78 25.92 11.23
N ILE C 85 38.80 26.72 11.64
CA ILE C 85 37.75 27.21 10.74
C ILE C 85 38.38 28.31 9.86
N MET C 86 38.22 28.17 8.54
CA MET C 86 38.73 29.15 7.59
C MET C 86 37.73 30.25 7.28
N GLY C 87 36.47 29.87 7.06
CA GLY C 87 35.40 30.84 6.78
C GLY C 87 34.00 30.30 7.01
N VAL C 88 33.07 31.22 7.26
CA VAL C 88 31.65 30.90 7.44
C VAL C 88 30.82 32.03 6.81
N ARG C 89 29.77 31.65 6.07
CA ARG C 89 28.85 32.60 5.43
C ARG C 89 27.40 32.13 5.51
N GLU C 90 26.48 33.08 5.62
CA GLU C 90 25.04 32.79 5.57
C GLU C 90 24.61 32.54 4.13
N VAL C 91 23.69 31.58 3.95
CA VAL C 91 23.12 31.32 2.63
C VAL C 91 22.06 32.41 2.34
N ASP C 92 22.24 33.10 1.22
CA ASP C 92 21.36 34.19 0.82
C ASP C 92 20.41 33.70 -0.27
N PHE C 93 19.11 33.72 0.02
CA PHE C 93 18.07 33.32 -0.93
C PHE C 93 17.37 34.49 -1.64
N SER C 94 17.77 35.73 -1.31
CA SER C 94 17.10 36.95 -1.80
C SER C 94 16.97 37.04 -3.32
N THR C 95 17.97 36.52 -4.04
CA THR C 95 17.97 36.53 -5.53
C THR C 95 17.11 35.43 -6.19
N PHE C 96 16.56 34.52 -5.40
CA PHE C 96 15.75 33.39 -5.91
C PHE C 96 14.25 33.44 -5.56
N VAL C 97 13.86 34.40 -4.73
CA VAL C 97 12.55 34.40 -4.07
C VAL C 97 11.53 35.27 -4.82
N ASP C 98 10.25 34.88 -4.76
CA ASP C 98 9.14 35.65 -5.35
C ASP C 98 8.65 36.75 -4.38
N GLU C 99 7.60 37.49 -4.78
CA GLU C 99 6.99 38.54 -3.95
C GLU C 99 6.64 38.11 -2.52
N ASP C 100 5.92 37.00 -2.40
CA ASP C 100 5.40 36.54 -1.11
C ASP C 100 6.42 35.87 -0.16
N GLY C 101 7.64 35.63 -0.63
CA GLY C 101 8.72 35.05 0.19
C GLY C 101 9.03 33.57 -0.03
N TYR C 102 8.60 33.02 -1.18
CA TYR C 102 8.66 31.59 -1.47
C TYR C 102 9.54 31.28 -2.67
N MET C 103 10.00 30.02 -2.73
CA MET C 103 10.65 29.44 -3.92
C MET C 103 9.86 28.21 -4.34
N TYR C 104 10.06 27.78 -5.59
CA TYR C 104 9.18 26.79 -6.23
C TYR C 104 9.90 25.59 -6.88
N ASP C 105 11.18 25.41 -6.56
CA ASP C 105 12.01 24.38 -7.19
C ASP C 105 13.20 24.05 -6.27
N TYR C 106 13.36 22.77 -5.93
CA TYR C 106 14.47 22.34 -5.07
C TYR C 106 15.84 22.39 -5.74
N VAL C 107 15.87 22.50 -7.06
CA VAL C 107 17.11 22.77 -7.80
C VAL C 107 17.66 24.13 -7.37
N ASP C 108 16.78 25.14 -7.36
CA ASP C 108 17.14 26.51 -6.95
C ASP C 108 17.62 26.59 -5.50
N VAL C 109 17.03 25.78 -4.62
CA VAL C 109 17.48 25.69 -3.23
C VAL C 109 18.91 25.15 -3.19
N GLY C 110 19.20 24.17 -4.04
CA GLY C 110 20.54 23.63 -4.21
C GLY C 110 21.54 24.61 -4.77
N THR C 111 21.15 25.31 -5.85
CA THR C 111 21.96 26.36 -6.47
C THR C 111 22.37 27.44 -5.46
N ALA C 112 21.38 27.93 -4.69
CA ALA C 112 21.63 28.96 -3.66
C ALA C 112 22.70 28.56 -2.64
N ILE C 113 22.61 27.32 -2.17
CA ILE C 113 23.61 26.78 -1.24
C ILE C 113 24.97 26.67 -1.94
N ASN C 114 24.95 26.34 -3.23
CA ASN C 114 26.17 26.19 -4.04
C ASN C 114 26.93 27.49 -4.25
N GLU C 115 26.21 28.55 -4.62
CA GLU C 115 26.82 29.88 -4.85
C GLU C 115 27.40 30.50 -3.57
N THR C 116 26.75 30.24 -2.43
CA THR C 116 27.28 30.59 -1.11
C THR C 116 28.61 29.87 -0.86
N LEU C 117 28.64 28.58 -1.19
CA LEU C 117 29.82 27.75 -1.02
C LEU C 117 30.94 28.14 -1.98
N ALA C 118 30.58 28.48 -3.22
CA ALA C 118 31.54 28.93 -4.23
C ALA C 118 32.15 30.29 -3.87
N GLY C 119 31.29 31.22 -3.44
CA GLY C 119 31.72 32.53 -2.95
C GLY C 119 32.67 32.48 -1.77
N LEU C 120 32.48 31.51 -0.88
CA LEU C 120 33.35 31.32 0.28
C LEU C 120 34.68 30.65 -0.08
N CYS C 121 34.68 29.85 -1.15
CA CYS C 121 35.92 29.26 -1.71
C CYS C 121 36.71 30.18 -2.66
N ASP C 122 36.17 31.36 -2.96
CA ASP C 122 36.72 32.28 -3.98
C ASP C 122 38.18 32.64 -3.74
N GLY C 123 38.47 33.14 -2.55
CA GLY C 123 39.84 33.53 -2.18
C GLY C 123 40.74 32.40 -1.72
N ILE C 124 40.17 31.41 -1.03
CA ILE C 124 40.96 30.47 -0.21
C ILE C 124 41.34 29.16 -0.93
N ILE C 125 40.46 28.64 -1.77
CA ILE C 125 40.67 27.33 -2.44
C ILE C 125 40.75 27.48 -3.97
N GLY C 126 41.58 26.65 -4.59
CA GLY C 126 41.79 26.66 -6.04
C GLY C 126 40.57 26.16 -6.79
N GLU C 127 40.37 26.69 -8.00
CA GLU C 127 39.11 26.55 -8.74
C GLU C 127 38.69 25.11 -9.06
N GLU C 128 39.66 24.24 -9.34
CA GLU C 128 39.38 22.83 -9.67
C GLU C 128 38.85 21.98 -8.51
N ASP C 129 39.16 22.40 -7.27
CA ASP C 129 38.78 21.65 -6.06
C ASP C 129 37.59 22.25 -5.31
N ILE C 130 36.91 23.25 -5.89
CA ILE C 130 35.73 23.85 -5.28
C ILE C 130 34.58 22.82 -5.32
N PRO C 131 33.96 22.53 -4.15
CA PRO C 131 32.88 21.54 -4.11
C PRO C 131 31.55 22.05 -4.69
N VAL C 132 30.78 21.13 -5.28
CA VAL C 132 29.48 21.45 -5.90
C VAL C 132 28.33 20.80 -5.12
N PHE C 133 27.52 21.65 -4.48
CA PHE C 133 26.26 21.21 -3.87
C PHE C 133 25.17 21.30 -4.94
N SER C 134 24.34 20.26 -5.04
CA SER C 134 23.28 20.21 -6.05
C SER C 134 22.09 19.35 -5.62
N PHE C 135 21.02 19.42 -6.42
CA PHE C 135 19.82 18.59 -6.23
C PHE C 135 19.66 17.64 -7.41
N ASN C 136 19.57 16.36 -7.10
CA ASN C 136 19.33 15.34 -8.12
C ASN C 136 17.82 15.21 -8.40
N LYS C 137 17.41 15.61 -9.60
CA LYS C 137 16.01 15.46 -10.06
C LYS C 137 15.49 14.02 -10.02
N HIS C 138 16.37 13.08 -10.40
CA HIS C 138 16.02 11.66 -10.51
C HIS C 138 15.74 10.99 -9.16
N SER C 139 16.57 11.27 -8.16
CA SER C 139 16.49 10.61 -6.84
C SER C 139 15.80 11.41 -5.73
N LYS C 140 15.47 12.67 -6.01
CA LYS C 140 14.94 13.62 -5.00
C LYS C 140 15.85 13.84 -3.76
N LYS C 141 17.15 13.62 -3.95
CA LYS C 141 18.16 13.73 -2.90
C LYS C 141 19.22 14.71 -3.32
N PHE C 142 19.75 15.48 -2.36
CA PHE C 142 20.82 16.43 -2.62
C PHE C 142 22.16 15.71 -2.60
N GLU C 143 23.07 16.15 -3.47
CA GLU C 143 24.40 15.55 -3.65
C GLU C 143 25.50 16.57 -3.47
N ILE C 144 26.65 16.12 -2.96
CA ILE C 144 27.86 16.91 -2.88
C ILE C 144 28.93 16.22 -3.73
N THR C 145 29.46 16.95 -4.71
CA THR C 145 30.52 16.46 -5.60
C THR C 145 31.85 17.11 -5.20
N THR C 146 32.90 16.29 -5.16
CA THR C 146 34.21 16.68 -4.64
C THR C 146 35.36 15.94 -5.32
N THR C 147 36.53 16.57 -5.34
CA THR C 147 37.78 15.93 -5.78
C THR C 147 38.49 15.29 -4.59
N GLU C 148 39.41 14.39 -4.88
CA GLU C 148 40.16 13.66 -3.85
C GLU C 148 41.10 14.57 -3.04
N ASN C 149 41.70 15.55 -3.73
CA ASN C 149 42.59 16.52 -3.08
C ASN C 149 41.87 17.41 -2.06
N PHE C 150 40.60 17.77 -2.34
CA PHE C 150 39.77 18.54 -1.42
C PHE C 150 39.47 17.75 -0.14
N ARG C 151 39.09 16.49 -0.30
CA ARG C 151 38.74 15.61 0.83
C ARG C 151 39.91 15.35 1.78
N ASN C 152 41.12 15.26 1.24
CA ASN C 152 42.34 15.16 2.04
C ASN C 152 42.63 16.47 2.79
N GLY C 153 42.43 17.59 2.12
CA GLY C 153 42.71 18.92 2.68
C GLY C 153 41.66 19.43 3.65
N HIS C 154 40.42 19.53 3.18
CA HIS C 154 39.35 20.27 3.87
C HIS C 154 38.06 19.47 4.09
N PHE C 155 37.18 20.06 4.90
CA PHE C 155 35.81 19.58 5.09
C PHE C 155 34.81 20.68 4.74
N ILE C 156 33.56 20.27 4.54
CA ILE C 156 32.42 21.20 4.44
C ILE C 156 31.71 21.18 5.79
N MET C 157 31.34 22.36 6.28
CA MET C 157 30.65 22.53 7.57
C MET C 157 29.20 22.93 7.33
N PHE C 158 28.29 22.32 8.10
CA PHE C 158 26.86 22.67 8.11
C PHE C 158 26.54 23.12 9.54
N ASN C 159 25.86 24.26 9.68
CA ASN C 159 25.34 24.69 10.99
C ASN C 159 24.09 23.86 11.36
N ASP C 160 23.51 24.11 12.53
CA ASP C 160 22.46 23.24 13.06
C ASP C 160 21.15 23.23 12.25
N ASP C 161 20.80 24.35 11.60
CA ASP C 161 19.62 24.36 10.71
C ASP C 161 19.86 23.54 9.44
N MET C 162 21.06 23.65 8.86
CA MET C 162 21.46 22.83 7.72
C MET C 162 21.54 21.35 8.11
N ARG C 163 22.21 21.08 9.23
CA ARG C 163 22.31 19.73 9.81
C ARG C 163 20.95 19.02 9.85
N VAL C 164 19.96 19.69 10.43
CA VAL C 164 18.63 19.09 10.63
C VAL C 164 17.93 18.86 9.28
N ASP C 165 17.87 19.89 8.44
CA ASP C 165 17.13 19.79 7.17
C ASP C 165 17.82 18.94 6.10
N PHE C 166 19.12 18.70 6.23
CA PHE C 166 19.85 17.75 5.37
C PHE C 166 20.51 16.65 6.22
N ASN C 167 19.72 16.09 7.13
CA ASN C 167 20.16 15.13 8.15
C ASN C 167 20.70 13.78 7.65
N SER C 168 20.25 13.34 6.49
CA SER C 168 20.64 12.04 5.94
C SER C 168 22.09 11.94 5.37
N PHE C 169 22.83 13.05 5.38
CA PHE C 169 24.31 13.00 5.22
C PHE C 169 24.93 12.47 6.51
N GLU C 170 26.18 11.99 6.41
CA GLU C 170 26.93 11.55 7.59
C GLU C 170 27.65 12.75 8.22
N PHE C 171 27.41 12.96 9.52
CA PHE C 171 27.93 14.14 10.23
C PHE C 171 28.91 13.79 11.35
N ASP C 172 29.70 14.81 11.74
CA ASP C 172 30.67 14.71 12.82
C ASP C 172 30.74 16.07 13.53
N ASP C 173 30.20 16.15 14.74
CA ASP C 173 30.06 17.41 15.46
C ASP C 173 31.39 17.90 16.04
N ILE C 174 31.85 19.07 15.58
CA ILE C 174 33.09 19.71 16.10
C ILE C 174 32.85 20.81 17.13
N ASP C 175 31.62 21.27 17.27
CA ASP C 175 31.32 22.51 17.97
C ASP C 175 29.80 22.63 18.22
N GLU C 176 29.39 23.47 19.18
CA GLU C 176 27.96 23.68 19.53
C GLU C 176 27.03 24.08 18.37
N GLU C 177 27.59 24.67 17.30
CA GLU C 177 26.81 25.06 16.12
C GLU C 177 27.12 24.23 14.87
N TYR C 178 28.41 24.07 14.54
CA TYR C 178 28.83 23.51 13.24
C TYR C 178 29.21 22.02 13.30
N SER C 179 28.95 21.32 12.19
CA SER C 179 29.23 19.88 12.07
C SER C 179 29.90 19.60 10.72
N LEU C 180 30.82 18.63 10.70
CA LEU C 180 31.58 18.28 9.50
C LEU C 180 30.84 17.26 8.63
N VAL C 181 30.80 17.52 7.32
CA VAL C 181 30.22 16.60 6.36
C VAL C 181 31.29 15.59 5.95
N ILE C 182 31.12 14.35 6.40
CA ILE C 182 32.03 13.25 6.06
C ILE C 182 31.81 12.80 4.61
N LEU C 183 32.87 12.90 3.80
CA LEU C 183 32.81 12.54 2.38
C LEU C 183 33.93 11.54 2.03
N ASN C 184 33.54 10.39 1.46
CA ASN C 184 34.49 9.32 1.08
C ASN C 184 34.64 9.04 -0.42
N GLU C 185 33.77 9.63 -1.26
CA GLU C 185 33.77 9.35 -2.71
C GLU C 185 33.52 10.63 -3.51
N ASP C 186 33.74 10.54 -4.83
CA ASP C 186 33.62 11.71 -5.73
C ASP C 186 32.26 12.37 -5.58
N VAL C 187 31.22 11.57 -5.80
CA VAL C 187 29.82 12.01 -5.68
C VAL C 187 29.20 11.32 -4.47
N GLU C 188 28.94 12.08 -3.41
CA GLU C 188 28.26 11.58 -2.20
C GLU C 188 26.82 12.12 -2.14
N THR C 189 25.88 11.24 -1.80
CA THR C 189 24.45 11.56 -1.80
C THR C 189 23.83 11.23 -0.44
N GLN C 190 22.68 11.86 -0.16
CA GLN C 190 21.89 11.57 1.04
C GLN C 190 21.47 10.11 1.07
N ASP C 191 21.42 9.51 2.26
CA ASP C 191 20.88 8.13 2.40
C ASP C 191 19.33 8.06 2.39
N ALA C 192 18.67 9.22 2.43
CA ALA C 192 17.20 9.32 2.43
C ALA C 192 16.72 10.70 1.99
N SER C 193 15.51 10.75 1.41
CA SER C 193 14.90 12.00 0.99
C SER C 193 14.52 12.84 2.22
N THR C 194 14.80 14.15 2.15
CA THR C 194 14.47 15.09 3.25
C THR C 194 13.62 16.30 2.79
N LEU C 195 12.88 16.13 1.70
CA LEU C 195 12.00 17.19 1.20
C LEU C 195 10.89 17.53 2.19
N GLU C 196 10.49 16.56 3.01
CA GLU C 196 9.56 16.78 4.13
C GLU C 196 10.04 17.82 5.16
N PHE C 197 11.36 17.95 5.32
CA PHE C 197 12.00 18.96 6.21
C PHE C 197 12.11 20.37 5.59
N LEU C 198 11.85 20.48 4.29
CA LEU C 198 12.00 21.72 3.53
C LEU C 198 10.67 22.41 3.19
N THR C 199 9.63 21.63 2.92
CA THR C 199 8.32 22.18 2.59
C THR C 199 7.77 23.08 3.70
N PRO C 200 7.36 24.32 3.35
CA PRO C 200 6.75 25.19 4.34
C PRO C 200 5.26 24.90 4.57
N ILE C 201 4.67 24.02 3.75
CA ILE C 201 3.23 23.80 3.76
C ILE C 201 2.86 22.65 4.70
N SER C 202 2.00 22.96 5.66
CA SER C 202 1.55 22.01 6.67
C SER C 202 0.15 21.45 6.38
N HIS C 203 -0.84 22.34 6.36
N HIS C 203 -0.85 22.31 6.38
CA HIS C 203 -2.25 21.98 6.20
CA HIS C 203 -2.22 21.89 6.09
C HIS C 203 -2.92 22.84 5.12
C HIS C 203 -2.98 22.87 5.22
N ILE C 204 -4.01 22.33 4.55
CA ILE C 204 -4.89 23.08 3.65
C ILE C 204 -6.29 22.90 4.22
N VAL C 205 -6.96 24.02 4.43
CA VAL C 205 -8.20 24.08 5.20
C VAL C 205 -9.29 24.70 4.34
N ILE C 206 -10.53 24.25 4.57
CA ILE C 206 -11.74 24.93 4.09
C ILE C 206 -12.36 25.67 5.28
N GLU C 207 -12.54 26.99 5.14
CA GLU C 207 -13.18 27.83 6.18
C GLU C 207 -14.36 28.65 5.63
N SER C 208 -15.17 29.16 6.57
CA SER C 208 -16.38 29.92 6.26
C SER C 208 -16.60 31.04 7.28
N ASN C 209 -16.83 32.25 6.79
CA ASN C 209 -17.13 33.40 7.68
C ASN C 209 -18.61 33.50 8.12
N ASP C 210 -19.53 32.87 7.39
CA ASP C 210 -20.98 33.01 7.65
C ASP C 210 -21.83 31.71 7.73
N LEU C 211 -21.20 30.54 7.73
CA LEU C 211 -21.92 29.27 7.93
C LEU C 211 -22.13 29.07 9.43
N PRO C 212 -23.40 28.92 9.87
CA PRO C 212 -23.62 28.67 11.31
C PRO C 212 -23.16 27.27 11.73
N VAL C 213 -21.87 27.19 12.02
CA VAL C 213 -21.21 25.94 12.37
C VAL C 213 -20.39 26.16 13.65
N SER C 214 -20.20 25.10 14.43
CA SER C 214 -19.43 25.18 15.66
C SER C 214 -17.96 25.48 15.35
N TYR C 215 -17.36 26.36 16.14
CA TYR C 215 -15.98 26.78 15.95
C TYR C 215 -15.08 25.76 16.61
N GLU C 216 -13.85 25.64 16.11
CA GLU C 216 -12.80 24.87 16.79
C GLU C 216 -12.09 25.81 17.78
N LEU C 217 -11.57 25.24 18.87
CA LEU C 217 -10.90 26.01 19.91
C LEU C 217 -9.41 26.14 19.58
N LEU C 218 -8.90 27.36 19.61
CA LEU C 218 -7.52 27.70 19.17
C LEU C 218 -6.64 28.21 20.31
N PRO C 219 -5.29 28.14 20.15
CA PRO C 219 -4.38 28.64 21.17
C PRO C 219 -4.27 30.17 21.19
N SER C 220 -3.46 30.69 22.12
CA SER C 220 -3.37 32.12 22.38
C SER C 220 -2.67 32.91 21.28
N ILE C 221 -3.21 34.10 21.00
CA ILE C 221 -2.68 35.00 19.97
C ILE C 221 -1.44 35.70 20.54
N SER C 222 -1.55 36.19 21.77
CA SER C 222 -0.48 36.93 22.44
C SER C 222 0.70 36.02 22.79
N LYS C 223 1.91 36.53 22.57
CA LYS C 223 3.15 35.81 22.88
C LYS C 223 3.41 35.65 24.38
N ASN C 224 3.01 36.64 25.17
CA ASN C 224 3.27 36.64 26.62
C ASN C 224 2.47 35.58 27.37
N THR C 225 1.14 35.71 27.36
CA THR C 225 0.28 34.85 28.18
C THR C 225 -0.16 33.56 27.47
N THR C 226 -0.44 32.53 28.27
CA THR C 226 -0.87 31.21 27.76
C THR C 226 -2.41 31.11 27.61
N ILE C 227 -3.15 31.82 28.46
CA ILE C 227 -4.63 31.81 28.44
C ILE C 227 -5.17 32.29 27.08
N SER C 228 -6.32 31.73 26.67
CA SER C 228 -6.99 32.16 25.42
C SER C 228 -8.46 31.72 25.32
N ASP C 229 -9.23 32.55 24.62
CA ASP C 229 -10.58 32.20 24.17
C ASP C 229 -10.67 32.33 22.64
N ASN C 230 -9.54 32.10 21.97
CA ASN C 230 -9.44 32.22 20.52
C ASN C 230 -10.18 31.05 19.87
N THR C 231 -10.94 31.36 18.81
CA THR C 231 -11.73 30.36 18.09
C THR C 231 -11.60 30.55 16.58
N GLY C 232 -12.08 29.57 15.82
CA GLY C 232 -12.06 29.61 14.37
C GLY C 232 -12.94 28.56 13.72
N VAL C 233 -13.46 28.89 12.53
CA VAL C 233 -14.30 27.99 11.74
C VAL C 233 -13.41 27.24 10.76
N PHE C 234 -13.34 25.92 10.94
CA PHE C 234 -12.54 25.03 10.13
C PHE C 234 -13.47 23.86 9.75
N LEU C 235 -13.73 23.67 8.46
CA LEU C 235 -14.63 22.59 7.98
C LEU C 235 -13.92 21.27 7.64
N THR C 236 -12.67 21.34 7.20
CA THR C 236 -11.80 20.17 7.11
C THR C 236 -10.33 20.60 7.16
N ASN C 237 -9.48 19.67 7.59
CA ASN C 237 -8.03 19.85 7.68
C ASN C 237 -7.38 18.79 6.83
N TYR C 238 -6.88 19.17 5.66
CA TYR C 238 -6.10 18.26 4.83
C TYR C 238 -4.64 18.49 5.17
N LYS C 239 -3.97 17.44 5.66
CA LYS C 239 -2.53 17.47 5.86
C LYS C 239 -1.84 17.31 4.51
N TYR C 240 -0.90 18.21 4.22
CA TYR C 240 -0.13 18.17 2.99
C TYR C 240 1.27 17.59 3.21
N LEU C 241 1.74 16.82 2.23
CA LEU C 241 3.09 16.27 2.22
C LEU C 241 3.71 16.48 0.83
N GLN C 242 4.93 17.01 0.79
CA GLN C 242 5.65 17.21 -0.46
C GLN C 242 6.38 15.93 -0.84
N GLN C 243 5.90 15.28 -1.90
CA GLN C 243 6.39 13.95 -2.34
C GLN C 243 7.61 14.02 -3.25
N ASN C 244 7.70 15.10 -4.04
CA ASN C 244 8.69 15.23 -5.11
C ASN C 244 8.95 16.72 -5.40
N ASN C 245 9.58 17.02 -6.54
CA ASN C 245 9.93 18.39 -6.90
C ASN C 245 8.88 19.04 -7.84
N GLN C 246 7.59 18.81 -7.56
CA GLN C 246 6.52 19.35 -8.37
C GLN C 246 5.83 20.50 -7.65
N ASP C 247 5.98 21.71 -8.19
CA ASP C 247 5.22 22.87 -7.71
C ASP C 247 3.76 22.83 -8.18
N TYR C 248 3.51 22.31 -9.38
CA TYR C 248 2.15 22.18 -9.89
C TYR C 248 1.55 20.82 -9.49
N ASN C 249 0.39 20.86 -8.85
CA ASN C 249 -0.22 19.69 -8.25
C ASN C 249 -1.71 19.55 -8.57
N SER C 250 -2.20 18.33 -8.36
CA SER C 250 -3.60 17.97 -8.46
C SER C 250 -3.88 17.22 -7.18
N ILE C 251 -4.60 17.85 -6.25
CA ILE C 251 -4.76 17.33 -4.89
C ILE C 251 -6.17 16.79 -4.65
N LEU C 252 -6.28 15.48 -4.55
CA LEU C 252 -7.54 14.80 -4.30
C LEU C 252 -7.67 14.40 -2.81
N PHE C 253 -8.86 14.64 -2.25
CA PHE C 253 -9.22 14.17 -0.91
C PHE C 253 -10.57 13.44 -0.97
N ARG C 254 -10.63 12.28 -0.31
CA ARG C 254 -11.87 11.52 -0.11
C ARG C 254 -11.86 10.95 1.32
N VAL C 255 -12.97 11.09 2.04
CA VAL C 255 -12.99 10.80 3.50
C VAL C 255 -13.08 9.29 3.84
N GLU C 256 -12.04 8.56 3.44
CA GLU C 256 -11.92 7.12 3.78
C GLU C 256 -11.25 6.89 5.14
N ASN C 257 -10.66 7.95 5.71
CA ASN C 257 -9.90 7.88 6.98
C ASN C 257 -10.57 8.65 8.15
N SER C 258 -11.00 9.88 7.91
CA SER C 258 -11.52 10.77 8.96
C SER C 258 -13.03 10.60 9.23
N SER C 259 -13.40 9.41 9.69
CA SER C 259 -14.78 9.09 10.10
C SER C 259 -15.29 10.11 11.14
N ASN C 260 -14.40 10.52 12.04
CA ASN C 260 -14.74 11.49 13.10
C ASN C 260 -14.89 12.96 12.67
N LYS C 261 -14.46 13.35 11.46
CA LYS C 261 -14.38 14.78 11.08
C LYS C 261 -15.74 15.46 10.80
N TYR C 262 -16.53 15.57 11.87
CA TYR C 262 -17.86 16.15 11.85
C TYR C 262 -17.82 17.49 12.60
N HIS C 263 -18.72 18.39 12.22
CA HIS C 263 -18.93 19.66 12.92
C HIS C 263 -20.42 19.90 13.10
N ASN C 264 -20.79 20.44 14.26
CA ASN C 264 -22.20 20.69 14.57
C ASN C 264 -22.70 21.93 13.83
N ILE C 265 -23.86 21.80 13.19
CA ILE C 265 -24.58 22.96 12.64
C ILE C 265 -25.45 23.52 13.77
N LEU C 266 -25.27 24.81 14.06
CA LEU C 266 -25.97 25.47 15.16
C LEU C 266 -27.35 26.02 14.77
N GLN C 267 -27.50 26.45 13.51
CA GLN C 267 -28.76 27.03 13.01
C GLN C 267 -29.21 26.33 11.73
N THR C 268 -30.50 26.06 11.64
CA THR C 268 -31.11 25.36 10.50
C THR C 268 -31.72 26.26 9.42
N ASN C 269 -31.90 27.54 9.74
CA ASN C 269 -32.69 28.46 8.89
C ASN C 269 -31.93 29.14 7.74
N PHE C 270 -30.64 28.86 7.59
CA PHE C 270 -29.80 29.56 6.61
C PHE C 270 -30.09 29.18 5.16
N ASN C 271 -29.70 30.09 4.28
CA ASN C 271 -30.01 30.05 2.85
C ASN C 271 -28.75 30.07 1.96
N ARG C 272 -27.71 30.76 2.41
CA ARG C 272 -26.47 30.88 1.68
C ARG C 272 -25.29 30.95 2.64
N PHE C 273 -24.11 30.61 2.13
CA PHE C 273 -22.86 30.75 2.88
C PHE C 273 -21.66 30.74 1.96
N ASN C 274 -20.52 31.14 2.51
CA ASN C 274 -19.25 31.22 1.79
C ASN C 274 -18.34 30.06 2.20
N LEU C 275 -17.60 29.54 1.23
CA LEU C 275 -16.50 28.60 1.49
C LEU C 275 -15.25 29.15 0.80
N SER C 276 -14.11 29.07 1.49
CA SER C 276 -12.83 29.41 0.89
C SER C 276 -11.73 28.48 1.37
N PHE C 277 -10.73 28.29 0.50
CA PHE C 277 -9.57 27.44 0.77
C PHE C 277 -8.37 28.27 1.23
N THR C 278 -7.74 27.81 2.30
CA THR C 278 -6.65 28.54 2.96
C THR C 278 -5.52 27.57 3.27
N ILE C 279 -4.29 28.03 3.04
CA ILE C 279 -3.10 27.24 3.30
C ILE C 279 -2.46 27.75 4.59
N TYR C 280 -2.18 26.83 5.52
CA TYR C 280 -1.39 27.13 6.73
C TYR C 280 0.03 26.62 6.56
N ASP C 281 1.02 27.49 6.77
CA ASP C 281 2.42 27.09 6.80
C ASP C 281 2.80 26.55 8.19
N TYR C 282 3.99 25.96 8.30
CA TYR C 282 4.48 25.43 9.59
C TYR C 282 4.75 26.49 10.66
N ASP C 283 5.11 27.70 10.24
CA ASP C 283 5.19 28.87 11.15
C ASP C 283 3.81 29.50 11.51
N ASN C 284 2.73 28.81 11.13
CA ASN C 284 1.34 29.18 11.44
C ASN C 284 0.88 30.50 10.79
N GLU C 285 1.59 30.92 9.74
CA GLU C 285 1.21 32.09 8.94
C GLU C 285 0.19 31.65 7.91
N LYS C 286 -0.94 32.33 7.88
CA LYS C 286 -2.06 31.99 7.01
C LYS C 286 -1.94 32.70 5.65
N HIS C 287 -2.21 31.99 4.57
CA HIS C 287 -2.33 32.61 3.22
C HIS C 287 -3.27 31.81 2.33
N PRO C 288 -4.01 32.49 1.41
CA PRO C 288 -5.06 31.81 0.67
C PRO C 288 -4.55 30.96 -0.50
N LEU C 289 -5.30 29.91 -0.81
CA LEU C 289 -5.09 29.15 -2.05
C LEU C 289 -5.60 29.98 -3.24
N THR C 290 -4.75 30.14 -4.26
CA THR C 290 -5.08 31.02 -5.38
C THR C 290 -5.31 30.26 -6.68
N LEU C 291 -6.11 30.85 -7.57
CA LEU C 291 -6.45 30.25 -8.87
C LEU C 291 -5.36 30.45 -9.93
N LEU C 292 -5.23 29.45 -10.80
CA LEU C 292 -4.57 29.59 -12.10
C LEU C 292 -5.68 29.74 -13.15
N PRO C 293 -5.33 30.12 -14.38
CA PRO C 293 -6.34 30.09 -15.45
C PRO C 293 -6.94 28.70 -15.72
N GLN C 294 -6.16 27.65 -15.46
CA GLN C 294 -6.51 26.26 -15.77
C GLN C 294 -7.11 25.50 -14.58
N THR C 295 -7.28 26.17 -13.44
CA THR C 295 -7.72 25.53 -12.20
C THR C 295 -9.18 25.11 -12.27
N VAL C 296 -9.43 23.84 -11.95
CA VAL C 296 -10.77 23.36 -11.66
C VAL C 296 -10.78 22.88 -10.22
N ILE C 297 -11.85 23.23 -9.50
CA ILE C 297 -11.98 22.88 -8.09
C ILE C 297 -13.35 22.24 -7.88
N GLN C 298 -13.34 21.05 -7.27
CA GLN C 298 -14.57 20.30 -6.97
C GLN C 298 -14.67 20.13 -5.46
N LEU C 299 -15.90 19.91 -5.00
CA LEU C 299 -16.22 19.99 -3.57
C LEU C 299 -17.55 19.30 -3.29
N LYS C 300 -17.57 18.46 -2.28
CA LYS C 300 -18.79 17.71 -1.93
C LYS C 300 -18.96 17.74 -0.40
N LEU C 301 -20.11 18.24 0.04
CA LEU C 301 -20.45 18.37 1.44
C LEU C 301 -21.57 17.40 1.80
N LEU C 302 -21.61 16.99 3.06
CA LEU C 302 -22.69 16.14 3.57
C LEU C 302 -23.28 16.75 4.83
N PHE C 303 -24.59 17.03 4.79
CA PHE C 303 -25.34 17.39 5.98
C PHE C 303 -26.08 16.12 6.44
N GLU C 304 -25.62 15.57 7.56
CA GLU C 304 -26.12 14.31 8.11
C GLU C 304 -26.93 14.59 9.38
N SER C 305 -28.21 14.23 9.38
CA SER C 305 -29.10 14.52 10.50
C SER C 305 -28.86 13.56 11.65
N ILE C 306 -29.23 14.00 12.86
CA ILE C 306 -29.13 13.19 14.08
C ILE C 306 -30.56 12.95 14.57
N MET D 5 -28.46 15.44 19.32
CA MET D 5 -27.75 15.92 20.57
C MET D 5 -26.24 15.65 20.68
N LYS D 6 -25.69 14.79 19.80
CA LYS D 6 -24.26 14.50 19.79
C LYS D 6 -23.44 15.75 19.48
N GLN D 7 -22.44 16.00 20.34
CA GLN D 7 -21.63 17.23 20.27
C GLN D 7 -20.16 16.89 19.99
N TYR D 8 -19.54 17.66 19.09
CA TYR D 8 -18.13 17.56 18.74
C TYR D 8 -17.42 18.86 19.11
N ILE D 9 -16.43 18.77 19.98
CA ILE D 9 -15.64 19.94 20.38
C ILE D 9 -14.19 19.64 20.02
N TRP D 10 -13.63 20.49 19.17
CA TRP D 10 -12.28 20.32 18.65
C TRP D 10 -11.34 21.31 19.31
N LEU D 11 -10.24 20.81 19.86
CA LEU D 11 -9.22 21.64 20.49
C LEU D 11 -7.89 21.49 19.77
N ASN D 12 -7.47 22.56 19.08
CA ASN D 12 -6.13 22.63 18.48
C ASN D 12 -5.18 23.25 19.47
N GLU D 13 -3.90 22.88 19.32
CA GLU D 13 -2.83 23.44 20.15
C GLU D 13 -1.49 23.21 19.44
N THR D 14 -0.55 24.14 19.63
CA THR D 14 0.77 24.07 18.97
C THR D 14 1.91 24.47 19.90
N ILE D 15 3.13 24.14 19.48
CA ILE D 15 4.36 24.52 20.18
C ILE D 15 5.37 24.97 19.13
N LYS D 16 5.75 26.24 19.18
CA LYS D 16 6.90 26.76 18.45
C LYS D 16 8.14 26.54 19.35
N SER D 17 9.33 26.50 18.74
CA SER D 17 10.58 26.46 19.50
C SER D 17 11.61 27.45 18.97
N ASN D 18 12.73 27.57 19.68
CA ASN D 18 13.88 28.39 19.27
C ASN D 18 15.16 27.98 20.01
N LYS D 19 16.29 28.58 19.61
CA LYS D 19 17.60 28.29 20.20
C LYS D 19 17.74 28.69 21.68
N GLN D 20 16.97 29.70 22.11
CA GLN D 20 16.99 30.15 23.51
C GLN D 20 16.25 29.16 24.42
N LEU D 21 15.12 28.66 23.93
CA LEU D 21 14.26 27.73 24.67
C LEU D 21 14.85 26.32 24.79
N ALA D 22 15.39 25.79 23.69
CA ALA D 22 15.86 24.40 23.61
C ALA D 22 17.38 24.21 23.74
N GLY D 23 18.16 25.27 23.51
CA GLY D 23 19.62 25.20 23.54
C GLY D 23 20.22 24.61 22.27
N PRO D 24 21.55 24.76 22.07
CA PRO D 24 22.19 24.23 20.85
C PRO D 24 22.04 22.71 20.70
N ARG D 25 21.43 22.28 19.60
CA ARG D 25 21.08 20.86 19.36
C ARG D 25 20.16 20.23 20.42
N GLY D 26 19.34 21.04 21.08
CA GLY D 26 18.46 20.56 22.15
C GLY D 26 19.20 20.19 23.44
N SER D 27 20.30 20.89 23.72
CA SER D 27 21.16 20.59 24.88
C SER D 27 20.45 20.72 26.22
N TYR D 28 19.51 21.65 26.33
CA TYR D 28 18.78 21.88 27.58
C TYR D 28 17.74 20.81 27.92
N LYS D 29 17.41 19.95 26.94
CA LYS D 29 16.48 18.82 27.13
C LYS D 29 15.11 19.27 27.66
N ARG D 30 14.56 20.35 27.08
CA ARG D 30 13.28 20.86 27.53
C ARG D 30 12.15 19.92 27.09
N PRO D 31 11.42 19.30 28.05
CA PRO D 31 10.37 18.37 27.65
C PRO D 31 9.29 19.01 26.82
N VAL D 32 8.77 18.26 25.84
CA VAL D 32 7.64 18.69 25.04
C VAL D 32 6.41 18.66 25.94
N SER D 33 5.91 19.86 26.27
CA SER D 33 4.76 20.02 27.14
C SER D 33 3.93 21.23 26.71
N VAL D 34 2.62 21.19 26.96
CA VAL D 34 1.73 22.30 26.62
C VAL D 34 0.70 22.50 27.72
N ASP D 35 0.56 23.75 28.17
CA ASP D 35 -0.49 24.14 29.09
C ASP D 35 -1.67 24.69 28.30
N ILE D 36 -2.76 23.93 28.27
CA ILE D 36 -4.04 24.39 27.72
C ILE D 36 -4.70 25.16 28.84
N PHE D 37 -5.16 26.37 28.52
CA PHE D 37 -5.74 27.26 29.53
C PHE D 37 -6.71 28.18 28.82
N ARG D 38 -7.97 28.18 29.25
CA ARG D 38 -9.02 28.95 28.59
C ARG D 38 -9.90 29.72 29.58
N SER D 39 -10.46 30.84 29.12
CA SER D 39 -11.20 31.76 29.98
C SER D 39 -12.51 31.18 30.52
N SER D 40 -13.14 30.28 29.76
CA SER D 40 -14.35 29.58 30.20
C SER D 40 -14.12 28.06 30.24
N THR D 41 -15.13 27.32 30.71
CA THR D 41 -15.08 25.85 30.71
C THR D 41 -15.21 25.33 29.27
N ILE D 42 -14.54 24.21 29.02
CA ILE D 42 -14.47 23.60 27.71
C ILE D 42 -15.73 22.78 27.42
N LEU D 43 -16.18 22.00 28.40
CA LEU D 43 -17.31 21.06 28.22
C LEU D 43 -18.59 21.51 28.93
N ASP D 44 -19.73 21.06 28.43
CA ASP D 44 -21.04 21.30 29.06
C ASP D 44 -21.20 20.44 30.33
N PRO D 45 -21.79 21.01 31.40
CA PRO D 45 -21.98 20.24 32.62
C PRO D 45 -23.12 19.21 32.58
N ASP D 46 -24.03 19.33 31.61
CA ASP D 46 -25.16 18.39 31.44
C ASP D 46 -24.79 17.09 30.71
N LYS D 47 -23.67 17.07 30.00
CA LYS D 47 -23.33 15.96 29.09
C LYS D 47 -22.09 15.18 29.52
N ASN D 48 -22.02 13.92 29.08
CA ASN D 48 -20.87 13.03 29.32
C ASN D 48 -20.04 12.90 28.03
N TYR D 49 -18.72 13.01 28.17
CA TYR D 49 -17.80 13.09 27.02
C TYR D 49 -16.76 11.97 26.98
N LEU D 50 -16.34 11.64 25.75
CA LEU D 50 -15.18 10.79 25.48
C LEU D 50 -14.08 11.68 24.94
N LEU D 51 -12.82 11.31 25.17
CA LEU D 51 -11.67 12.02 24.60
C LEU D 51 -10.92 11.10 23.65
N ILE D 52 -10.66 11.61 22.44
CA ILE D 52 -9.79 10.94 21.47
C ILE D 52 -8.82 11.96 20.88
N VAL D 53 -7.59 11.52 20.64
CA VAL D 53 -6.57 12.32 19.96
C VAL D 53 -6.72 12.07 18.47
N GLU D 54 -7.18 13.07 17.73
CA GLU D 54 -7.46 12.94 16.28
C GLU D 54 -6.16 12.91 15.47
N GLU D 55 -5.24 13.83 15.78
CA GLU D 55 -3.91 13.82 15.16
C GLU D 55 -2.85 14.57 15.96
N PHE D 56 -1.59 14.27 15.63
CA PHE D 56 -0.46 15.08 16.05
C PHE D 56 0.66 14.99 15.02
N HIS D 57 1.57 15.95 15.09
CA HIS D 57 2.71 16.01 14.20
C HIS D 57 3.90 16.49 15.00
N LEU D 58 4.91 15.62 15.14
CA LEU D 58 6.14 15.91 15.85
C LEU D 58 7.18 16.25 14.80
N HIS D 59 7.13 17.51 14.37
CA HIS D 59 7.90 17.94 13.22
C HIS D 59 9.29 18.44 13.62
N LYS D 60 10.31 17.78 13.07
CA LYS D 60 11.73 18.04 13.37
C LYS D 60 12.12 17.78 14.82
N ILE D 61 12.33 16.50 15.13
CA ILE D 61 12.78 16.03 16.44
C ILE D 61 13.90 15.02 16.26
N ARG D 62 14.61 14.72 17.35
CA ARG D 62 15.68 13.73 17.33
C ARG D 62 15.28 12.55 18.20
N LEU D 63 15.55 11.34 17.69
CA LEU D 63 15.30 10.08 18.41
C LEU D 63 16.52 9.17 18.36
N PRO D 64 16.79 8.44 19.47
CA PRO D 64 17.92 7.49 19.47
C PRO D 64 17.67 6.20 18.70
N LEU D 65 18.73 5.67 18.10
CA LEU D 65 18.70 4.47 17.26
C LEU D 65 19.19 3.18 17.93
N PHE D 66 19.93 3.32 19.04
CA PHE D 66 20.53 2.18 19.73
C PHE D 66 20.84 2.55 21.17
N LYS D 67 20.70 1.56 22.06
CA LYS D 67 20.87 1.73 23.50
C LYS D 67 21.63 0.52 24.03
N PRO D 68 22.98 0.57 24.04
CA PRO D 68 23.86 -0.55 24.41
C PRO D 68 23.51 -1.31 25.70
N ALA D 69 23.05 -0.60 26.72
CA ALA D 69 22.74 -1.23 28.03
C ALA D 69 21.77 -2.42 27.95
N GLY D 70 20.85 -2.38 27.00
CA GLY D 70 19.90 -3.48 26.77
C GLY D 70 20.49 -4.75 26.19
N HIS D 71 21.62 -4.62 25.50
CA HIS D 71 22.27 -5.73 24.81
C HIS D 71 23.53 -6.20 25.54
N ASP D 72 23.90 -7.46 25.32
CA ASP D 72 25.15 -8.04 25.81
C ASP D 72 25.81 -8.77 24.64
N TYR D 73 26.39 -7.98 23.74
CA TYR D 73 27.02 -8.52 22.56
C TYR D 73 28.41 -9.06 22.87
N GLN D 74 28.81 -10.11 22.14
CA GLN D 74 30.16 -10.68 22.22
C GLN D 74 30.57 -11.25 20.88
N VAL D 75 31.81 -11.00 20.49
CA VAL D 75 32.38 -11.60 19.28
C VAL D 75 33.58 -12.47 19.62
N GLY D 76 33.94 -13.35 18.68
CA GLY D 76 35.01 -14.32 18.90
C GLY D 76 35.64 -14.81 17.61
N ILE D 77 36.76 -15.53 17.77
CA ILE D 77 37.47 -16.14 16.65
C ILE D 77 37.64 -17.64 16.93
N PHE D 78 37.23 -18.44 15.96
CA PHE D 78 37.36 -19.90 16.00
C PHE D 78 38.44 -20.28 15.00
N ASN D 79 39.09 -21.42 15.22
CA ASN D 79 40.14 -21.94 14.33
C ASN D 79 39.68 -23.27 13.71
N ARG D 80 39.96 -23.46 12.42
CA ARG D 80 39.59 -24.69 11.69
C ARG D 80 40.59 -25.83 11.94
N SER D 81 41.87 -25.50 11.94
CA SER D 81 42.95 -26.49 12.15
C SER D 81 42.88 -27.14 13.53
N THR D 82 42.99 -26.34 14.58
CA THR D 82 42.92 -26.84 15.96
C THR D 82 41.48 -27.20 16.42
N ASP D 83 40.48 -26.69 15.71
CA ASP D 83 39.06 -26.95 15.99
C ASP D 83 38.60 -26.46 17.38
N GLU D 84 39.19 -25.34 17.83
CA GLU D 84 38.86 -24.75 19.14
C GLU D 84 38.77 -23.22 19.10
N ILE D 85 38.20 -22.65 20.15
CA ILE D 85 37.98 -21.21 20.27
C ILE D 85 39.30 -20.52 20.59
N MET D 86 39.60 -19.45 19.84
CA MET D 86 40.82 -18.65 20.02
C MET D 86 40.67 -17.53 21.05
N GLY D 87 39.45 -16.98 21.17
CA GLY D 87 39.19 -15.89 22.13
C GLY D 87 37.77 -15.34 22.02
N VAL D 88 37.33 -14.65 23.07
CA VAL D 88 36.01 -13.99 23.13
C VAL D 88 36.15 -12.65 23.86
N ARG D 89 35.48 -11.62 23.33
CA ARG D 89 35.54 -10.26 23.87
C ARG D 89 34.16 -9.62 23.75
N GLU D 90 33.71 -8.97 24.83
CA GLU D 90 32.45 -8.23 24.84
C GLU D 90 32.60 -6.97 23.99
N VAL D 91 31.50 -6.54 23.38
CA VAL D 91 31.49 -5.31 22.60
C VAL D 91 31.35 -4.14 23.55
N ASP D 92 32.34 -3.24 23.52
CA ASP D 92 32.38 -2.07 24.39
C ASP D 92 31.93 -0.82 23.63
N PHE D 93 30.76 -0.30 23.99
CA PHE D 93 30.17 0.90 23.38
C PHE D 93 30.46 2.20 24.15
N SER D 94 31.15 2.09 25.30
CA SER D 94 31.39 3.20 26.23
C SER D 94 31.85 4.54 25.60
N THR D 95 32.76 4.47 24.63
CA THR D 95 33.28 5.68 23.99
C THR D 95 32.27 6.34 23.03
N PHE D 96 31.34 5.55 22.48
CA PHE D 96 30.38 6.01 21.46
C PHE D 96 29.07 6.61 22.00
N VAL D 97 28.79 6.40 23.28
CA VAL D 97 27.48 6.68 23.89
C VAL D 97 27.41 8.11 24.44
N ASP D 98 26.24 8.75 24.36
CA ASP D 98 26.02 10.06 24.98
C ASP D 98 25.71 9.91 26.49
N GLU D 99 25.53 11.02 27.19
CA GLU D 99 25.31 10.98 28.65
C GLU D 99 24.08 10.16 29.09
N ASP D 100 23.02 10.18 28.27
CA ASP D 100 21.75 9.48 28.59
C ASP D 100 21.72 7.98 28.23
N GLY D 101 22.78 7.47 27.60
CA GLY D 101 22.93 6.04 27.33
C GLY D 101 22.66 5.58 25.90
N TYR D 102 22.50 6.54 24.99
CA TYR D 102 22.05 6.27 23.62
C TYR D 102 23.10 6.58 22.53
N MET D 103 22.88 5.98 21.37
CA MET D 103 23.65 6.25 20.15
C MET D 103 22.67 6.59 19.02
N TYR D 104 23.16 7.31 18.01
CA TYR D 104 22.29 7.93 16.99
C TYR D 104 22.64 7.60 15.53
N ASP D 105 23.42 6.55 15.32
CA ASP D 105 23.88 6.18 13.98
C ASP D 105 24.32 4.72 13.94
N TYR D 106 23.73 3.93 13.04
CA TYR D 106 24.11 2.51 12.89
C TYR D 106 25.51 2.29 12.30
N VAL D 107 26.09 3.33 11.71
CA VAL D 107 27.52 3.33 11.34
C VAL D 107 28.39 3.16 12.60
N ASP D 108 28.05 3.90 13.66
CA ASP D 108 28.78 3.83 14.94
C ASP D 108 28.58 2.49 15.66
N VAL D 109 27.37 1.93 15.56
CA VAL D 109 27.11 0.58 16.09
C VAL D 109 27.99 -0.43 15.35
N GLY D 110 28.10 -0.25 14.04
CA GLY D 110 29.00 -1.04 13.20
C GLY D 110 30.48 -0.82 13.48
N THR D 111 30.87 0.42 13.77
CA THR D 111 32.24 0.76 14.12
C THR D 111 32.66 0.10 15.44
N ALA D 112 31.82 0.23 16.46
CA ALA D 112 32.07 -0.35 17.79
C ALA D 112 32.26 -1.86 17.77
N ILE D 113 31.44 -2.55 16.98
CA ILE D 113 31.57 -4.00 16.79
C ILE D 113 32.88 -4.33 16.06
N ASN D 114 33.28 -3.47 15.13
CA ASN D 114 34.53 -3.64 14.37
C ASN D 114 35.79 -3.47 15.22
N GLU D 115 35.80 -2.47 16.09
CA GLU D 115 36.93 -2.22 16.98
C GLU D 115 37.14 -3.36 17.98
N THR D 116 36.04 -3.87 18.51
CA THR D 116 36.07 -5.06 19.38
C THR D 116 36.62 -6.29 18.63
N LEU D 117 36.25 -6.42 17.36
CA LEU D 117 36.72 -7.52 16.51
C LEU D 117 38.20 -7.37 16.11
N ALA D 118 38.58 -6.17 15.70
CA ALA D 118 39.97 -5.86 15.32
C ALA D 118 40.93 -5.96 16.51
N GLY D 119 40.47 -5.51 17.66
CA GLY D 119 41.23 -5.62 18.92
C GLY D 119 41.43 -7.06 19.37
N LEU D 120 40.42 -7.91 19.16
CA LEU D 120 40.52 -9.32 19.51
C LEU D 120 41.50 -10.09 18.61
N CYS D 121 41.55 -9.71 17.34
CA CYS D 121 42.47 -10.32 16.37
C CYS D 121 43.93 -9.83 16.46
N ASP D 122 44.20 -8.80 17.26
CA ASP D 122 45.48 -8.07 17.28
C ASP D 122 46.73 -8.96 17.36
N GLY D 123 46.72 -9.92 18.26
CA GLY D 123 47.83 -10.86 18.43
C GLY D 123 47.81 -12.08 17.51
N ILE D 124 46.61 -12.57 17.18
CA ILE D 124 46.43 -13.92 16.61
C ILE D 124 46.19 -14.00 15.09
N ILE D 125 45.85 -12.89 14.44
CA ILE D 125 45.63 -12.85 12.98
C ILE D 125 46.49 -11.75 12.37
N GLY D 126 47.04 -12.02 11.19
CA GLY D 126 47.87 -11.05 10.46
C GLY D 126 47.06 -9.89 9.90
N GLU D 127 47.72 -8.74 9.75
CA GLU D 127 47.08 -7.44 9.47
C GLU D 127 46.03 -7.44 8.35
N GLU D 128 46.38 -7.99 7.19
CA GLU D 128 45.48 -7.98 6.02
C GLU D 128 44.47 -9.14 5.96
N ASP D 129 44.41 -9.95 7.01
CA ASP D 129 43.35 -10.96 7.20
C ASP D 129 42.40 -10.61 8.35
N ILE D 130 42.51 -9.40 8.90
CA ILE D 130 41.64 -8.92 9.96
C ILE D 130 40.29 -8.61 9.30
N PRO D 131 39.22 -9.31 9.70
CA PRO D 131 37.92 -9.08 9.08
C PRO D 131 37.33 -7.75 9.51
N VAL D 132 36.55 -7.13 8.64
CA VAL D 132 35.94 -5.83 8.88
C VAL D 132 34.41 -5.95 8.90
N PHE D 133 33.81 -5.50 10.01
CA PHE D 133 32.36 -5.45 10.18
C PHE D 133 31.93 -3.99 10.01
N SER D 134 30.96 -3.73 9.13
CA SER D 134 30.50 -2.35 8.85
C SER D 134 29.01 -2.27 8.54
N PHE D 135 28.49 -1.05 8.54
CA PHE D 135 27.08 -0.77 8.19
C PHE D 135 27.00 -0.06 6.85
N ASN D 136 26.23 -0.64 5.93
CA ASN D 136 25.99 -0.09 4.60
C ASN D 136 24.80 0.89 4.64
N LYS D 137 25.04 2.14 4.22
CA LYS D 137 24.00 3.18 4.19
C LYS D 137 22.92 2.92 3.13
N HIS D 138 23.33 2.41 1.96
CA HIS D 138 22.44 2.11 0.83
C HIS D 138 21.33 1.13 1.17
N SER D 139 21.76 -0.06 1.62
CA SER D 139 20.88 -1.21 1.79
C SER D 139 20.31 -1.31 3.20
N LYS D 140 20.82 -0.49 4.12
CA LYS D 140 20.50 -0.56 5.55
C LYS D 140 20.80 -1.95 6.14
N LYS D 141 21.89 -2.55 5.65
CA LYS D 141 22.32 -3.89 6.06
C LYS D 141 23.77 -3.85 6.53
N PHE D 142 24.08 -4.67 7.53
CA PHE D 142 25.45 -4.83 7.99
C PHE D 142 26.16 -5.88 7.13
N GLU D 143 27.45 -5.66 6.90
CA GLU D 143 28.25 -6.50 6.01
C GLU D 143 29.53 -6.94 6.72
N ILE D 144 30.05 -8.09 6.29
CA ILE D 144 31.33 -8.61 6.78
C ILE D 144 32.27 -8.76 5.57
N THR D 145 33.39 -8.02 5.61
CA THR D 145 34.40 -8.06 4.56
C THR D 145 35.61 -8.90 4.99
N THR D 146 35.91 -9.93 4.20
CA THR D 146 36.92 -10.95 4.57
C THR D 146 37.81 -11.36 3.40
N THR D 147 38.98 -11.90 3.74
CA THR D 147 39.90 -12.51 2.76
C THR D 147 39.69 -14.01 2.65
N GLU D 148 40.18 -14.60 1.55
CA GLU D 148 39.94 -16.02 1.25
C GLU D 148 40.69 -16.98 2.17
N ASN D 149 41.90 -16.61 2.60
CA ASN D 149 42.67 -17.44 3.53
C ASN D 149 42.13 -17.38 4.98
N PHE D 150 41.50 -16.26 5.35
CA PHE D 150 40.78 -16.15 6.62
C PHE D 150 39.62 -17.13 6.68
N ARG D 151 38.79 -17.13 5.65
CA ARG D 151 37.67 -18.09 5.52
C ARG D 151 38.08 -19.57 5.57
N ASN D 152 39.25 -19.88 5.05
CA ASN D 152 39.80 -21.25 5.10
C ASN D 152 40.39 -21.58 6.47
N GLY D 153 41.04 -20.59 7.10
CA GLY D 153 41.68 -20.77 8.40
C GLY D 153 40.75 -20.69 9.60
N HIS D 154 39.88 -19.69 9.61
CA HIS D 154 39.10 -19.28 10.81
C HIS D 154 37.63 -18.99 10.52
N PHE D 155 36.87 -18.83 11.60
CA PHE D 155 35.48 -18.35 11.56
C PHE D 155 35.31 -17.17 12.53
N ILE D 156 34.31 -16.34 12.25
CA ILE D 156 33.87 -15.31 13.21
C ILE D 156 32.76 -15.91 14.06
N MET D 157 32.78 -15.60 15.36
CA MET D 157 31.76 -16.07 16.32
C MET D 157 30.87 -14.93 16.78
N PHE D 158 29.56 -15.19 16.81
CA PHE D 158 28.57 -14.31 17.44
C PHE D 158 27.97 -15.08 18.62
N ASN D 159 27.78 -14.42 19.75
CA ASN D 159 26.99 -14.98 20.85
C ASN D 159 25.50 -14.84 20.51
N ASP D 160 24.62 -15.28 21.41
CA ASP D 160 23.18 -15.33 21.10
C ASP D 160 22.52 -13.97 20.87
N ASP D 161 22.95 -12.93 21.60
CA ASP D 161 22.40 -11.59 21.39
C ASP D 161 22.79 -11.01 20.03
N MET D 162 24.04 -11.20 19.63
CA MET D 162 24.52 -10.86 18.29
C MET D 162 23.82 -11.69 17.23
N ARG D 163 23.73 -12.99 17.48
CA ARG D 163 23.00 -13.93 16.61
C ARG D 163 21.59 -13.40 16.32
N VAL D 164 20.80 -13.14 17.36
CA VAL D 164 19.40 -12.72 17.21
C VAL D 164 19.25 -11.34 16.53
N ASP D 165 19.99 -10.34 17.02
CA ASP D 165 19.85 -8.96 16.52
C ASP D 165 20.37 -8.76 15.09
N PHE D 166 21.35 -9.58 14.69
CA PHE D 166 21.84 -9.63 13.31
C PHE D 166 21.52 -11.01 12.73
N ASN D 167 20.23 -11.37 12.75
CA ASN D 167 19.76 -12.73 12.44
C ASN D 167 19.77 -13.17 10.98
N SER D 168 19.82 -12.21 10.07
CA SER D 168 19.71 -12.50 8.63
C SER D 168 21.03 -12.90 7.94
N PHE D 169 22.14 -12.97 8.69
CA PHE D 169 23.32 -13.73 8.26
C PHE D 169 23.01 -15.23 8.35
N GLU D 170 23.89 -16.06 7.82
CA GLU D 170 23.76 -17.51 7.91
C GLU D 170 24.64 -18.06 9.05
N PHE D 171 24.05 -18.91 9.89
CA PHE D 171 24.70 -19.37 11.13
C PHE D 171 24.75 -20.88 11.28
N ASP D 172 25.77 -21.32 12.02
CA ASP D 172 25.99 -22.72 12.37
C ASP D 172 26.35 -22.75 13.85
N ASP D 173 25.44 -23.29 14.67
CA ASP D 173 25.61 -23.30 16.12
C ASP D 173 26.67 -24.32 16.51
N ILE D 174 27.67 -23.89 17.28
CA ILE D 174 28.69 -24.82 17.82
C ILE D 174 28.38 -25.32 19.24
N ASP D 175 27.83 -24.45 20.08
CA ASP D 175 27.47 -24.82 21.45
C ASP D 175 26.19 -24.09 21.91
N GLU D 176 25.99 -23.93 23.22
CA GLU D 176 24.76 -23.35 23.76
C GLU D 176 24.68 -21.84 23.51
N GLU D 177 25.84 -21.17 23.53
CA GLU D 177 25.91 -19.71 23.41
C GLU D 177 26.36 -19.21 22.03
N TYR D 178 27.51 -19.71 21.56
CA TYR D 178 28.17 -19.14 20.38
C TYR D 178 27.72 -19.79 19.08
N SER D 179 27.75 -19.02 18.00
CA SER D 179 27.45 -19.50 16.64
C SER D 179 28.51 -18.99 15.66
N LEU D 180 28.80 -19.81 14.65
CA LEU D 180 29.76 -19.45 13.59
C LEU D 180 29.05 -18.70 12.48
N VAL D 181 29.71 -17.69 11.92
CA VAL D 181 29.20 -16.95 10.77
C VAL D 181 29.72 -17.61 9.48
N ILE D 182 28.80 -18.17 8.69
CA ILE D 182 29.14 -18.84 7.43
C ILE D 182 29.44 -17.81 6.34
N LEU D 183 30.68 -17.82 5.85
CA LEU D 183 31.14 -16.84 4.86
C LEU D 183 31.73 -17.53 3.63
N ASN D 184 31.11 -17.30 2.47
CA ASN D 184 31.56 -17.84 1.18
C ASN D 184 32.17 -16.80 0.22
N GLU D 185 31.97 -15.51 0.48
CA GLU D 185 32.40 -14.42 -0.42
C GLU D 185 33.30 -13.42 0.32
N ASP D 186 33.98 -12.58 -0.47
CA ASP D 186 34.81 -11.47 0.08
C ASP D 186 33.96 -10.52 0.89
N VAL D 187 32.84 -10.11 0.31
CA VAL D 187 31.86 -9.23 0.96
C VAL D 187 30.54 -9.99 1.11
N GLU D 188 30.21 -10.37 2.34
CA GLU D 188 28.94 -11.04 2.66
C GLU D 188 28.02 -10.08 3.42
N THR D 189 26.75 -10.08 3.04
CA THR D 189 25.76 -9.17 3.61
C THR D 189 24.60 -9.94 4.23
N GLN D 190 23.77 -9.21 4.96
CA GLN D 190 22.53 -9.73 5.49
C GLN D 190 21.52 -10.01 4.35
N ASP D 191 20.69 -11.02 4.54
CA ASP D 191 19.57 -11.30 3.62
C ASP D 191 18.48 -10.23 3.73
N ALA D 192 18.38 -9.60 4.90
CA ALA D 192 17.30 -8.69 5.21
C ALA D 192 17.74 -7.65 6.23
N SER D 193 17.06 -6.50 6.22
CA SER D 193 17.30 -5.45 7.19
C SER D 193 16.82 -5.97 8.54
N THR D 194 17.57 -5.64 9.60
CA THR D 194 17.20 -6.03 10.96
C THR D 194 17.23 -4.83 11.93
N LEU D 195 17.07 -3.63 11.39
CA LEU D 195 17.13 -2.40 12.21
C LEU D 195 16.03 -2.36 13.29
N GLU D 196 14.89 -2.98 13.02
CA GLU D 196 13.81 -3.17 14.00
C GLU D 196 14.23 -3.93 15.28
N PHE D 197 15.23 -4.80 15.17
CA PHE D 197 15.82 -5.50 16.33
C PHE D 197 16.77 -4.65 17.18
N LEU D 198 17.30 -3.56 16.60
CA LEU D 198 18.30 -2.72 17.27
C LEU D 198 17.71 -1.48 17.96
N THR D 199 16.68 -0.87 17.37
CA THR D 199 16.04 0.32 17.97
C THR D 199 15.49 0.07 19.38
N PRO D 200 15.83 0.96 20.34
CA PRO D 200 15.27 0.85 21.68
C PRO D 200 13.87 1.44 21.83
N ILE D 201 13.42 2.22 20.87
CA ILE D 201 12.17 2.97 20.99
C ILE D 201 11.01 2.02 20.71
N SER D 202 10.02 1.97 21.61
CA SER D 202 8.84 1.13 21.43
C SER D 202 7.63 1.97 21.05
N HIS D 203 7.20 2.83 21.97
N HIS D 203 7.17 2.83 21.96
CA HIS D 203 5.98 3.63 21.84
CA HIS D 203 6.01 3.66 21.68
C HIS D 203 6.26 5.10 22.14
C HIS D 203 6.15 5.07 22.22
N ILE D 204 5.39 5.99 21.63
CA ILE D 204 5.37 7.40 22.01
C ILE D 204 3.96 7.65 22.54
N VAL D 205 3.88 8.38 23.65
CA VAL D 205 2.66 8.50 24.45
C VAL D 205 2.37 9.96 24.77
N ILE D 206 1.08 10.33 24.74
CA ILE D 206 0.63 11.61 25.30
C ILE D 206 0.03 11.31 26.67
N GLU D 207 0.53 12.00 27.70
CA GLU D 207 -0.01 11.89 29.07
C GLU D 207 -0.38 13.24 29.65
N SER D 208 -1.14 13.20 30.75
CA SER D 208 -1.60 14.39 31.46
C SER D 208 -1.70 14.12 32.96
N ASN D 209 -1.01 14.93 33.76
CA ASN D 209 -1.04 14.78 35.23
C ASN D 209 -2.32 15.29 35.91
N ASP D 210 -3.05 16.19 35.27
CA ASP D 210 -4.24 16.83 35.88
C ASP D 210 -5.57 16.73 35.13
N LEU D 211 -5.58 16.23 33.90
CA LEU D 211 -6.82 16.11 33.13
C LEU D 211 -7.69 15.03 33.76
N PRO D 212 -8.95 15.35 34.11
CA PRO D 212 -9.83 14.35 34.74
C PRO D 212 -10.34 13.31 33.74
N VAL D 213 -9.45 12.37 33.45
CA VAL D 213 -9.68 11.33 32.45
C VAL D 213 -9.42 9.96 33.09
N SER D 214 -10.17 8.96 32.65
CA SER D 214 -10.07 7.60 33.23
C SER D 214 -8.72 6.97 32.90
N TYR D 215 -8.09 6.40 33.92
CA TYR D 215 -6.74 5.85 33.80
C TYR D 215 -6.78 4.48 33.13
N GLU D 216 -5.65 4.07 32.57
CA GLU D 216 -5.48 2.71 32.02
C GLU D 216 -4.90 1.81 33.10
N LEU D 217 -5.42 0.58 33.21
CA LEU D 217 -4.90 -0.39 34.17
C LEU D 217 -3.53 -0.89 33.74
N LEU D 218 -2.61 -1.00 34.70
CA LEU D 218 -1.22 -1.39 34.45
C LEU D 218 -0.82 -2.59 35.32
N PRO D 219 0.24 -3.32 34.92
CA PRO D 219 0.76 -4.38 35.78
C PRO D 219 1.47 -3.81 37.03
N SER D 220 2.00 -4.70 37.87
CA SER D 220 2.59 -4.30 39.15
C SER D 220 3.87 -3.49 38.96
N ILE D 221 4.05 -2.47 39.80
CA ILE D 221 5.25 -1.62 39.75
C ILE D 221 6.47 -2.49 40.03
N SER D 222 6.40 -3.26 41.11
CA SER D 222 7.45 -4.20 41.48
C SER D 222 7.54 -5.40 40.53
N LYS D 223 8.70 -6.02 40.51
CA LYS D 223 8.99 -7.17 39.66
C LYS D 223 8.51 -8.48 40.32
N ASN D 224 8.13 -8.39 41.60
CA ASN D 224 7.83 -9.56 42.43
C ASN D 224 6.41 -10.10 42.19
N THR D 225 5.42 -9.32 42.60
CA THR D 225 4.03 -9.78 42.69
C THR D 225 3.29 -9.64 41.36
N THR D 226 2.47 -10.63 41.03
CA THR D 226 1.50 -10.49 39.93
C THR D 226 0.39 -9.50 40.30
N ILE D 227 0.00 -9.47 41.58
CA ILE D 227 -1.08 -8.60 42.04
C ILE D 227 -0.72 -7.11 41.87
N SER D 228 -1.71 -6.31 41.45
CA SER D 228 -1.49 -4.91 41.09
C SER D 228 -2.75 -4.05 41.26
N ASP D 229 -2.52 -2.83 41.75
CA ASP D 229 -3.51 -1.75 41.75
C ASP D 229 -3.02 -0.56 40.91
N ASN D 230 -1.91 -0.76 40.18
CA ASN D 230 -1.23 0.32 39.46
C ASN D 230 -2.04 0.77 38.24
N THR D 231 -2.12 2.08 38.05
CA THR D 231 -2.81 2.69 36.90
C THR D 231 -1.94 3.83 36.35
N GLY D 232 -2.35 4.38 35.21
CA GLY D 232 -1.65 5.49 34.58
C GLY D 232 -2.51 6.19 33.55
N VAL D 233 -2.20 7.46 33.29
CA VAL D 233 -2.94 8.26 32.31
C VAL D 233 -2.24 8.17 30.96
N PHE D 234 -3.02 7.79 29.95
CA PHE D 234 -2.56 7.68 28.56
C PHE D 234 -3.71 8.17 27.66
N LEU D 235 -3.44 9.18 26.83
CA LEU D 235 -4.46 9.71 25.89
C LEU D 235 -4.37 9.13 24.47
N THR D 236 -3.16 8.79 24.06
CA THR D 236 -2.93 7.99 22.84
C THR D 236 -1.56 7.32 23.02
N ASN D 237 -1.37 6.19 22.34
CA ASN D 237 -0.05 5.55 22.27
C ASN D 237 0.24 5.12 20.83
N TYR D 238 1.28 5.73 20.27
CA TYR D 238 1.69 5.56 18.89
C TYR D 238 2.86 4.58 18.88
N LYS D 239 2.71 3.48 18.15
CA LYS D 239 3.77 2.49 17.98
C LYS D 239 4.83 3.02 17.01
N TYR D 240 6.07 3.11 17.47
CA TYR D 240 7.17 3.62 16.65
C TYR D 240 7.91 2.46 16.02
N LEU D 241 8.28 2.64 14.74
CA LEU D 241 9.09 1.69 14.00
C LEU D 241 10.25 2.47 13.36
N GLN D 242 11.43 1.87 13.36
CA GLN D 242 12.63 2.49 12.75
C GLN D 242 12.94 1.87 11.38
N GLN D 243 12.51 2.55 10.31
CA GLN D 243 12.68 2.04 8.94
C GLN D 243 14.08 2.21 8.33
N ASN D 244 14.87 3.16 8.84
CA ASN D 244 16.15 3.53 8.23
C ASN D 244 17.15 4.07 9.26
N ASN D 245 18.22 4.70 8.78
CA ASN D 245 19.28 5.27 9.64
C ASN D 245 19.10 6.79 9.87
N GLN D 246 17.87 7.24 10.07
CA GLN D 246 17.58 8.65 10.33
C GLN D 246 17.26 8.88 11.82
N ASP D 247 18.22 9.47 12.53
CA ASP D 247 17.97 9.95 13.91
C ASP D 247 17.02 11.15 13.95
N TYR D 248 17.11 12.04 12.96
CA TYR D 248 16.18 13.17 12.84
C TYR D 248 14.93 12.74 12.07
N ASN D 249 13.77 13.04 12.65
CA ASN D 249 12.49 12.54 12.15
C ASN D 249 11.39 13.60 12.13
N SER D 250 10.30 13.24 11.47
CA SER D 250 9.09 14.04 11.37
C SER D 250 7.93 13.05 11.40
N ILE D 251 7.27 12.96 12.55
CA ILE D 251 6.33 11.90 12.86
C ILE D 251 4.90 12.41 12.81
N LEU D 252 4.15 11.96 11.82
CA LEU D 252 2.74 12.29 11.63
C LEU D 252 1.88 11.13 12.09
N PHE D 253 0.92 11.42 12.98
CA PHE D 253 -0.10 10.44 13.38
C PHE D 253 -1.46 10.99 13.02
N ARG D 254 -2.24 10.19 12.28
CA ARG D 254 -3.60 10.53 11.91
C ARG D 254 -4.50 9.35 12.24
N VAL D 255 -5.51 9.56 13.06
CA VAL D 255 -6.41 8.49 13.46
C VAL D 255 -7.19 8.02 12.24
N GLU D 256 -7.40 6.71 12.15
CA GLU D 256 -8.01 6.08 10.96
C GLU D 256 -9.51 5.80 11.18
N ASN D 257 -10.11 5.11 10.22
CA ASN D 257 -11.49 4.55 10.28
C ASN D 257 -12.09 4.14 11.65
N SER D 258 -11.45 3.20 12.33
CA SER D 258 -12.00 2.58 13.55
C SER D 258 -12.08 3.56 14.71
N SER D 259 -10.96 4.21 15.00
CA SER D 259 -10.86 5.23 16.05
C SER D 259 -11.30 4.72 17.43
N ASN D 260 -10.85 3.52 17.77
CA ASN D 260 -11.24 2.87 19.04
C ASN D 260 -10.58 3.49 20.28
N LYS D 261 -9.53 4.30 20.11
CA LYS D 261 -8.76 4.82 21.25
C LYS D 261 -9.47 5.97 21.97
N TYR D 262 -10.56 5.65 22.65
CA TYR D 262 -11.35 6.59 23.45
C TYR D 262 -11.04 6.41 24.93
N HIS D 263 -11.13 7.52 25.67
CA HIS D 263 -11.06 7.51 27.14
C HIS D 263 -12.20 8.35 27.69
N ASN D 264 -12.76 7.91 28.81
CA ASN D 264 -13.86 8.63 29.46
C ASN D 264 -13.32 9.87 30.17
N ILE D 265 -14.01 10.99 29.98
CA ILE D 265 -13.76 12.19 30.77
C ILE D 265 -14.67 12.08 31.99
N LEU D 266 -14.06 12.15 33.18
CA LEU D 266 -14.78 11.96 34.45
C LEU D 266 -15.47 13.24 34.96
N GLN D 267 -14.78 14.38 34.85
CA GLN D 267 -15.28 15.67 35.35
C GLN D 267 -15.44 16.68 34.21
N THR D 268 -16.66 17.22 34.05
CA THR D 268 -16.93 18.22 33.01
C THR D 268 -16.37 19.61 33.32
N ASN D 269 -16.29 19.96 34.61
CA ASN D 269 -15.93 21.33 35.03
C ASN D 269 -14.41 21.55 35.15
N PHE D 270 -13.80 21.92 34.03
CA PHE D 270 -12.40 22.32 33.99
C PHE D 270 -12.14 23.20 32.77
N ASN D 271 -11.14 24.08 32.91
CA ASN D 271 -10.72 24.97 31.84
C ASN D 271 -9.21 24.92 31.60
N ARG D 272 -8.54 23.93 32.18
CA ARG D 272 -7.09 23.91 32.22
C ARG D 272 -6.54 22.50 32.43
N PHE D 273 -5.54 22.13 31.62
CA PHE D 273 -4.78 20.89 31.82
C PHE D 273 -3.44 20.91 31.08
N ASN D 274 -2.57 20.00 31.47
CA ASN D 274 -1.25 19.82 30.87
C ASN D 274 -1.23 18.57 29.99
N LEU D 275 -0.58 18.68 28.82
CA LEU D 275 -0.28 17.52 27.98
C LEU D 275 1.23 17.41 27.86
N SER D 276 1.74 16.18 27.89
CA SER D 276 3.17 15.90 27.72
C SER D 276 3.38 14.74 26.76
N PHE D 277 4.50 14.76 26.05
CA PHE D 277 4.91 13.69 25.14
C PHE D 277 6.05 12.88 25.76
N THR D 278 5.86 11.57 25.86
CA THR D 278 6.77 10.67 26.54
C THR D 278 7.11 9.46 25.68
N ILE D 279 8.39 9.08 25.68
CA ILE D 279 8.91 7.96 24.91
C ILE D 279 9.12 6.76 25.86
N TYR D 280 8.54 5.62 25.50
CA TYR D 280 8.76 4.36 26.23
C TYR D 280 9.69 3.46 25.44
N ASP D 281 10.72 2.95 26.10
CA ASP D 281 11.63 1.97 25.50
C ASP D 281 11.14 0.54 25.72
N TYR D 282 11.75 -0.42 25.01
CA TYR D 282 11.37 -1.84 25.14
C TYR D 282 11.62 -2.44 26.54
N ASP D 283 12.58 -1.87 27.27
CA ASP D 283 12.78 -2.21 28.70
C ASP D 283 11.80 -1.51 29.68
N ASN D 284 10.81 -0.82 29.13
CA ASN D 284 9.84 -0.01 29.90
C ASN D 284 10.43 1.23 30.60
N GLU D 285 11.67 1.59 30.27
CA GLU D 285 12.28 2.80 30.80
C GLU D 285 11.63 4.00 30.10
N LYS D 286 11.08 4.89 30.93
CA LYS D 286 10.39 6.08 30.47
C LYS D 286 11.38 7.23 30.34
N HIS D 287 11.17 8.11 29.37
CA HIS D 287 11.90 9.37 29.27
C HIS D 287 11.14 10.35 28.38
N PRO D 288 11.30 11.67 28.60
CA PRO D 288 10.48 12.63 27.84
C PRO D 288 11.04 12.96 26.46
N LEU D 289 10.13 13.28 25.52
CA LEU D 289 10.49 13.82 24.22
C LEU D 289 10.97 15.25 24.44
N THR D 290 12.13 15.59 23.88
CA THR D 290 12.72 16.91 24.08
C THR D 290 12.72 17.74 22.80
N LEU D 291 12.69 19.06 22.97
CA LEU D 291 12.68 19.99 21.85
C LEU D 291 14.06 20.18 21.25
N LEU D 292 14.08 20.38 19.94
CA LEU D 292 15.21 20.98 19.25
C LEU D 292 14.85 22.45 19.01
N PRO D 293 15.81 23.30 18.61
CA PRO D 293 15.47 24.67 18.22
C PRO D 293 14.42 24.76 17.09
N GLN D 294 14.50 23.83 16.14
CA GLN D 294 13.69 23.84 14.91
C GLN D 294 12.38 23.04 15.02
N THR D 295 12.06 22.55 16.21
CA THR D 295 10.88 21.69 16.41
C THR D 295 9.59 22.50 16.35
N VAL D 296 8.65 22.01 15.54
CA VAL D 296 7.25 22.44 15.61
C VAL D 296 6.44 21.22 16.00
N ILE D 297 5.47 21.41 16.87
CA ILE D 297 4.60 20.34 17.31
C ILE D 297 3.15 20.79 17.17
N GLN D 298 2.34 19.95 16.54
CA GLN D 298 0.91 20.19 16.34
C GLN D 298 0.14 19.08 17.01
N LEU D 299 -1.09 19.37 17.38
CA LEU D 299 -1.88 18.48 18.21
C LEU D 299 -3.34 18.85 18.03
N LYS D 300 -4.19 17.85 17.81
CA LYS D 300 -5.64 18.05 17.70
C LYS D 300 -6.37 17.00 18.53
N LEU D 301 -7.29 17.46 19.37
CA LEU D 301 -8.08 16.59 20.25
C LEU D 301 -9.55 16.72 19.93
N LEU D 302 -10.30 15.65 20.16
CA LEU D 302 -11.74 15.66 20.04
C LEU D 302 -12.38 15.23 21.35
N PHE D 303 -13.23 16.09 21.91
CA PHE D 303 -14.16 15.70 22.95
C PHE D 303 -15.48 15.44 22.26
N GLU D 304 -15.95 14.21 22.35
CA GLU D 304 -17.18 13.74 21.71
C GLU D 304 -18.18 13.39 22.81
N SER D 305 -19.39 13.93 22.74
CA SER D 305 -20.42 13.61 23.72
C SER D 305 -21.09 12.29 23.35
N ILE D 306 -21.78 11.70 24.32
CA ILE D 306 -22.42 10.39 24.16
C ILE D 306 -23.94 10.54 24.09
N LYS E 6 -21.52 5.06 28.19
CA LYS E 6 -20.54 4.08 27.60
C LYS E 6 -19.17 4.21 28.25
N GLN E 7 -18.58 3.07 28.61
CA GLN E 7 -17.33 3.02 29.37
C GLN E 7 -16.27 2.24 28.61
N TYR E 8 -15.05 2.78 28.58
CA TYR E 8 -13.90 2.15 27.94
C TYR E 8 -12.86 1.83 29.01
N ILE E 9 -12.73 0.55 29.36
CA ILE E 9 -11.71 0.11 30.34
C ILE E 9 -10.54 -0.54 29.58
N TRP E 10 -9.38 0.09 29.68
CA TRP E 10 -8.16 -0.37 29.05
C TRP E 10 -7.28 -1.13 30.03
N LEU E 11 -6.57 -2.13 29.53
CA LEU E 11 -5.68 -2.95 30.35
C LEU E 11 -4.44 -3.30 29.56
N ASN E 12 -3.30 -2.80 30.02
CA ASN E 12 -1.99 -3.10 29.43
C ASN E 12 -1.31 -4.26 30.18
N GLU E 13 -0.49 -5.02 29.46
CA GLU E 13 0.35 -6.07 30.06
C GLU E 13 1.63 -6.21 29.26
N THR E 14 2.67 -6.71 29.93
CA THR E 14 3.96 -7.00 29.29
C THR E 14 4.60 -8.27 29.84
N ILE E 15 5.51 -8.84 29.06
CA ILE E 15 6.38 -9.94 29.51
C ILE E 15 7.80 -9.57 29.08
N LYS E 16 8.61 -9.18 30.06
CA LYS E 16 10.06 -9.10 29.89
C LYS E 16 10.58 -10.55 29.99
N SER E 17 11.71 -10.82 29.36
CA SER E 17 12.33 -12.14 29.42
C SER E 17 13.84 -12.01 29.68
N ASN E 18 14.48 -13.13 29.95
CA ASN E 18 15.93 -13.17 30.21
C ASN E 18 16.45 -14.60 30.05
N LYS E 19 17.76 -14.77 30.19
CA LYS E 19 18.39 -16.08 29.98
C LYS E 19 17.94 -17.16 30.98
N GLN E 20 17.64 -16.75 32.21
CA GLN E 20 17.25 -17.71 33.26
C GLN E 20 15.81 -18.21 33.13
N LEU E 21 14.92 -17.35 32.65
CA LEU E 21 13.52 -17.73 32.37
C LEU E 21 13.39 -18.62 31.13
N ALA E 22 14.03 -18.21 30.05
CA ALA E 22 13.87 -18.85 28.73
C ALA E 22 14.87 -19.97 28.43
N GLY E 23 16.06 -19.90 29.03
CA GLY E 23 17.15 -20.83 28.73
C GLY E 23 17.91 -20.46 27.45
N PRO E 24 19.13 -21.02 27.26
CA PRO E 24 19.95 -20.64 26.09
C PRO E 24 19.27 -20.99 24.76
N ARG E 25 19.15 -20.00 23.88
CA ARG E 25 18.36 -20.08 22.64
C ARG E 25 16.88 -20.43 22.84
N GLY E 26 16.33 -20.15 24.01
CA GLY E 26 14.97 -20.54 24.36
C GLY E 26 14.79 -22.04 24.53
N SER E 27 15.82 -22.73 25.05
CA SER E 27 15.81 -24.20 25.18
C SER E 27 14.81 -24.73 26.20
N TYR E 28 14.49 -23.94 27.23
CA TYR E 28 13.54 -24.36 28.26
C TYR E 28 12.09 -24.42 27.76
N LYS E 29 11.80 -23.78 26.63
CA LYS E 29 10.48 -23.86 25.96
C LYS E 29 9.36 -23.31 26.84
N ARG E 30 9.64 -22.17 27.48
CA ARG E 30 8.67 -21.58 28.39
C ARG E 30 7.54 -20.95 27.59
N PRO E 31 6.28 -21.37 27.84
CA PRO E 31 5.15 -20.76 27.13
C PRO E 31 5.01 -19.25 27.41
N VAL E 32 4.63 -18.50 26.38
CA VAL E 32 4.31 -17.10 26.52
C VAL E 32 2.97 -17.00 27.25
N SER E 33 3.02 -16.62 28.53
CA SER E 33 1.82 -16.54 29.37
C SER E 33 1.88 -15.41 30.40
N VAL E 34 0.72 -14.85 30.72
CA VAL E 34 0.60 -13.78 31.73
C VAL E 34 -0.62 -14.02 32.61
N ASP E 35 -0.42 -13.87 33.92
CA ASP E 35 -1.52 -13.88 34.87
C ASP E 35 -1.84 -12.45 35.26
N ILE E 36 -3.05 -12.00 34.92
CA ILE E 36 -3.57 -10.72 35.42
C ILE E 36 -4.13 -11.00 36.81
N PHE E 37 -3.94 -10.05 37.72
CA PHE E 37 -4.39 -10.18 39.10
C PHE E 37 -4.46 -8.78 39.72
N ARG E 38 -5.67 -8.35 40.07
CA ARG E 38 -5.91 -7.01 40.60
C ARG E 38 -6.64 -7.04 41.95
N SER E 39 -6.34 -6.05 42.79
CA SER E 39 -6.87 -5.98 44.17
C SER E 39 -8.39 -5.83 44.20
N SER E 40 -8.89 -4.90 43.40
CA SER E 40 -10.34 -4.72 43.22
C SER E 40 -10.80 -5.31 41.88
N THR E 41 -12.11 -5.50 41.75
CA THR E 41 -12.71 -6.00 40.50
C THR E 41 -12.51 -5.01 39.35
N ILE E 42 -12.46 -5.55 38.14
CA ILE E 42 -12.14 -4.78 36.94
C ILE E 42 -13.39 -4.10 36.38
N LEU E 43 -14.49 -4.84 36.30
CA LEU E 43 -15.73 -4.37 35.66
C LEU E 43 -16.84 -4.01 36.65
N ASP E 44 -17.63 -2.99 36.31
CA ASP E 44 -18.80 -2.60 37.10
C ASP E 44 -19.86 -3.69 36.94
N PRO E 45 -20.44 -4.15 38.06
CA PRO E 45 -21.43 -5.23 37.97
C PRO E 45 -22.76 -4.83 37.29
N ASP E 46 -23.09 -3.54 37.28
CA ASP E 46 -24.33 -3.04 36.65
C ASP E 46 -24.34 -3.15 35.13
N LYS E 47 -23.17 -3.10 34.51
CA LYS E 47 -23.04 -3.03 33.05
C LYS E 47 -22.76 -4.39 32.39
N ASN E 48 -22.99 -4.44 31.08
CA ASN E 48 -22.59 -5.56 30.22
C ASN E 48 -21.44 -5.13 29.31
N TYR E 49 -20.50 -6.04 29.08
CA TYR E 49 -19.25 -5.72 28.37
C TYR E 49 -18.94 -6.62 27.18
N LEU E 50 -18.24 -6.03 26.21
CA LEU E 50 -17.54 -6.75 25.16
C LEU E 50 -16.04 -6.69 25.44
N LEU E 51 -15.32 -7.72 25.04
CA LEU E 51 -13.85 -7.74 25.09
C LEU E 51 -13.32 -7.74 23.66
N ILE E 52 -12.35 -6.87 23.39
CA ILE E 52 -11.58 -6.88 22.13
C ILE E 52 -10.10 -6.66 22.41
N VAL E 53 -9.23 -7.39 21.70
CA VAL E 53 -7.78 -7.23 21.81
C VAL E 53 -7.40 -6.10 20.85
N GLU E 54 -6.91 -4.98 21.39
CA GLU E 54 -6.64 -3.76 20.60
C GLU E 54 -5.32 -3.89 19.88
N GLU E 55 -4.28 -4.30 20.60
CA GLU E 55 -3.00 -4.61 19.98
C GLU E 55 -2.15 -5.57 20.78
N PHE E 56 -1.23 -6.21 20.10
CA PHE E 56 -0.11 -6.88 20.74
C PHE E 56 1.12 -6.70 19.88
N HIS E 57 2.26 -7.06 20.46
CA HIS E 57 3.55 -6.99 19.78
C HIS E 57 4.41 -8.14 20.31
N LEU E 58 4.71 -9.11 19.45
CA LEU E 58 5.58 -10.24 19.81
C LEU E 58 6.97 -9.92 19.25
N HIS E 59 7.76 -9.25 20.10
CA HIS E 59 9.04 -8.71 19.68
C HIS E 59 10.20 -9.67 19.96
N LYS E 60 10.93 -10.03 18.91
CA LYS E 60 12.05 -11.00 18.98
C LYS E 60 11.63 -12.39 19.43
N ILE E 61 11.00 -13.10 18.50
CA ILE E 61 10.60 -14.50 18.71
C ILE E 61 11.09 -15.34 17.53
N ARG E 62 11.20 -16.64 17.74
CA ARG E 62 11.59 -17.57 16.69
C ARG E 62 10.38 -18.39 16.26
N LEU E 63 10.15 -18.48 14.95
CA LEU E 63 9.08 -19.32 14.40
C LEU E 63 9.64 -20.31 13.39
N PRO E 64 9.04 -21.52 13.32
CA PRO E 64 9.42 -22.48 12.28
C PRO E 64 9.08 -22.02 10.87
N LEU E 65 9.88 -22.46 9.90
CA LEU E 65 9.63 -22.22 8.48
C LEU E 65 9.20 -23.46 7.69
N PHE E 66 9.30 -24.64 8.29
CA PHE E 66 9.00 -25.89 7.62
C PHE E 66 8.80 -27.02 8.62
N LYS E 67 7.92 -27.95 8.27
CA LYS E 67 7.54 -29.08 9.10
C LYS E 67 7.36 -30.32 8.22
N PRO E 68 8.41 -31.17 8.10
CA PRO E 68 8.40 -32.34 7.19
C PRO E 68 7.22 -33.30 7.27
N ALA E 69 6.72 -33.57 8.48
CA ALA E 69 5.61 -34.55 8.67
C ALA E 69 4.32 -34.20 7.91
N GLY E 70 4.08 -32.91 7.65
CA GLY E 70 2.96 -32.46 6.82
C GLY E 70 3.10 -32.67 5.31
N HIS E 71 4.26 -33.11 4.86
CA HIS E 71 4.55 -33.35 3.44
C HIS E 71 4.97 -34.79 3.22
N ASP E 72 4.89 -35.20 1.96
CA ASP E 72 5.49 -36.45 1.50
C ASP E 72 6.14 -36.14 0.17
N TYR E 73 7.40 -35.69 0.24
CA TYR E 73 8.17 -35.32 -0.94
C TYR E 73 8.93 -36.53 -1.48
N GLN E 74 8.97 -36.65 -2.80
CA GLN E 74 9.74 -37.66 -3.50
C GLN E 74 10.34 -37.10 -4.78
N VAL E 75 11.63 -37.34 -4.97
CA VAL E 75 12.31 -37.06 -6.25
C VAL E 75 12.64 -38.36 -6.96
N GLY E 76 12.80 -38.27 -8.27
CA GLY E 76 13.16 -39.42 -9.10
C GLY E 76 13.95 -39.02 -10.33
N ILE E 77 14.37 -40.03 -11.10
CA ILE E 77 15.09 -39.82 -12.35
C ILE E 77 14.45 -40.65 -13.47
N PHE E 78 14.24 -40.00 -14.61
CA PHE E 78 13.62 -40.62 -15.79
C PHE E 78 14.59 -40.55 -16.95
N ASN E 79 14.90 -41.70 -17.54
CA ASN E 79 15.84 -41.77 -18.65
C ASN E 79 15.12 -41.47 -19.98
N ARG E 80 15.69 -40.56 -20.76
CA ARG E 80 15.10 -40.13 -22.04
C ARG E 80 15.17 -41.24 -23.10
N SER E 81 16.34 -41.89 -23.19
CA SER E 81 16.59 -42.92 -24.20
C SER E 81 15.69 -44.15 -24.04
N THR E 82 15.79 -44.81 -22.88
CA THR E 82 14.98 -46.00 -22.58
C THR E 82 13.51 -45.70 -22.26
N ASP E 83 13.22 -44.43 -21.96
CA ASP E 83 11.85 -43.93 -21.74
C ASP E 83 11.13 -44.66 -20.59
N GLU E 84 11.87 -44.87 -19.50
CA GLU E 84 11.40 -45.58 -18.31
C GLU E 84 11.94 -44.91 -17.03
N ILE E 85 11.34 -45.24 -15.90
CA ILE E 85 11.75 -44.71 -14.59
C ILE E 85 13.01 -45.46 -14.10
N MET E 86 14.06 -44.71 -13.79
CA MET E 86 15.31 -45.27 -13.25
C MET E 86 15.17 -45.60 -11.77
N GLY E 87 14.72 -44.63 -10.98
CA GLY E 87 14.51 -44.80 -9.54
C GLY E 87 13.70 -43.68 -8.89
N VAL E 88 13.24 -43.94 -7.68
CA VAL E 88 12.46 -42.97 -6.88
C VAL E 88 12.85 -43.10 -5.40
N ARG E 89 12.84 -41.98 -4.68
CA ARG E 89 13.17 -41.97 -3.25
C ARG E 89 12.47 -40.84 -2.49
N GLU E 90 12.03 -41.13 -1.26
CA GLU E 90 11.45 -40.12 -0.37
C GLU E 90 12.53 -39.21 0.19
N VAL E 91 12.22 -37.92 0.29
CA VAL E 91 13.16 -36.94 0.82
C VAL E 91 13.25 -37.08 2.33
N ASP E 92 14.45 -37.41 2.81
CA ASP E 92 14.68 -37.69 4.22
C ASP E 92 15.11 -36.41 4.93
N PHE E 93 14.28 -35.97 5.87
CA PHE E 93 14.52 -34.75 6.65
C PHE E 93 15.04 -35.05 8.06
N SER E 94 15.24 -36.33 8.39
CA SER E 94 15.57 -36.77 9.78
C SER E 94 16.74 -36.03 10.43
N THR E 95 17.81 -35.80 9.65
CA THR E 95 19.03 -35.18 10.18
C THR E 95 18.90 -33.69 10.46
N PHE E 96 18.00 -33.01 9.73
CA PHE E 96 17.87 -31.55 9.75
C PHE E 96 16.86 -30.98 10.75
N VAL E 97 16.14 -31.86 11.45
CA VAL E 97 14.96 -31.50 12.23
C VAL E 97 15.28 -31.41 13.73
N ASP E 98 14.61 -30.50 14.44
CA ASP E 98 14.76 -30.36 15.91
C ASP E 98 13.91 -31.41 16.66
N GLU E 99 13.93 -31.38 17.99
CA GLU E 99 13.11 -32.27 18.82
C GLU E 99 11.63 -32.28 18.41
N ASP E 100 11.07 -31.08 18.30
CA ASP E 100 9.63 -30.90 18.05
C ASP E 100 9.15 -31.12 16.60
N GLY E 101 10.06 -31.47 15.69
CA GLY E 101 9.71 -31.83 14.31
C GLY E 101 9.75 -30.70 13.29
N TYR E 102 10.48 -29.63 13.60
CA TYR E 102 10.51 -28.41 12.77
C TYR E 102 11.90 -28.07 12.22
N MET E 103 11.91 -27.32 11.12
CA MET E 103 13.13 -26.73 10.54
C MET E 103 12.96 -25.20 10.45
N TYR E 104 14.09 -24.50 10.37
CA TYR E 104 14.13 -23.02 10.55
C TYR E 104 14.85 -22.23 9.44
N ASP E 105 15.08 -22.87 8.29
CA ASP E 105 15.84 -22.26 7.20
C ASP E 105 15.50 -23.00 5.90
N TYR E 106 15.14 -22.26 4.87
CA TYR E 106 14.86 -22.85 3.56
C TYR E 106 16.11 -23.30 2.81
N VAL E 107 17.27 -22.79 3.23
CA VAL E 107 18.57 -23.33 2.80
C VAL E 107 18.68 -24.82 3.17
N ASP E 108 18.24 -25.16 4.38
CA ASP E 108 18.24 -26.56 4.84
C ASP E 108 17.17 -27.44 4.18
N VAL E 109 16.04 -26.85 3.79
CA VAL E 109 15.01 -27.57 3.01
C VAL E 109 15.59 -27.95 1.66
N GLY E 110 16.28 -27.00 1.03
CA GLY E 110 16.99 -27.25 -0.23
C GLY E 110 18.06 -28.31 -0.11
N THR E 111 18.86 -28.23 0.95
CA THR E 111 19.93 -29.20 1.18
C THR E 111 19.40 -30.64 1.33
N ALA E 112 18.30 -30.80 2.06
CA ALA E 112 17.68 -32.11 2.27
C ALA E 112 17.17 -32.72 0.97
N ILE E 113 16.50 -31.91 0.15
CA ILE E 113 16.04 -32.34 -1.16
C ILE E 113 17.22 -32.74 -2.05
N ASN E 114 18.31 -31.99 -1.94
CA ASN E 114 19.51 -32.21 -2.75
C ASN E 114 20.22 -33.54 -2.41
N GLU E 115 20.44 -33.80 -1.13
CA GLU E 115 21.09 -35.04 -0.68
C GLU E 115 20.33 -36.32 -1.03
N THR E 116 19.00 -36.24 -1.09
CA THR E 116 18.15 -37.31 -1.59
C THR E 116 18.33 -37.48 -3.12
N LEU E 117 18.44 -36.35 -3.81
CA LEU E 117 18.66 -36.34 -5.27
C LEU E 117 20.04 -36.89 -5.66
N ALA E 118 21.07 -36.44 -4.94
CA ALA E 118 22.45 -36.88 -5.15
C ALA E 118 22.72 -38.32 -4.68
N GLY E 119 22.02 -38.77 -3.64
CA GLY E 119 22.08 -40.17 -3.19
C GLY E 119 21.47 -41.16 -4.16
N LEU E 120 20.38 -40.76 -4.82
CA LEU E 120 19.72 -41.55 -5.86
C LEU E 120 20.54 -41.67 -7.15
N CYS E 121 21.39 -40.67 -7.42
CA CYS E 121 22.23 -40.63 -8.62
C CYS E 121 23.52 -41.46 -8.57
N ASP E 122 24.07 -41.69 -7.38
CA ASP E 122 25.50 -42.06 -7.24
C ASP E 122 25.96 -43.38 -7.92
N GLY E 123 25.02 -44.30 -8.14
CA GLY E 123 25.29 -45.54 -8.88
C GLY E 123 24.93 -45.52 -10.36
N ILE E 124 24.05 -44.60 -10.77
CA ILE E 124 23.47 -44.54 -12.14
C ILE E 124 23.83 -43.28 -12.95
N ILE E 125 24.51 -42.30 -12.35
CA ILE E 125 24.95 -41.08 -13.04
C ILE E 125 26.33 -40.68 -12.52
N GLY E 126 27.19 -40.24 -13.42
CA GLY E 126 28.54 -39.81 -13.07
C GLY E 126 28.55 -38.46 -12.35
N GLU E 127 29.56 -38.26 -11.50
CA GLU E 127 29.69 -37.07 -10.64
C GLU E 127 29.41 -35.74 -11.34
N GLU E 128 30.00 -35.58 -12.53
CA GLU E 128 29.89 -34.35 -13.32
C GLU E 128 28.45 -33.92 -13.61
N ASP E 129 27.57 -34.89 -13.87
CA ASP E 129 26.19 -34.63 -14.30
C ASP E 129 25.11 -34.64 -13.21
N ILE E 130 25.50 -34.87 -11.95
CA ILE E 130 24.52 -34.93 -10.84
C ILE E 130 23.96 -33.53 -10.57
N PRO E 131 22.62 -33.35 -10.71
CA PRO E 131 22.03 -32.01 -10.55
C PRO E 131 22.04 -31.52 -9.10
N VAL E 132 22.05 -30.20 -8.95
CA VAL E 132 22.07 -29.56 -7.63
C VAL E 132 20.81 -28.70 -7.41
N PHE E 133 19.98 -29.15 -6.46
CA PHE E 133 18.81 -28.41 -5.97
C PHE E 133 19.21 -27.53 -4.79
N SER E 134 18.85 -26.25 -4.86
CA SER E 134 19.28 -25.25 -3.87
C SER E 134 18.27 -24.14 -3.68
N PHE E 135 18.32 -23.49 -2.51
CA PHE E 135 17.55 -22.27 -2.24
C PHE E 135 18.43 -21.04 -2.47
N ASN E 136 17.87 -20.03 -3.12
CA ASN E 136 18.55 -18.75 -3.34
C ASN E 136 18.11 -17.73 -2.28
N LYS E 137 19.05 -17.33 -1.42
CA LYS E 137 18.81 -16.31 -0.39
C LYS E 137 18.31 -14.98 -0.96
N HIS E 138 18.88 -14.59 -2.09
CA HIS E 138 18.68 -13.26 -2.67
C HIS E 138 17.31 -13.08 -3.30
N SER E 139 16.89 -14.03 -4.13
CA SER E 139 15.60 -13.99 -4.83
C SER E 139 14.44 -14.66 -4.09
N LYS E 140 14.77 -15.47 -3.09
CA LYS E 140 13.78 -16.24 -2.30
C LYS E 140 13.01 -17.26 -3.17
N LYS E 141 13.76 -17.87 -4.10
CA LYS E 141 13.23 -18.85 -5.05
C LYS E 141 14.21 -20.00 -5.14
N PHE E 142 13.69 -21.21 -5.27
CA PHE E 142 14.53 -22.39 -5.40
C PHE E 142 15.03 -22.52 -6.85
N GLU E 143 16.17 -23.20 -7.01
CA GLU E 143 16.86 -23.34 -8.29
C GLU E 143 17.40 -24.75 -8.50
N ILE E 144 17.47 -25.15 -9.78
CA ILE E 144 18.04 -26.44 -10.18
C ILE E 144 19.20 -26.20 -11.14
N THR E 145 20.41 -26.58 -10.71
CA THR E 145 21.64 -26.45 -11.51
C THR E 145 21.98 -27.77 -12.21
N THR E 146 22.14 -27.70 -13.54
CA THR E 146 22.34 -28.88 -14.39
C THR E 146 23.39 -28.65 -15.48
N THR E 147 23.90 -29.76 -16.02
CA THR E 147 24.75 -29.76 -17.23
C THR E 147 23.91 -30.11 -18.46
N GLU E 148 24.35 -29.64 -19.63
CA GLU E 148 23.67 -29.89 -20.92
C GLU E 148 23.57 -31.39 -21.26
N ASN E 149 24.60 -32.13 -20.86
CA ASN E 149 24.65 -33.59 -21.03
C ASN E 149 23.57 -34.32 -20.21
N PHE E 150 23.29 -33.82 -19.00
CA PHE E 150 22.20 -34.34 -18.17
C PHE E 150 20.82 -34.03 -18.77
N ARG E 151 20.62 -32.80 -19.22
CA ARG E 151 19.35 -32.36 -19.83
C ARG E 151 18.93 -33.24 -21.02
N ASN E 152 19.88 -33.59 -21.87
CA ASN E 152 19.61 -34.42 -23.06
C ASN E 152 19.39 -35.89 -22.72
N GLY E 153 20.16 -36.41 -21.76
CA GLY E 153 20.05 -37.80 -21.31
C GLY E 153 18.87 -38.09 -20.39
N HIS E 154 18.60 -37.19 -19.44
CA HIS E 154 17.66 -37.46 -18.33
C HIS E 154 16.71 -36.30 -17.99
N PHE E 155 15.70 -36.64 -17.17
CA PHE E 155 14.81 -35.67 -16.51
C PHE E 155 14.82 -35.92 -15.00
N ILE E 156 14.60 -34.85 -14.22
CA ILE E 156 14.30 -34.96 -12.78
C ILE E 156 12.80 -35.17 -12.62
N MET E 157 12.42 -35.99 -11.64
CA MET E 157 11.02 -36.27 -11.33
C MET E 157 10.63 -35.70 -9.97
N PHE E 158 9.52 -34.96 -9.94
CA PHE E 158 8.86 -34.47 -8.73
C PHE E 158 7.53 -35.20 -8.60
N ASN E 159 7.20 -35.69 -7.41
CA ASN E 159 5.84 -36.18 -7.12
C ASN E 159 4.86 -35.01 -6.90
N ASP E 160 3.60 -35.32 -6.58
CA ASP E 160 2.53 -34.29 -6.55
C ASP E 160 2.80 -33.20 -5.50
N ASP E 161 3.14 -33.61 -4.28
CA ASP E 161 3.44 -32.67 -3.19
C ASP E 161 4.58 -31.69 -3.55
N MET E 162 5.66 -32.22 -4.13
CA MET E 162 6.76 -31.39 -4.65
C MET E 162 6.26 -30.46 -5.76
N ARG E 163 5.53 -31.04 -6.70
CA ARG E 163 4.91 -30.30 -7.82
C ARG E 163 4.12 -29.05 -7.35
N VAL E 164 3.30 -29.22 -6.31
CA VAL E 164 2.41 -28.16 -5.81
C VAL E 164 3.18 -27.13 -4.98
N ASP E 165 4.00 -27.59 -4.03
CA ASP E 165 4.77 -26.69 -3.15
C ASP E 165 5.87 -25.90 -3.89
N PHE E 166 6.37 -26.46 -4.99
CA PHE E 166 7.34 -25.78 -5.86
C PHE E 166 6.70 -25.55 -7.25
N ASN E 167 5.54 -24.90 -7.26
CA ASN E 167 4.66 -24.84 -8.47
C ASN E 167 5.07 -23.92 -9.61
N SER E 168 6.09 -23.10 -9.43
CA SER E 168 6.46 -22.13 -10.47
C SER E 168 7.52 -22.62 -11.47
N PHE E 169 8.06 -23.83 -11.26
CA PHE E 169 8.77 -24.56 -12.31
C PHE E 169 7.72 -25.02 -13.32
N GLU E 170 8.14 -25.25 -14.57
CA GLU E 170 7.23 -25.81 -15.60
C GLU E 170 7.31 -27.36 -15.58
N PHE E 171 6.14 -28.00 -15.72
CA PHE E 171 5.99 -29.43 -15.48
C PHE E 171 5.33 -30.19 -16.63
N ASP E 172 5.51 -31.51 -16.62
CA ASP E 172 4.97 -32.41 -17.64
C ASP E 172 4.60 -33.74 -16.98
N ASP E 173 3.30 -34.04 -16.91
CA ASP E 173 2.79 -35.22 -16.18
C ASP E 173 2.90 -36.52 -17.00
N ILE E 174 3.72 -37.45 -16.52
CA ILE E 174 3.91 -38.75 -17.20
C ILE E 174 2.92 -39.82 -16.72
N ASP E 175 2.57 -39.78 -15.44
CA ASP E 175 1.53 -40.66 -14.87
C ASP E 175 0.74 -39.90 -13.80
N GLU E 176 -0.13 -40.59 -13.07
CA GLU E 176 -1.00 -39.91 -12.08
C GLU E 176 -0.32 -39.44 -10.78
N GLU E 177 0.92 -39.87 -10.51
CA GLU E 177 1.69 -39.37 -9.35
C GLU E 177 2.86 -38.43 -9.73
N TYR E 178 3.72 -38.86 -10.66
CA TYR E 178 4.99 -38.18 -10.96
C TYR E 178 4.93 -37.19 -12.15
N SER E 179 5.80 -36.19 -12.10
CA SER E 179 5.91 -35.15 -13.14
C SER E 179 7.37 -34.90 -13.47
N LEU E 180 7.64 -34.57 -14.73
CA LEU E 180 8.99 -34.25 -15.20
C LEU E 180 9.22 -32.76 -15.02
N VAL E 181 10.41 -32.39 -14.56
CA VAL E 181 10.84 -30.99 -14.47
C VAL E 181 11.56 -30.65 -15.77
N ILE E 182 10.92 -29.82 -16.60
CA ILE E 182 11.50 -29.42 -17.89
C ILE E 182 12.58 -28.36 -17.65
N LEU E 183 13.79 -28.64 -18.15
CA LEU E 183 14.97 -27.79 -17.94
C LEU E 183 15.65 -27.46 -19.28
N ASN E 184 15.92 -26.16 -19.50
CA ASN E 184 16.56 -25.67 -20.74
C ASN E 184 17.95 -25.02 -20.52
N GLU E 185 18.10 -24.24 -19.46
CA GLU E 185 19.38 -23.56 -19.15
C GLU E 185 20.17 -24.36 -18.10
N ASP E 186 21.37 -23.87 -17.77
CA ASP E 186 22.19 -24.48 -16.71
C ASP E 186 21.54 -24.29 -15.34
N VAL E 187 21.22 -23.05 -15.03
CA VAL E 187 20.50 -22.69 -13.81
C VAL E 187 19.07 -22.28 -14.19
N GLU E 188 18.10 -23.10 -13.81
CA GLU E 188 16.67 -22.78 -13.96
C GLU E 188 16.07 -22.46 -12.59
N THR E 189 15.22 -21.42 -12.54
CA THR E 189 14.64 -20.93 -11.30
C THR E 189 13.10 -20.92 -11.36
N GLN E 190 12.47 -20.79 -10.19
CA GLN E 190 11.03 -20.62 -10.09
C GLN E 190 10.59 -19.29 -10.71
N ASP E 191 9.45 -19.30 -11.39
CA ASP E 191 8.82 -18.06 -11.91
C ASP E 191 8.23 -17.15 -10.82
N ALA E 192 8.03 -17.69 -9.62
CA ALA E 192 7.42 -16.98 -8.49
C ALA E 192 7.82 -17.68 -7.18
N SER E 193 7.95 -16.89 -6.12
CA SER E 193 8.27 -17.43 -4.79
C SER E 193 7.10 -18.25 -4.28
N THR E 194 7.40 -19.41 -3.69
CA THR E 194 6.36 -20.30 -3.14
C THR E 194 6.54 -20.57 -1.63
N LEU E 195 7.08 -19.60 -0.91
CA LEU E 195 7.33 -19.77 0.53
C LEU E 195 6.04 -19.91 1.32
N GLU E 196 4.99 -19.24 0.87
CA GLU E 196 3.65 -19.37 1.45
C GLU E 196 3.11 -20.82 1.43
N PHE E 197 3.56 -21.63 0.47
CA PHE E 197 3.23 -23.07 0.41
C PHE E 197 4.07 -23.97 1.32
N LEU E 198 5.18 -23.46 1.85
CA LEU E 198 6.09 -24.26 2.67
C LEU E 198 5.91 -24.08 4.17
N THR E 199 5.56 -22.87 4.61
CA THR E 199 5.33 -22.60 6.04
C THR E 199 4.21 -23.47 6.66
N PRO E 200 4.47 -24.05 7.84
CA PRO E 200 3.42 -24.74 8.59
C PRO E 200 2.57 -23.79 9.45
N ILE E 201 3.05 -22.59 9.74
CA ILE E 201 2.37 -21.66 10.67
C ILE E 201 1.14 -21.06 9.98
N SER E 202 -0.04 -21.23 10.58
CA SER E 202 -1.29 -20.69 10.01
C SER E 202 -1.75 -19.44 10.76
N HIS E 203 -2.06 -19.62 12.04
N HIS E 203 -2.06 -19.59 12.03
CA HIS E 203 -2.63 -18.56 12.90
CA HIS E 203 -2.46 -18.44 12.83
C HIS E 203 -1.84 -18.48 14.20
C HIS E 203 -1.92 -18.49 14.24
N ILE E 204 -1.88 -17.31 14.86
CA ILE E 204 -1.43 -17.15 16.24
C ILE E 204 -2.64 -16.61 17.01
N VAL E 205 -2.87 -17.21 18.18
CA VAL E 205 -4.10 -17.02 18.94
C VAL E 205 -3.78 -16.63 20.39
N ILE E 206 -4.66 -15.80 20.98
CA ILE E 206 -4.67 -15.56 22.43
C ILE E 206 -5.81 -16.37 23.04
N GLU E 207 -5.48 -17.22 24.02
CA GLU E 207 -6.49 -18.00 24.74
C GLU E 207 -6.40 -17.84 26.27
N SER E 208 -7.48 -18.23 26.93
CA SER E 208 -7.67 -18.07 28.36
C SER E 208 -8.53 -19.22 28.87
N ASN E 209 -8.03 -19.92 29.88
CA ASN E 209 -8.80 -21.00 30.54
C ASN E 209 -9.87 -20.46 31.51
N ASP E 210 -9.56 -19.37 32.23
CA ASP E 210 -10.39 -18.90 33.37
C ASP E 210 -11.25 -17.63 33.16
N LEU E 211 -10.91 -16.82 32.17
CA LEU E 211 -11.67 -15.59 31.89
C LEU E 211 -13.10 -15.93 31.47
N PRO E 212 -14.12 -15.34 32.14
CA PRO E 212 -15.52 -15.67 31.83
C PRO E 212 -16.04 -14.98 30.54
N VAL E 213 -15.70 -15.60 29.41
CA VAL E 213 -15.98 -15.06 28.08
C VAL E 213 -16.64 -16.15 27.24
N SER E 214 -17.57 -15.77 26.37
CA SER E 214 -18.32 -16.76 25.57
C SER E 214 -17.39 -17.44 24.56
N TYR E 215 -17.53 -18.76 24.45
CA TYR E 215 -16.61 -19.59 23.67
C TYR E 215 -16.94 -19.49 22.18
N GLU E 216 -15.99 -19.87 21.34
CA GLU E 216 -16.23 -20.01 19.89
C GLU E 216 -16.63 -21.44 19.58
N LEU E 217 -17.57 -21.61 18.66
CA LEU E 217 -18.06 -22.95 18.27
C LEU E 217 -17.05 -23.64 17.32
N LEU E 218 -16.67 -24.86 17.69
CA LEU E 218 -15.70 -25.65 16.93
C LEU E 218 -16.32 -26.93 16.36
N PRO E 219 -15.69 -27.52 15.32
CA PRO E 219 -16.16 -28.82 14.85
C PRO E 219 -15.68 -29.94 15.79
N SER E 220 -16.11 -31.16 15.49
CA SER E 220 -15.69 -32.31 16.29
C SER E 220 -14.22 -32.61 16.07
N ILE E 221 -13.53 -33.10 17.11
CA ILE E 221 -12.19 -33.69 16.95
C ILE E 221 -12.22 -34.99 16.12
N SER E 222 -13.35 -35.69 16.16
CA SER E 222 -13.59 -36.87 15.32
C SER E 222 -13.46 -36.56 13.83
N LYS E 223 -12.64 -37.34 13.14
CA LYS E 223 -12.47 -37.21 11.68
C LYS E 223 -13.68 -37.73 10.91
N ASN E 224 -14.37 -38.74 11.46
CA ASN E 224 -15.48 -39.42 10.78
C ASN E 224 -16.83 -38.73 10.99
N THR E 225 -17.22 -38.57 12.24
CA THR E 225 -18.54 -38.02 12.59
C THR E 225 -18.56 -36.50 12.45
N THR E 226 -19.71 -35.97 12.03
CA THR E 226 -19.91 -34.53 11.84
C THR E 226 -20.33 -33.82 13.14
N ILE E 227 -21.30 -34.39 13.86
CA ILE E 227 -21.92 -33.74 15.01
C ILE E 227 -20.90 -33.28 16.06
N SER E 228 -21.15 -32.12 16.67
CA SER E 228 -20.19 -31.51 17.58
C SER E 228 -20.85 -30.63 18.65
N ASP E 229 -20.34 -30.72 19.87
CA ASP E 229 -20.60 -29.76 20.95
C ASP E 229 -19.31 -29.01 21.34
N ASN E 230 -18.27 -29.13 20.51
CA ASN E 230 -16.94 -28.64 20.82
C ASN E 230 -16.90 -27.11 20.80
N THR E 231 -16.06 -26.55 21.67
CA THR E 231 -15.91 -25.12 21.84
C THR E 231 -14.48 -24.80 22.29
N GLY E 232 -14.14 -23.53 22.26
CA GLY E 232 -12.85 -23.07 22.78
C GLY E 232 -12.78 -21.57 22.96
N VAL E 233 -11.97 -21.13 23.92
CA VAL E 233 -11.79 -19.70 24.18
C VAL E 233 -10.67 -19.14 23.31
N PHE E 234 -11.04 -18.27 22.37
CA PHE E 234 -10.09 -17.51 21.57
C PHE E 234 -10.43 -16.02 21.69
N LEU E 235 -9.47 -15.20 22.10
CA LEU E 235 -9.68 -13.74 22.24
C LEU E 235 -9.30 -12.92 21.01
N THR E 236 -8.36 -13.43 20.23
CA THR E 236 -8.05 -12.87 18.89
C THR E 236 -7.34 -13.96 18.10
N ASN E 237 -7.27 -13.79 16.78
CA ASN E 237 -6.52 -14.71 15.94
C ASN E 237 -5.85 -13.98 14.79
N TYR E 238 -4.52 -13.96 14.82
CA TYR E 238 -3.67 -13.30 13.86
C TYR E 238 -3.30 -14.29 12.77
N LYS E 239 -3.65 -13.99 11.53
CA LYS E 239 -3.22 -14.79 10.39
C LYS E 239 -1.77 -14.46 10.06
N TYR E 240 -0.92 -15.49 10.04
CA TYR E 240 0.51 -15.33 9.81
C TYR E 240 0.86 -15.65 8.36
N LEU E 241 1.76 -14.87 7.79
CA LEU E 241 2.26 -15.08 6.42
C LEU E 241 3.78 -15.01 6.39
N GLN E 242 4.41 -16.08 5.93
CA GLN E 242 5.86 -16.13 5.78
C GLN E 242 6.25 -15.53 4.41
N GLN E 243 6.92 -14.39 4.46
CA GLN E 243 7.32 -13.65 3.24
C GLN E 243 8.75 -13.90 2.78
N ASN E 244 9.62 -14.29 3.71
CA ASN E 244 11.07 -14.41 3.45
C ASN E 244 11.67 -15.60 4.20
N ASN E 245 13.00 -15.62 4.35
CA ASN E 245 13.69 -16.71 5.04
C ASN E 245 14.11 -16.35 6.49
N GLN E 246 13.32 -15.51 7.15
CA GLN E 246 13.61 -15.10 8.52
C GLN E 246 12.80 -15.92 9.52
N ASP E 247 13.50 -16.79 10.24
CA ASP E 247 12.93 -17.47 11.41
C ASP E 247 12.74 -16.52 12.61
N TYR E 248 13.64 -15.54 12.77
CA TYR E 248 13.53 -14.54 13.84
C TYR E 248 12.68 -13.36 13.40
N ASN E 249 11.63 -13.08 14.17
CA ASN E 249 10.59 -12.11 13.78
C ASN E 249 10.23 -11.15 14.89
N SER E 250 9.55 -10.07 14.50
CA SER E 250 9.00 -9.09 15.42
C SER E 250 7.60 -8.76 14.91
N ILE E 251 6.59 -9.43 15.46
CA ILE E 251 5.23 -9.42 14.93
C ILE E 251 4.34 -8.38 15.63
N LEU E 252 3.83 -7.43 14.86
CA LEU E 252 2.99 -6.37 15.37
C LEU E 252 1.54 -6.51 14.88
N PHE E 253 0.59 -6.52 15.81
CA PHE E 253 -0.84 -6.51 15.51
C PHE E 253 -1.47 -5.23 16.05
N ARG E 254 -2.34 -4.60 15.25
CA ARG E 254 -3.12 -3.43 15.66
C ARG E 254 -4.50 -3.49 14.99
N VAL E 255 -5.56 -3.28 15.77
CA VAL E 255 -6.93 -3.46 15.28
C VAL E 255 -7.42 -2.22 14.51
N GLU E 256 -6.86 -2.03 13.33
CA GLU E 256 -7.36 -1.06 12.35
C GLU E 256 -8.26 -1.84 11.40
N ASN E 257 -7.71 -2.95 10.89
CA ASN E 257 -8.39 -3.92 10.03
C ASN E 257 -9.79 -4.37 10.47
N SER E 258 -9.90 -5.06 11.60
CA SER E 258 -11.12 -5.79 11.98
C SER E 258 -11.53 -5.58 13.43
N SER E 259 -12.23 -4.46 13.69
CA SER E 259 -12.89 -4.21 14.97
C SER E 259 -14.36 -4.68 14.91
N ASN E 260 -14.53 -5.90 14.39
CA ASN E 260 -15.73 -6.71 14.58
C ASN E 260 -15.43 -7.83 15.59
N LYS E 261 -14.15 -7.97 15.99
CA LYS E 261 -13.65 -9.12 16.76
C LYS E 261 -13.91 -8.97 18.26
N TYR E 262 -15.18 -9.01 18.63
CA TYR E 262 -15.63 -8.88 20.02
C TYR E 262 -16.01 -10.24 20.59
N HIS E 263 -15.87 -10.37 21.90
CA HIS E 263 -16.40 -11.52 22.63
C HIS E 263 -17.18 -11.03 23.86
N ASN E 264 -18.37 -11.60 24.05
CA ASN E 264 -19.20 -11.29 25.22
C ASN E 264 -18.50 -11.74 26.50
N ILE E 265 -18.43 -10.84 27.48
CA ILE E 265 -18.09 -11.18 28.85
C ILE E 265 -19.40 -11.65 29.52
N LEU E 266 -19.34 -12.84 30.11
CA LEU E 266 -20.51 -13.47 30.74
C LEU E 266 -20.65 -13.13 32.22
N GLN E 267 -19.52 -12.99 32.91
CA GLN E 267 -19.49 -12.63 34.33
C GLN E 267 -18.68 -11.37 34.55
N THR E 268 -19.33 -10.35 35.11
CA THR E 268 -18.67 -9.09 35.46
C THR E 268 -17.79 -9.22 36.70
N ASN E 269 -18.10 -10.19 37.56
CA ASN E 269 -17.43 -10.34 38.84
C ASN E 269 -16.18 -11.22 38.73
N PHE E 270 -15.04 -10.58 38.52
CA PHE E 270 -13.73 -11.24 38.52
C PHE E 270 -12.61 -10.22 38.66
N ASN E 271 -11.48 -10.66 39.20
CA ASN E 271 -10.24 -9.87 39.24
C ASN E 271 -8.96 -10.63 38.83
N ARG E 272 -9.13 -11.84 38.31
CA ARG E 272 -8.01 -12.69 37.91
C ARG E 272 -8.32 -13.43 36.61
N PHE E 273 -7.33 -13.50 35.72
CA PHE E 273 -7.38 -14.40 34.58
C PHE E 273 -6.00 -14.59 33.94
N ASN E 274 -5.90 -15.65 33.15
CA ASN E 274 -4.68 -16.02 32.42
C ASN E 274 -4.84 -15.66 30.94
N LEU E 275 -3.74 -15.21 30.31
CA LEU E 275 -3.65 -15.07 28.86
C LEU E 275 -2.44 -15.83 28.35
N SER E 276 -2.65 -16.67 27.33
CA SER E 276 -1.56 -17.42 26.68
C SER E 276 -1.59 -17.24 25.16
N PHE E 277 -0.40 -17.28 24.55
CA PHE E 277 -0.26 -17.23 23.10
C PHE E 277 0.02 -18.62 22.53
N THR E 278 -0.90 -19.13 21.71
CA THR E 278 -0.80 -20.44 21.06
C THR E 278 -0.68 -20.28 19.55
N ILE E 279 0.08 -21.18 18.92
CA ILE E 279 0.30 -21.21 17.47
C ILE E 279 -0.44 -22.43 16.91
N TYR E 280 -1.20 -22.22 15.83
CA TYR E 280 -1.94 -23.29 15.13
C TYR E 280 -1.32 -23.49 13.78
N ASP E 281 -0.91 -24.71 13.47
CA ASP E 281 -0.37 -25.05 12.14
C ASP E 281 -1.51 -25.38 11.16
N TYR E 282 -1.16 -25.60 9.88
CA TYR E 282 -2.16 -25.90 8.84
C TYR E 282 -2.84 -27.25 8.99
N ASP E 283 -2.17 -28.20 9.63
CA ASP E 283 -2.79 -29.49 10.01
C ASP E 283 -3.63 -29.41 11.30
N ASN E 284 -3.82 -28.20 11.82
CA ASN E 284 -4.56 -27.93 13.07
C ASN E 284 -3.84 -28.39 14.37
N GLU E 285 -2.57 -28.80 14.26
CA GLU E 285 -1.77 -29.15 15.44
C GLU E 285 -1.42 -27.84 16.15
N LYS E 286 -1.81 -27.74 17.41
CA LYS E 286 -1.59 -26.51 18.18
C LYS E 286 -0.37 -26.70 19.08
N HIS E 287 0.33 -25.61 19.38
CA HIS E 287 1.53 -25.64 20.22
C HIS E 287 1.85 -24.25 20.77
N PRO E 288 2.47 -24.17 21.97
CA PRO E 288 2.69 -22.85 22.57
C PRO E 288 3.73 -21.99 21.87
N LEU E 289 3.47 -20.69 21.78
CA LEU E 289 4.50 -19.71 21.45
C LEU E 289 5.44 -19.67 22.65
N THR E 290 6.75 -19.68 22.40
CA THR E 290 7.74 -19.71 23.49
C THR E 290 8.71 -18.55 23.49
N LEU E 291 9.31 -18.32 24.66
CA LEU E 291 10.17 -17.17 24.90
C LEU E 291 11.61 -17.45 24.50
N LEU E 292 12.25 -16.45 23.90
CA LEU E 292 13.71 -16.38 23.83
C LEU E 292 14.16 -15.50 24.99
N PRO E 293 15.46 -15.52 25.31
CA PRO E 293 15.98 -14.61 26.34
C PRO E 293 15.76 -13.13 26.03
N GLN E 294 15.73 -12.79 24.75
CA GLN E 294 15.62 -11.41 24.26
C GLN E 294 14.17 -10.97 23.99
N THR E 295 13.19 -11.83 24.25
CA THR E 295 11.80 -11.56 23.90
C THR E 295 11.21 -10.50 24.81
N VAL E 296 10.46 -9.59 24.21
CA VAL E 296 9.61 -8.66 24.94
C VAL E 296 8.24 -8.78 24.30
N ILE E 297 7.21 -8.87 25.12
CA ILE E 297 5.84 -9.03 24.63
C ILE E 297 4.96 -7.95 25.24
N GLN E 298 4.16 -7.30 24.40
CA GLN E 298 3.26 -6.24 24.81
C GLN E 298 1.85 -6.58 24.36
N LEU E 299 0.88 -6.08 25.11
CA LEU E 299 -0.49 -6.56 25.02
C LEU E 299 -1.43 -5.48 25.54
N LYS E 300 -2.50 -5.20 24.80
CA LYS E 300 -3.49 -4.21 25.22
C LYS E 300 -4.91 -4.75 24.97
N LEU E 301 -5.72 -4.80 26.02
CA LEU E 301 -7.11 -5.25 25.93
C LEU E 301 -8.06 -4.11 26.24
N LEU E 302 -9.25 -4.15 25.62
CA LEU E 302 -10.30 -3.17 25.82
C LEU E 302 -11.55 -3.87 26.27
N PHE E 303 -12.03 -3.53 27.47
CA PHE E 303 -13.37 -3.91 27.90
C PHE E 303 -14.25 -2.70 27.62
N GLU E 304 -15.21 -2.89 26.72
CA GLU E 304 -16.09 -1.83 26.24
C GLU E 304 -17.53 -2.20 26.63
N SER E 305 -18.24 -1.27 27.27
CA SER E 305 -19.60 -1.54 27.76
C SER E 305 -20.68 -1.41 26.68
N ILE E 306 -21.83 -2.05 26.91
CA ILE E 306 -22.99 -1.98 26.02
C ILE E 306 -24.27 -1.98 26.85
#